data_4PPT
# 
_entry.id   4PPT 
# 
_audit_conform.dict_name       mmcif_pdbx.dic 
_audit_conform.dict_version    5.398 
_audit_conform.dict_location   http://mmcif.pdb.org/dictionaries/ascii/mmcif_pdbx.dic 
# 
loop_
_database_2.database_id 
_database_2.database_code 
_database_2.pdbx_database_accession 
_database_2.pdbx_DOI 
PDB   4PPT         pdb_00004ppt 10.2210/pdb4ppt/pdb 
RCSB  RCSB085071   ?            ?                   
WWPDB D_1000085071 ?            ?                   
# 
loop_
_pdbx_audit_revision_history.ordinal 
_pdbx_audit_revision_history.data_content_type 
_pdbx_audit_revision_history.major_revision 
_pdbx_audit_revision_history.minor_revision 
_pdbx_audit_revision_history.revision_date 
1 'Structure model' 1 0 2014-09-03 
2 'Structure model' 1 1 2014-10-01 
3 'Structure model' 1 2 2014-10-22 
4 'Structure model' 1 3 2024-11-06 
# 
_pdbx_audit_revision_details.ordinal             1 
_pdbx_audit_revision_details.revision_ordinal    1 
_pdbx_audit_revision_details.data_content_type   'Structure model' 
_pdbx_audit_revision_details.provider            repository 
_pdbx_audit_revision_details.type                'Initial release' 
_pdbx_audit_revision_details.description         ? 
_pdbx_audit_revision_details.details             ? 
# 
loop_
_pdbx_audit_revision_group.ordinal 
_pdbx_audit_revision_group.revision_ordinal 
_pdbx_audit_revision_group.data_content_type 
_pdbx_audit_revision_group.group 
1 2 'Structure model' 'Structure summary'    
2 3 'Structure model' 'Database references'  
3 4 'Structure model' 'Data collection'      
4 4 'Structure model' 'Database references'  
5 4 'Structure model' 'Derived calculations' 
6 4 'Structure model' 'Structure summary'    
# 
loop_
_pdbx_audit_revision_category.ordinal 
_pdbx_audit_revision_category.revision_ordinal 
_pdbx_audit_revision_category.data_content_type 
_pdbx_audit_revision_category.category 
1 4 'Structure model' chem_comp_atom            
2 4 'Structure model' chem_comp_bond            
3 4 'Structure model' database_2                
4 4 'Structure model' pdbx_entry_details        
5 4 'Structure model' pdbx_modification_feature 
6 4 'Structure model' pdbx_struct_conn_angle    
7 4 'Structure model' struct_conn               
8 4 'Structure model' struct_site               
# 
loop_
_pdbx_audit_revision_item.ordinal 
_pdbx_audit_revision_item.revision_ordinal 
_pdbx_audit_revision_item.data_content_type 
_pdbx_audit_revision_item.item 
1  4 'Structure model' '_database_2.pdbx_DOI'                      
2  4 'Structure model' '_database_2.pdbx_database_accession'       
3  4 'Structure model' '_pdbx_struct_conn_angle.ptnr1_auth_seq_id' 
4  4 'Structure model' '_pdbx_struct_conn_angle.ptnr3_auth_seq_id' 
5  4 'Structure model' '_pdbx_struct_conn_angle.value'             
6  4 'Structure model' '_struct_conn.pdbx_dist_value'              
7  4 'Structure model' '_struct_conn.ptnr2_auth_seq_id'            
8  4 'Structure model' '_struct_site.pdbx_auth_asym_id'            
9  4 'Structure model' '_struct_site.pdbx_auth_comp_id'            
10 4 'Structure model' '_struct_site.pdbx_auth_seq_id'             
# 
_pdbx_database_status.status_code                     REL 
_pdbx_database_status.entry_id                        4PPT 
_pdbx_database_status.recvd_initial_deposition_date   2014-02-27 
_pdbx_database_status.deposit_site                    RCSB 
_pdbx_database_status.process_site                    RCSB 
_pdbx_database_status.status_code_sf                  REL 
_pdbx_database_status.status_code_mr                  ? 
_pdbx_database_status.SG_entry                        ? 
_pdbx_database_status.status_code_cs                  ? 
_pdbx_database_status.methods_development_category    ? 
_pdbx_database_status.pdb_format_compatible           Y 
_pdbx_database_status.status_code_nmr_data            ? 
# 
loop_
_pdbx_database_related.db_name 
_pdbx_database_related.db_id 
_pdbx_database_related.details 
_pdbx_database_related.content_type 
PDB 4POU . unspecified 
PDB 4POY . unspecified 
# 
loop_
_audit_author.name 
_audit_author.pdbx_ordinal 
_audit_author.identifier_ORCID 
'Fanning, S.W.' 1 ? 
'Walter, R.'    2 ? 
'Horn, J.R.'    3 ? 
# 
_citation.id                        primary 
_citation.title                     
;Structural basis of an engineered dual-specific antibody: conformational diversity leads to a hypervariable loop metal-binding site.
;
_citation.journal_abbrev            'Protein Eng.Des.Sel.' 
_citation.journal_volume            27 
_citation.page_first                391 
_citation.page_last                 397 
_citation.year                      2014 
_citation.journal_id_ASTM           ? 
_citation.country                   UK 
_citation.journal_id_ISSN           1741-0126 
_citation.journal_id_CSD            ? 
_citation.book_publisher            ? 
_citation.pdbx_database_id_PubMed   25143596 
_citation.pdbx_database_id_DOI      10.1093/protein/gzu033 
# 
loop_
_citation_author.citation_id 
_citation_author.name 
_citation_author.ordinal 
_citation_author.identifier_ORCID 
primary 'Fanning, S.W.' 1 ? 
primary 'Walter, R.'    2 ? 
primary 'Horn, J.R.'    3 ? 
# 
loop_
_entity.id 
_entity.type 
_entity.src_method 
_entity.pdbx_description 
_entity.formula_weight 
_entity.pdbx_number_of_molecules 
_entity.pdbx_ec 
_entity.pdbx_mutation 
_entity.pdbx_fragment 
_entity.details 
1 polymer     man 'Engineered single domain VHH antibody' 12942.348 1  ? ? ? ? 
2 non-polymer syn 'NICKEL (II) ION'                       58.693    1  ? ? ? ? 
3 non-polymer syn 'SULFATE ION'                           96.063    1  ? ? ? ? 
4 water       nat water                                   18.015    91 ? ? ? ? 
# 
_entity_poly.entity_id                      1 
_entity_poly.type                           'polypeptide(L)' 
_entity_poly.nstd_linkage                   no 
_entity_poly.nstd_monomer                   no 
_entity_poly.pdbx_seq_one_letter_code       
;QVQLVESGGGLVQAGGSLRLSCAASGYPHPYLHMGWFRQAPGKEREGVAAMDSGGGGTLYADSVKGRFTISRDKGKNTVY
LQMDSLKPEDTATYYCAAGGYELRDRTYGHWGQGTQVTVSS
;
_entity_poly.pdbx_seq_one_letter_code_can   
;QVQLVESGGGLVQAGGSLRLSCAASGYPHPYLHMGWFRQAPGKEREGVAAMDSGGGGTLYADSVKGRFTISRDKGKNTVY
LQMDSLKPEDTATYYCAAGGYELRDRTYGHWGQGTQVTVSS
;
_entity_poly.pdbx_strand_id                 A 
_entity_poly.pdbx_target_identifier         ? 
# 
loop_
_pdbx_entity_nonpoly.entity_id 
_pdbx_entity_nonpoly.name 
_pdbx_entity_nonpoly.comp_id 
2 'NICKEL (II) ION' NI  
3 'SULFATE ION'     SO4 
4 water             HOH 
# 
loop_
_entity_poly_seq.entity_id 
_entity_poly_seq.num 
_entity_poly_seq.mon_id 
_entity_poly_seq.hetero 
1 1   GLN n 
1 2   VAL n 
1 3   GLN n 
1 4   LEU n 
1 5   VAL n 
1 6   GLU n 
1 7   SER n 
1 8   GLY n 
1 9   GLY n 
1 10  GLY n 
1 11  LEU n 
1 12  VAL n 
1 13  GLN n 
1 14  ALA n 
1 15  GLY n 
1 16  GLY n 
1 17  SER n 
1 18  LEU n 
1 19  ARG n 
1 20  LEU n 
1 21  SER n 
1 22  CYS n 
1 23  ALA n 
1 24  ALA n 
1 25  SER n 
1 26  GLY n 
1 27  TYR n 
1 28  PRO n 
1 29  HIS n 
1 30  PRO n 
1 31  TYR n 
1 32  LEU n 
1 33  HIS n 
1 34  MET n 
1 35  GLY n 
1 36  TRP n 
1 37  PHE n 
1 38  ARG n 
1 39  GLN n 
1 40  ALA n 
1 41  PRO n 
1 42  GLY n 
1 43  LYS n 
1 44  GLU n 
1 45  ARG n 
1 46  GLU n 
1 47  GLY n 
1 48  VAL n 
1 49  ALA n 
1 50  ALA n 
1 51  MET n 
1 52  ASP n 
1 53  SER n 
1 54  GLY n 
1 55  GLY n 
1 56  GLY n 
1 57  GLY n 
1 58  THR n 
1 59  LEU n 
1 60  TYR n 
1 61  ALA n 
1 62  ASP n 
1 63  SER n 
1 64  VAL n 
1 65  LYS n 
1 66  GLY n 
1 67  ARG n 
1 68  PHE n 
1 69  THR n 
1 70  ILE n 
1 71  SER n 
1 72  ARG n 
1 73  ASP n 
1 74  LYS n 
1 75  GLY n 
1 76  LYS n 
1 77  ASN n 
1 78  THR n 
1 79  VAL n 
1 80  TYR n 
1 81  LEU n 
1 82  GLN n 
1 83  MET n 
1 84  ASP n 
1 85  SER n 
1 86  LEU n 
1 87  LYS n 
1 88  PRO n 
1 89  GLU n 
1 90  ASP n 
1 91  THR n 
1 92  ALA n 
1 93  THR n 
1 94  TYR n 
1 95  TYR n 
1 96  CYS n 
1 97  ALA n 
1 98  ALA n 
1 99  GLY n 
1 100 GLY n 
1 101 TYR n 
1 102 GLU n 
1 103 LEU n 
1 104 ARG n 
1 105 ASP n 
1 106 ARG n 
1 107 THR n 
1 108 TYR n 
1 109 GLY n 
1 110 HIS n 
1 111 TRP n 
1 112 GLY n 
1 113 GLN n 
1 114 GLY n 
1 115 THR n 
1 116 GLN n 
1 117 VAL n 
1 118 THR n 
1 119 VAL n 
1 120 SER n 
1 121 SER n 
# 
_entity_src_gen.entity_id                          1 
_entity_src_gen.pdbx_src_id                        1 
_entity_src_gen.pdbx_alt_source_flag               sample 
_entity_src_gen.pdbx_seq_type                      ? 
_entity_src_gen.pdbx_beg_seq_num                   ? 
_entity_src_gen.pdbx_end_seq_num                   ? 
_entity_src_gen.gene_src_common_name               ? 
_entity_src_gen.gene_src_genus                     ? 
_entity_src_gen.pdbx_gene_src_gene                 ? 
_entity_src_gen.gene_src_species                   ? 
_entity_src_gen.gene_src_strain                    ? 
_entity_src_gen.gene_src_tissue                    ? 
_entity_src_gen.gene_src_tissue_fraction           ? 
_entity_src_gen.gene_src_details                   ? 
_entity_src_gen.pdbx_gene_src_fragment             ? 
_entity_src_gen.pdbx_gene_src_scientific_name      'Lama glama' 
_entity_src_gen.pdbx_gene_src_ncbi_taxonomy_id     9844 
_entity_src_gen.pdbx_gene_src_variant              ? 
_entity_src_gen.pdbx_gene_src_cell_line            ? 
_entity_src_gen.pdbx_gene_src_atcc                 ? 
_entity_src_gen.pdbx_gene_src_organ                ? 
_entity_src_gen.pdbx_gene_src_organelle            ? 
_entity_src_gen.pdbx_gene_src_cell                 ? 
_entity_src_gen.pdbx_gene_src_cellular_location    ? 
_entity_src_gen.host_org_common_name               ? 
_entity_src_gen.pdbx_host_org_scientific_name      'Escherichia coli' 
_entity_src_gen.pdbx_host_org_ncbi_taxonomy_id     562 
_entity_src_gen.host_org_genus                     ? 
_entity_src_gen.pdbx_host_org_gene                 ? 
_entity_src_gen.pdbx_host_org_organ                ? 
_entity_src_gen.host_org_species                   ? 
_entity_src_gen.pdbx_host_org_tissue               ? 
_entity_src_gen.pdbx_host_org_tissue_fraction      ? 
_entity_src_gen.pdbx_host_org_strain               ? 
_entity_src_gen.pdbx_host_org_variant              ? 
_entity_src_gen.pdbx_host_org_cell_line            ? 
_entity_src_gen.pdbx_host_org_atcc                 ? 
_entity_src_gen.pdbx_host_org_culture_collection   ? 
_entity_src_gen.pdbx_host_org_cell                 ? 
_entity_src_gen.pdbx_host_org_organelle            ? 
_entity_src_gen.pdbx_host_org_cellular_location    ? 
_entity_src_gen.pdbx_host_org_vector_type          ? 
_entity_src_gen.pdbx_host_org_vector               ? 
_entity_src_gen.host_org_details                   ? 
_entity_src_gen.expression_system_id               ? 
_entity_src_gen.plasmid_name                       ? 
_entity_src_gen.plasmid_details                    ? 
_entity_src_gen.pdbx_description                   ? 
# 
loop_
_chem_comp.id 
_chem_comp.type 
_chem_comp.mon_nstd_flag 
_chem_comp.name 
_chem_comp.pdbx_synonyms 
_chem_comp.formula 
_chem_comp.formula_weight 
ALA 'L-peptide linking' y ALANINE           ? 'C3 H7 N O2'     89.093  
ARG 'L-peptide linking' y ARGININE          ? 'C6 H15 N4 O2 1' 175.209 
ASN 'L-peptide linking' y ASPARAGINE        ? 'C4 H8 N2 O3'    132.118 
ASP 'L-peptide linking' y 'ASPARTIC ACID'   ? 'C4 H7 N O4'     133.103 
CYS 'L-peptide linking' y CYSTEINE          ? 'C3 H7 N O2 S'   121.158 
GLN 'L-peptide linking' y GLUTAMINE         ? 'C5 H10 N2 O3'   146.144 
GLU 'L-peptide linking' y 'GLUTAMIC ACID'   ? 'C5 H9 N O4'     147.129 
GLY 'peptide linking'   y GLYCINE           ? 'C2 H5 N O2'     75.067  
HIS 'L-peptide linking' y HISTIDINE         ? 'C6 H10 N3 O2 1' 156.162 
HOH non-polymer         . WATER             ? 'H2 O'           18.015  
ILE 'L-peptide linking' y ISOLEUCINE        ? 'C6 H13 N O2'    131.173 
LEU 'L-peptide linking' y LEUCINE           ? 'C6 H13 N O2'    131.173 
LYS 'L-peptide linking' y LYSINE            ? 'C6 H15 N2 O2 1' 147.195 
MET 'L-peptide linking' y METHIONINE        ? 'C5 H11 N O2 S'  149.211 
NI  non-polymer         . 'NICKEL (II) ION' ? 'Ni 2'           58.693  
PHE 'L-peptide linking' y PHENYLALANINE     ? 'C9 H11 N O2'    165.189 
PRO 'L-peptide linking' y PROLINE           ? 'C5 H9 N O2'     115.130 
SER 'L-peptide linking' y SERINE            ? 'C3 H7 N O3'     105.093 
SO4 non-polymer         . 'SULFATE ION'     ? 'O4 S -2'        96.063  
THR 'L-peptide linking' y THREONINE         ? 'C4 H9 N O3'     119.119 
TRP 'L-peptide linking' y TRYPTOPHAN        ? 'C11 H12 N2 O2'  204.225 
TYR 'L-peptide linking' y TYROSINE          ? 'C9 H11 N O3'    181.189 
VAL 'L-peptide linking' y VALINE            ? 'C5 H11 N O2'    117.146 
# 
loop_
_pdbx_poly_seq_scheme.asym_id 
_pdbx_poly_seq_scheme.entity_id 
_pdbx_poly_seq_scheme.seq_id 
_pdbx_poly_seq_scheme.mon_id 
_pdbx_poly_seq_scheme.ndb_seq_num 
_pdbx_poly_seq_scheme.pdb_seq_num 
_pdbx_poly_seq_scheme.auth_seq_num 
_pdbx_poly_seq_scheme.pdb_mon_id 
_pdbx_poly_seq_scheme.auth_mon_id 
_pdbx_poly_seq_scheme.pdb_strand_id 
_pdbx_poly_seq_scheme.pdb_ins_code 
_pdbx_poly_seq_scheme.hetero 
A 1 1   GLN 1   1   1   GLN GLN A . n 
A 1 2   VAL 2   2   2   VAL VAL A . n 
A 1 3   GLN 3   3   3   GLN GLN A . n 
A 1 4   LEU 4   4   4   LEU LEU A . n 
A 1 5   VAL 5   5   5   VAL VAL A . n 
A 1 6   GLU 6   6   6   GLU GLU A . n 
A 1 7   SER 7   7   7   SER SER A . n 
A 1 8   GLY 8   8   8   GLY GLY A . n 
A 1 9   GLY 9   9   9   GLY GLY A . n 
A 1 10  GLY 10  10  10  GLY GLY A . n 
A 1 11  LEU 11  11  11  LEU LEU A . n 
A 1 12  VAL 12  12  12  VAL VAL A . n 
A 1 13  GLN 13  13  13  GLN GLN A . n 
A 1 14  ALA 14  14  14  ALA ALA A . n 
A 1 15  GLY 15  15  15  GLY GLY A . n 
A 1 16  GLY 16  16  16  GLY GLY A . n 
A 1 17  SER 17  17  17  SER SER A . n 
A 1 18  LEU 18  18  18  LEU LEU A . n 
A 1 19  ARG 19  19  19  ARG ARG A . n 
A 1 20  LEU 20  20  20  LEU LEU A . n 
A 1 21  SER 21  21  21  SER SER A . n 
A 1 22  CYS 22  22  22  CYS CYS A . n 
A 1 23  ALA 23  23  23  ALA ALA A . n 
A 1 24  ALA 24  24  24  ALA ALA A . n 
A 1 25  SER 25  25  25  SER SER A . n 
A 1 26  GLY 26  26  26  GLY GLY A . n 
A 1 27  TYR 27  27  27  TYR TYR A . n 
A 1 28  PRO 28  28  28  PRO PRO A . n 
A 1 29  HIS 29  29  29  HIS HIS A . n 
A 1 30  PRO 30  30  30  PRO PRO A . n 
A 1 31  TYR 31  31  31  TYR TYR A . n 
A 1 32  LEU 32  32  32  LEU LEU A . n 
A 1 33  HIS 33  33  33  HIS HIS A . n 
A 1 34  MET 34  34  34  MET MET A . n 
A 1 35  GLY 35  35  35  GLY GLY A . n 
A 1 36  TRP 36  36  36  TRP TRP A . n 
A 1 37  PHE 37  37  37  PHE PHE A . n 
A 1 38  ARG 38  38  38  ARG ARG A . n 
A 1 39  GLN 39  39  39  GLN GLN A . n 
A 1 40  ALA 40  40  40  ALA ALA A . n 
A 1 41  PRO 41  41  41  PRO PRO A . n 
A 1 42  GLY 42  42  42  GLY GLY A . n 
A 1 43  LYS 43  43  43  LYS LYS A . n 
A 1 44  GLU 44  44  44  GLU GLU A . n 
A 1 45  ARG 45  45  45  ARG ARG A . n 
A 1 46  GLU 46  46  46  GLU GLU A . n 
A 1 47  GLY 47  47  47  GLY GLY A . n 
A 1 48  VAL 48  48  48  VAL VAL A . n 
A 1 49  ALA 49  49  49  ALA ALA A . n 
A 1 50  ALA 50  50  50  ALA ALA A . n 
A 1 51  MET 51  51  51  MET MET A . n 
A 1 52  ASP 52  52  52  ASP ASP A . n 
A 1 53  SER 53  53  53  SER GLY A . n 
A 1 54  GLY 54  54  54  GLY GLY A . n 
A 1 55  GLY 55  55  55  GLY GLY A . n 
A 1 56  GLY 56  56  56  GLY GLY A . n 
A 1 57  GLY 57  57  57  GLY GLY A . n 
A 1 58  THR 58  58  58  THR THR A . n 
A 1 59  LEU 59  59  59  LEU LEU A . n 
A 1 60  TYR 60  60  60  TYR TYR A . n 
A 1 61  ALA 61  61  61  ALA ALA A . n 
A 1 62  ASP 62  62  62  ASP ASP A . n 
A 1 63  SER 63  63  63  SER SER A . n 
A 1 64  VAL 64  64  64  VAL VAL A . n 
A 1 65  LYS 65  65  65  LYS LYS A . n 
A 1 66  GLY 66  66  66  GLY GLY A . n 
A 1 67  ARG 67  67  67  ARG ARG A . n 
A 1 68  PHE 68  68  68  PHE PHE A . n 
A 1 69  THR 69  69  69  THR THR A . n 
A 1 70  ILE 70  70  70  ILE ILE A . n 
A 1 71  SER 71  71  71  SER SER A . n 
A 1 72  ARG 72  72  72  ARG ARG A . n 
A 1 73  ASP 73  73  73  ASP ASP A . n 
A 1 74  LYS 74  74  74  LYS LYS A . n 
A 1 75  GLY 75  75  75  GLY GLY A . n 
A 1 76  LYS 76  76  76  LYS LYS A . n 
A 1 77  ASN 77  77  77  ASN ASN A . n 
A 1 78  THR 78  78  78  THR THR A . n 
A 1 79  VAL 79  79  79  VAL VAL A . n 
A 1 80  TYR 80  80  80  TYR TYR A . n 
A 1 81  LEU 81  81  81  LEU LEU A . n 
A 1 82  GLN 82  82  82  GLN GLN A . n 
A 1 83  MET 83  83  83  MET MET A . n 
A 1 84  ASP 84  84  84  ASP ASP A . n 
A 1 85  SER 85  85  85  SER SER A . n 
A 1 86  LEU 86  86  86  LEU LEU A . n 
A 1 87  LYS 87  87  87  LYS LYS A . n 
A 1 88  PRO 88  88  88  PRO PRO A . n 
A 1 89  GLU 89  89  89  GLU GLU A . n 
A 1 90  ASP 90  90  90  ASP ASP A . n 
A 1 91  THR 91  91  91  THR THR A . n 
A 1 92  ALA 92  92  92  ALA ALA A . n 
A 1 93  THR 93  93  93  THR THR A . n 
A 1 94  TYR 94  94  94  TYR TYR A . n 
A 1 95  TYR 95  95  95  TYR TYR A . n 
A 1 96  CYS 96  96  96  CYS CYS A . n 
A 1 97  ALA 97  97  97  ALA ALA A . n 
A 1 98  ALA 98  98  98  ALA ALA A . n 
A 1 99  GLY 99  99  99  GLY GLY A . n 
A 1 100 GLY 100 100 100 GLY GLY A . n 
A 1 101 TYR 101 101 101 TYR TYR A . n 
A 1 102 GLU 102 102 102 GLU GLU A . n 
A 1 103 LEU 103 103 103 LEU LEU A . n 
A 1 104 ARG 104 104 104 ARG ARG A . n 
A 1 105 ASP 105 105 105 ASP ASP A . n 
A 1 106 ARG 106 106 106 ARG ARG A . n 
A 1 107 THR 107 107 107 THR THR A . n 
A 1 108 TYR 108 108 108 TYR TYR A . n 
A 1 109 GLY 109 109 109 GLY GLY A . n 
A 1 110 HIS 110 110 110 HIS HIS A . n 
A 1 111 TRP 111 111 111 TRP TRP A . n 
A 1 112 GLY 112 112 112 GLY GLY A . n 
A 1 113 GLN 113 113 113 GLN GLN A . n 
A 1 114 GLY 114 114 114 GLY GLY A . n 
A 1 115 THR 115 115 115 THR THR A . n 
A 1 116 GLN 116 116 116 GLN GLN A . n 
A 1 117 VAL 117 117 117 VAL VAL A . n 
A 1 118 THR 118 118 118 THR THR A . n 
A 1 119 VAL 119 119 119 VAL VAL A . n 
A 1 120 SER 120 120 120 SER SER A . n 
A 1 121 SER 121 121 121 SER SER A . n 
# 
loop_
_pdbx_nonpoly_scheme.asym_id 
_pdbx_nonpoly_scheme.entity_id 
_pdbx_nonpoly_scheme.mon_id 
_pdbx_nonpoly_scheme.ndb_seq_num 
_pdbx_nonpoly_scheme.pdb_seq_num 
_pdbx_nonpoly_scheme.auth_seq_num 
_pdbx_nonpoly_scheme.pdb_mon_id 
_pdbx_nonpoly_scheme.auth_mon_id 
_pdbx_nonpoly_scheme.pdb_strand_id 
_pdbx_nonpoly_scheme.pdb_ins_code 
B 2 NI  1  201 1000 NI  NI  A . 
C 3 SO4 1  202 300  SO4 SO4 A . 
D 4 HOH 1  301 200  HOH HOH A . 
D 4 HOH 2  302 201  HOH HOH A . 
D 4 HOH 3  303 202  HOH HOH A . 
D 4 HOH 4  304 203  HOH HOH A . 
D 4 HOH 5  305 204  HOH HOH A . 
D 4 HOH 6  306 205  HOH HOH A . 
D 4 HOH 7  307 206  HOH HOH A . 
D 4 HOH 8  308 207  HOH HOH A . 
D 4 HOH 9  309 208  HOH HOH A . 
D 4 HOH 10 310 209  HOH HOH A . 
D 4 HOH 11 311 210  HOH HOH A . 
D 4 HOH 12 312 211  HOH HOH A . 
D 4 HOH 13 313 212  HOH HOH A . 
D 4 HOH 14 314 214  HOH HOH A . 
D 4 HOH 15 315 216  HOH HOH A . 
D 4 HOH 16 316 217  HOH HOH A . 
D 4 HOH 17 317 218  HOH HOH A . 
D 4 HOH 18 318 219  HOH HOH A . 
D 4 HOH 19 319 220  HOH HOH A . 
D 4 HOH 20 320 222  HOH HOH A . 
D 4 HOH 21 321 223  HOH HOH A . 
D 4 HOH 22 322 224  HOH HOH A . 
D 4 HOH 23 323 226  HOH HOH A . 
D 4 HOH 24 324 228  HOH HOH A . 
D 4 HOH 25 325 229  HOH HOH A . 
D 4 HOH 26 326 230  HOH HOH A . 
D 4 HOH 27 327 231  HOH HOH A . 
D 4 HOH 28 328 232  HOH HOH A . 
D 4 HOH 29 329 233  HOH HOH A . 
D 4 HOH 30 330 236  HOH HOH A . 
D 4 HOH 31 331 237  HOH HOH A . 
D 4 HOH 32 332 238  HOH HOH A . 
D 4 HOH 33 333 239  HOH HOH A . 
D 4 HOH 34 334 240  HOH HOH A . 
D 4 HOH 35 335 241  HOH HOH A . 
D 4 HOH 36 336 242  HOH HOH A . 
D 4 HOH 37 337 244  HOH HOH A . 
D 4 HOH 38 338 245  HOH HOH A . 
D 4 HOH 39 339 246  HOH HOH A . 
D 4 HOH 40 340 248  HOH HOH A . 
D 4 HOH 41 341 250  HOH HOH A . 
D 4 HOH 42 342 251  HOH HOH A . 
D 4 HOH 43 343 252  HOH HOH A . 
D 4 HOH 44 344 257  HOH HOH A . 
D 4 HOH 45 345 259  HOH HOH A . 
D 4 HOH 46 346 260  HOH HOH A . 
D 4 HOH 47 347 262  HOH HOH A . 
D 4 HOH 48 348 265  HOH HOH A . 
D 4 HOH 49 349 266  HOH HOH A . 
D 4 HOH 50 350 267  HOH HOH A . 
D 4 HOH 51 351 268  HOH HOH A . 
D 4 HOH 52 352 269  HOH HOH A . 
D 4 HOH 53 353 270  HOH HOH A . 
D 4 HOH 54 354 271  HOH HOH A . 
D 4 HOH 55 355 272  HOH HOH A . 
D 4 HOH 56 356 274  HOH HOH A . 
D 4 HOH 57 357 276  HOH HOH A . 
D 4 HOH 58 358 277  HOH HOH A . 
D 4 HOH 59 359 279  HOH HOH A . 
D 4 HOH 60 360 280  HOH HOH A . 
D 4 HOH 61 361 281  HOH HOH A . 
D 4 HOH 62 362 283  HOH HOH A . 
D 4 HOH 63 363 284  HOH HOH A . 
D 4 HOH 64 364 285  HOH HOH A . 
D 4 HOH 65 365 286  HOH HOH A . 
D 4 HOH 66 366 287  HOH HOH A . 
D 4 HOH 67 367 288  HOH HOH A . 
D 4 HOH 68 368 289  HOH HOH A . 
D 4 HOH 69 369 290  HOH HOH A . 
D 4 HOH 70 370 291  HOH HOH A . 
D 4 HOH 71 371 292  HOH HOH A . 
D 4 HOH 72 372 293  HOH HOH A . 
D 4 HOH 73 373 295  HOH HOH A . 
D 4 HOH 74 374 296  HOH HOH A . 
D 4 HOH 75 375 297  HOH HOH A . 
D 4 HOH 76 376 298  HOH HOH A . 
D 4 HOH 77 377 299  HOH HOH A . 
D 4 HOH 78 378 300  HOH HOH A . 
D 4 HOH 79 379 303  HOH HOH A . 
D 4 HOH 80 380 304  HOH HOH A . 
D 4 HOH 81 381 305  HOH HOH A . 
D 4 HOH 82 382 307  HOH HOH A . 
D 4 HOH 83 383 309  HOH HOH A . 
D 4 HOH 84 384 310  HOH HOH A . 
D 4 HOH 85 385 312  HOH HOH A . 
D 4 HOH 86 386 314  HOH HOH A . 
D 4 HOH 87 387 316  HOH HOH A . 
D 4 HOH 88 388 317  HOH HOH A . 
D 4 HOH 89 389 318  HOH HOH A . 
D 4 HOH 90 390 320  HOH HOH A . 
D 4 HOH 91 391 321  HOH HOH A . 
# 
loop_
_software.name 
_software.classification 
_software.version 
_software.citation_id 
_software.pdbx_ordinal 
HKL-2000 'data collection' .        ? 1 
PHASER   phasing           .        ? 2 
REFMAC   refinement        5.6.0117 ? 3 
HKL-2000 'data reduction'  .        ? 4 
HKL-2000 'data scaling'    .        ? 5 
# 
_cell.entry_id           4PPT 
_cell.length_a           53.824 
_cell.length_b           61.926 
_cell.length_c           66.319 
_cell.angle_alpha        90.00 
_cell.angle_beta         90.00 
_cell.angle_gamma        90.00 
_cell.Z_PDB              8 
_cell.pdbx_unique_axis   ? 
_cell.length_a_esd       ? 
_cell.length_b_esd       ? 
_cell.length_c_esd       ? 
_cell.angle_alpha_esd    ? 
_cell.angle_beta_esd     ? 
_cell.angle_gamma_esd    ? 
# 
_symmetry.entry_id                         4PPT 
_symmetry.space_group_name_H-M             'C 2 2 21' 
_symmetry.pdbx_full_space_group_name_H-M   ? 
_symmetry.cell_setting                     ? 
_symmetry.Int_Tables_number                20 
_symmetry.space_group_name_Hall            ? 
# 
_exptl.entry_id          4PPT 
_exptl.method            'X-RAY DIFFRACTION' 
_exptl.crystals_number   1 
# 
_exptl_crystal.id                    1 
_exptl_crystal.density_meas          ? 
_exptl_crystal.density_Matthews      2.10 
_exptl_crystal.density_percent_sol   41.36 
_exptl_crystal.description           ? 
_exptl_crystal.F_000                 ? 
_exptl_crystal.preparation           ? 
# 
_exptl_crystal_grow.crystal_id      1 
_exptl_crystal_grow.method          'VAPOR DIFFUSION, HANGING DROP' 
_exptl_crystal_grow.temp            298.15 
_exptl_crystal_grow.temp_details    ? 
_exptl_crystal_grow.pH              7.0 
_exptl_crystal_grow.pdbx_pH_range   ? 
_exptl_crystal_grow.pdbx_details    
'1.8 M Ammonium Citrate Tribasic, 0.2 M Ammonium Acetate, pH 7.0, VAPOR DIFFUSION, HANGING DROP, temperature 298.15K' 
# 
_diffrn.id                     1 
_diffrn.ambient_temp           ? 
_diffrn.ambient_temp_details   ? 
_diffrn.crystal_id             1 
# 
_diffrn_detector.diffrn_id              1 
_diffrn_detector.detector               CCD 
_diffrn_detector.type                   'MAR CCD 165 mm' 
_diffrn_detector.pdbx_collection_date   2010-07-13 
_diffrn_detector.details                ? 
# 
_diffrn_radiation.diffrn_id                        1 
_diffrn_radiation.wavelength_id                    1 
_diffrn_radiation.pdbx_monochromatic_or_laue_m_l   M 
_diffrn_radiation.monochromator                    ? 
_diffrn_radiation.pdbx_diffrn_protocol             'SINGLE WAVELENGTH' 
_diffrn_radiation.pdbx_scattering_type             x-ray 
# 
_diffrn_radiation_wavelength.id           1 
_diffrn_radiation_wavelength.wavelength   0.97 
_diffrn_radiation_wavelength.wt           1.0 
# 
_diffrn_source.diffrn_id                   1 
_diffrn_source.source                      SYNCHROTRON 
_diffrn_source.type                        'APS BEAMLINE 22-BM' 
_diffrn_source.pdbx_synchrotron_site       APS 
_diffrn_source.pdbx_synchrotron_beamline   22-BM 
_diffrn_source.pdbx_wavelength             0.97 
_diffrn_source.pdbx_wavelength_list        ? 
# 
_reflns.pdbx_diffrn_id               1 
_reflns.pdbx_ordinal                 1 
_reflns.entry_id                     4PPT 
_reflns.observed_criterion_sigma_I   2.000 
_reflns.observed_criterion_sigma_F   ? 
_reflns.d_resolution_low             50.000 
_reflns.d_resolution_high            1.500 
_reflns.number_obs                   110728 
_reflns.number_all                   ? 
_reflns.percent_possible_obs         99.8 
_reflns.pdbx_Rmerge_I_obs            ? 
_reflns.pdbx_Rsym_value              ? 
_reflns.pdbx_netI_over_sigmaI        ? 
_reflns.B_iso_Wilson_estimate        ? 
_reflns.pdbx_redundancy              11.800 
_reflns.R_free_details               ? 
_reflns.limit_h_max                  ? 
_reflns.limit_h_min                  ? 
_reflns.limit_k_max                  ? 
_reflns.limit_k_min                  ? 
_reflns.limit_l_max                  ? 
_reflns.limit_l_min                  ? 
_reflns.observed_criterion_F_max     ? 
_reflns.observed_criterion_F_min     ? 
_reflns.pdbx_chi_squared             ? 
_reflns.pdbx_scaling_rejects         ? 
# 
_refine.pdbx_refine_id                           'X-RAY DIFFRACTION' 
_refine.entry_id                                 4PPT 
_refine.pdbx_diffrn_id                           1 
_refine.pdbx_TLS_residual_ADP_flag               ? 
_refine.ls_number_reflns_obs                     16571 
_refine.ls_number_reflns_all                     16571 
_refine.pdbx_ls_sigma_I                          ? 
_refine.pdbx_ls_sigma_F                          2.000 
_refine.pdbx_data_cutoff_high_absF               ? 
_refine.pdbx_data_cutoff_low_absF                ? 
_refine.pdbx_data_cutoff_high_rms_absF           ? 
_refine.ls_d_res_low                             34.64 
_refine.ls_d_res_high                            1.50 
_refine.ls_percent_reflns_obs                    96.5 
_refine.ls_R_factor_obs                          0.194 
_refine.ls_R_factor_all                          ? 
_refine.ls_R_factor_R_work                       0.192 
_refine.ls_R_factor_R_free                       0.224 
_refine.ls_R_factor_R_free_error                 ? 
_refine.ls_R_factor_R_free_error_details         ? 
_refine.ls_percent_reflns_R_free                 5.200 
_refine.ls_number_reflns_R_free                  903 
_refine.ls_number_parameters                     ? 
_refine.ls_number_restraints                     ? 
_refine.occupancy_min                            ? 
_refine.occupancy_max                            ? 
_refine.correlation_coeff_Fo_to_Fc               0.962 
_refine.correlation_coeff_Fo_to_Fc_free          0.943 
_refine.B_iso_mean                               22.84 
_refine.aniso_B[1][1]                            -0.14000 
_refine.aniso_B[2][2]                            0.10000 
_refine.aniso_B[3][3]                            0.04000 
_refine.aniso_B[1][2]                            -0.00000 
_refine.aniso_B[1][3]                            -0.00000 
_refine.aniso_B[2][3]                            0.00000 
_refine.solvent_model_details                    MASK 
_refine.solvent_model_param_ksol                 ? 
_refine.solvent_model_param_bsol                 ? 
_refine.pdbx_solvent_vdw_probe_radii             1.20 
_refine.pdbx_solvent_ion_probe_radii             0.80 
_refine.pdbx_solvent_shrinkage_radii             0.80 
_refine.pdbx_ls_cross_valid_method               THROUGHOUT 
_refine.details                                  'HYDROGENS HAVE BEEN USED IF PRESENT IN THE INPUT' 
_refine.pdbx_starting_model                      ? 
_refine.pdbx_method_to_determine_struct          'MOLECULAR REPLACEMENT' 
_refine.pdbx_isotropic_thermal_model             ? 
_refine.pdbx_stereochemistry_target_values       'MAXIMUM LIKELIHOOD' 
_refine.pdbx_stereochem_target_val_spec_case     ? 
_refine.pdbx_R_Free_selection_details            RANDOM 
_refine.pdbx_overall_ESU_R                       0.085 
_refine.pdbx_overall_ESU_R_Free                  0.086 
_refine.overall_SU_ML                            0.051 
_refine.pdbx_overall_phase_error                 ? 
_refine.overall_SU_B                             1.351 
_refine.overall_SU_R_Cruickshank_DPI             ? 
_refine.pdbx_overall_SU_R_free_Cruickshank_DPI   ? 
_refine.pdbx_overall_SU_R_Blow_DPI               ? 
_refine.pdbx_overall_SU_R_free_Blow_DPI          ? 
_refine.ls_redundancy_reflns_obs                 ? 
_refine.B_iso_min                                ? 
_refine.B_iso_max                                ? 
_refine.overall_SU_R_free                        ? 
_refine.ls_wR_factor_R_free                      ? 
_refine.ls_wR_factor_R_work                      ? 
_refine.overall_FOM_free_R_set                   ? 
_refine.overall_FOM_work_R_set                   ? 
# 
_refine_hist.pdbx_refine_id                   'X-RAY DIFFRACTION' 
_refine_hist.cycle_id                         LAST 
_refine_hist.pdbx_number_atoms_protein        908 
_refine_hist.pdbx_number_atoms_nucleic_acid   0 
_refine_hist.pdbx_number_atoms_ligand         6 
_refine_hist.number_atoms_solvent             91 
_refine_hist.number_atoms_total               1005 
_refine_hist.d_res_high                       1.50 
_refine_hist.d_res_low                        34.64 
# 
loop_
_refine_ls_restr.type 
_refine_ls_restr.dev_ideal 
_refine_ls_restr.dev_ideal_target 
_refine_ls_restr.weight 
_refine_ls_restr.number 
_refine_ls_restr.pdbx_refine_id 
_refine_ls_restr.pdbx_restraint_function 
r_bond_refined_d             0.015  0.019  ? 950  'X-RAY DIFFRACTION' ? 
r_bond_other_d               ?      ?      ? ?    'X-RAY DIFFRACTION' ? 
r_angle_refined_deg          1.570  1.950  ? 1288 'X-RAY DIFFRACTION' ? 
r_angle_other_deg            ?      ?      ? ?    'X-RAY DIFFRACTION' ? 
r_dihedral_angle_1_deg       8.754  5.000  ? 124  'X-RAY DIFFRACTION' ? 
r_dihedral_angle_2_deg       33.311 22.927 ? 41   'X-RAY DIFFRACTION' ? 
r_dihedral_angle_3_deg       13.438 15.000 ? 146  'X-RAY DIFFRACTION' ? 
r_dihedral_angle_4_deg       26.596 15.000 ? 7    'X-RAY DIFFRACTION' ? 
r_chiral_restr               0.126  0.200  ? 132  'X-RAY DIFFRACTION' ? 
r_gen_planes_refined         0.016  0.021  ? 739  'X-RAY DIFFRACTION' ? 
r_gen_planes_other           ?      ?      ? ?    'X-RAY DIFFRACTION' ? 
r_nbd_refined                ?      ?      ? ?    'X-RAY DIFFRACTION' ? 
r_nbd_other                  ?      ?      ? ?    'X-RAY DIFFRACTION' ? 
r_nbtor_refined              ?      ?      ? ?    'X-RAY DIFFRACTION' ? 
r_nbtor_other                ?      ?      ? ?    'X-RAY DIFFRACTION' ? 
r_xyhbond_nbd_refined        ?      ?      ? ?    'X-RAY DIFFRACTION' ? 
r_xyhbond_nbd_other          ?      ?      ? ?    'X-RAY DIFFRACTION' ? 
r_metal_ion_refined          ?      ?      ? ?    'X-RAY DIFFRACTION' ? 
r_metal_ion_other            ?      ?      ? ?    'X-RAY DIFFRACTION' ? 
r_symmetry_vdw_refined       ?      ?      ? ?    'X-RAY DIFFRACTION' ? 
r_symmetry_vdw_other         ?      ?      ? ?    'X-RAY DIFFRACTION' ? 
r_symmetry_hbond_refined     ?      ?      ? ?    'X-RAY DIFFRACTION' ? 
r_symmetry_hbond_other       ?      ?      ? ?    'X-RAY DIFFRACTION' ? 
r_symmetry_metal_ion_refined ?      ?      ? ?    'X-RAY DIFFRACTION' ? 
r_symmetry_metal_ion_other   ?      ?      ? ?    'X-RAY DIFFRACTION' ? 
r_mcbond_it                  ?      ?      ? ?    'X-RAY DIFFRACTION' ? 
r_mcbond_other               ?      ?      ? ?    'X-RAY DIFFRACTION' ? 
r_mcangle_it                 ?      ?      ? ?    'X-RAY DIFFRACTION' ? 
r_mcangle_other              ?      ?      ? ?    'X-RAY DIFFRACTION' ? 
r_scbond_it                  ?      ?      ? ?    'X-RAY DIFFRACTION' ? 
r_scbond_other               ?      ?      ? ?    'X-RAY DIFFRACTION' ? 
r_scangle_it                 ?      ?      ? ?    'X-RAY DIFFRACTION' ? 
r_scangle_other              ?      ?      ? ?    'X-RAY DIFFRACTION' ? 
r_long_range_B_refined       ?      ?      ? ?    'X-RAY DIFFRACTION' ? 
r_long_range_B_other         ?      ?      ? ?    'X-RAY DIFFRACTION' ? 
r_rigid_bond_restr           ?      ?      ? ?    'X-RAY DIFFRACTION' ? 
r_sphericity_free            ?      ?      ? ?    'X-RAY DIFFRACTION' ? 
r_sphericity_bonded          ?      ?      ? ?    'X-RAY DIFFRACTION' ? 
# 
_refine_ls_shell.pdbx_refine_id                   'X-RAY DIFFRACTION' 
_refine_ls_shell.pdbx_total_number_of_bins_used   20 
_refine_ls_shell.d_res_high                       1.50 
_refine_ls_shell.d_res_low                        1.54 
_refine_ls_shell.number_reflns_R_work             1100 
_refine_ls_shell.R_factor_R_work                  0.2810 
_refine_ls_shell.percent_reflns_obs               94.45 
_refine_ls_shell.R_factor_R_free                  0.3250 
_refine_ls_shell.R_factor_R_free_error            ? 
_refine_ls_shell.percent_reflns_R_free            ? 
_refine_ls_shell.number_reflns_R_free             74 
_refine_ls_shell.number_reflns_all                ? 
_refine_ls_shell.R_factor_all                     ? 
_refine_ls_shell.redundancy_reflns_obs            ? 
_refine_ls_shell.number_reflns_obs                ? 
# 
_struct.entry_id                  4PPT 
_struct.title                     'Engineered Dual Specific VHH Antibody in Complex with a Nickel (II) Ion' 
_struct.pdbx_model_details        ? 
_struct.pdbx_CASP_flag            ? 
_struct.pdbx_model_type_details   ? 
# 
_struct_keywords.entry_id        4PPT 
_struct_keywords.pdbx_keywords   'IMMUNE SYSTEM' 
_struct_keywords.text            
;Single domain antibody, VHH, Metalloregulation, Bispecific, Dual-Function, Protein Engineering, Affinity Control, Protein-Switch, Antibody Engineering, Nickel Binding Protein, Protein-Metal Coordination Geometry, Loop Dynamics, Protein Flexibility, Antibody-metal Complex, IMMUNE SYSTEM
;
# 
loop_
_struct_asym.id 
_struct_asym.pdbx_blank_PDB_chainid_flag 
_struct_asym.pdbx_modified 
_struct_asym.entity_id 
_struct_asym.details 
A N N 1 ? 
B N N 2 ? 
C N N 3 ? 
D N N 4 ? 
# 
_struct_ref.id                         1 
_struct_ref.db_name                    PDB 
_struct_ref.db_code                    4PPT 
_struct_ref.pdbx_db_accession          4PPT 
_struct_ref.entity_id                  1 
_struct_ref.pdbx_align_begin           ? 
_struct_ref.pdbx_seq_one_letter_code   ? 
_struct_ref.pdbx_db_isoform            ? 
# 
_struct_ref_seq.align_id                      1 
_struct_ref_seq.ref_id                        1 
_struct_ref_seq.pdbx_PDB_id_code              4PPT 
_struct_ref_seq.pdbx_strand_id                A 
_struct_ref_seq.seq_align_beg                 1 
_struct_ref_seq.pdbx_seq_align_beg_ins_code   ? 
_struct_ref_seq.seq_align_end                 121 
_struct_ref_seq.pdbx_seq_align_end_ins_code   ? 
_struct_ref_seq.pdbx_db_accession             4PPT 
_struct_ref_seq.db_align_beg                  1 
_struct_ref_seq.pdbx_db_align_beg_ins_code    ? 
_struct_ref_seq.db_align_end                  121 
_struct_ref_seq.pdbx_db_align_end_ins_code    ? 
_struct_ref_seq.pdbx_auth_seq_align_beg       1 
_struct_ref_seq.pdbx_auth_seq_align_end       121 
# 
_pdbx_struct_assembly.id                   1 
_pdbx_struct_assembly.details              author_and_software_defined_assembly 
_pdbx_struct_assembly.method_details       PISA 
_pdbx_struct_assembly.oligomeric_details   monomeric 
_pdbx_struct_assembly.oligomeric_count     1 
# 
_pdbx_struct_assembly_gen.assembly_id       1 
_pdbx_struct_assembly_gen.oper_expression   1 
_pdbx_struct_assembly_gen.asym_id_list      A,B,C,D 
# 
_pdbx_struct_oper_list.id                   1 
_pdbx_struct_oper_list.type                 'identity operation' 
_pdbx_struct_oper_list.name                 1_555 
_pdbx_struct_oper_list.symmetry_operation   x,y,z 
_pdbx_struct_oper_list.matrix[1][1]         1.0000000000 
_pdbx_struct_oper_list.matrix[1][2]         0.0000000000 
_pdbx_struct_oper_list.matrix[1][3]         0.0000000000 
_pdbx_struct_oper_list.vector[1]            0.0000000000 
_pdbx_struct_oper_list.matrix[2][1]         0.0000000000 
_pdbx_struct_oper_list.matrix[2][2]         1.0000000000 
_pdbx_struct_oper_list.matrix[2][3]         0.0000000000 
_pdbx_struct_oper_list.vector[2]            0.0000000000 
_pdbx_struct_oper_list.matrix[3][1]         0.0000000000 
_pdbx_struct_oper_list.matrix[3][2]         0.0000000000 
_pdbx_struct_oper_list.matrix[3][3]         1.0000000000 
_pdbx_struct_oper_list.vector[3]            0.0000000000 
# 
loop_
_struct_conf.conf_type_id 
_struct_conf.id 
_struct_conf.pdbx_PDB_helix_id 
_struct_conf.beg_label_comp_id 
_struct_conf.beg_label_asym_id 
_struct_conf.beg_label_seq_id 
_struct_conf.pdbx_beg_PDB_ins_code 
_struct_conf.end_label_comp_id 
_struct_conf.end_label_asym_id 
_struct_conf.end_label_seq_id 
_struct_conf.pdbx_end_PDB_ins_code 
_struct_conf.beg_auth_comp_id 
_struct_conf.beg_auth_asym_id 
_struct_conf.beg_auth_seq_id 
_struct_conf.end_auth_comp_id 
_struct_conf.end_auth_asym_id 
_struct_conf.end_auth_seq_id 
_struct_conf.pdbx_PDB_helix_class 
_struct_conf.details 
_struct_conf.pdbx_PDB_helix_length 
HELX_P HELX_P1 1 ASP A 62  ? LYS A 65  ? ASP A 62  LYS A 65  5 ? 4 
HELX_P HELX_P2 2 LYS A 87  ? THR A 91  ? LYS A 87  THR A 91  5 ? 5 
HELX_P HELX_P3 3 ARG A 104 ? TYR A 108 ? ARG A 104 TYR A 108 5 ? 5 
# 
_struct_conf_type.id          HELX_P 
_struct_conf_type.criteria    ? 
_struct_conf_type.reference   ? 
# 
loop_
_struct_conn.id 
_struct_conn.conn_type_id 
_struct_conn.pdbx_leaving_atom_flag 
_struct_conn.pdbx_PDB_id 
_struct_conn.ptnr1_label_asym_id 
_struct_conn.ptnr1_label_comp_id 
_struct_conn.ptnr1_label_seq_id 
_struct_conn.ptnr1_label_atom_id 
_struct_conn.pdbx_ptnr1_label_alt_id 
_struct_conn.pdbx_ptnr1_PDB_ins_code 
_struct_conn.pdbx_ptnr1_standard_comp_id 
_struct_conn.ptnr1_symmetry 
_struct_conn.ptnr2_label_asym_id 
_struct_conn.ptnr2_label_comp_id 
_struct_conn.ptnr2_label_seq_id 
_struct_conn.ptnr2_label_atom_id 
_struct_conn.pdbx_ptnr2_label_alt_id 
_struct_conn.pdbx_ptnr2_PDB_ins_code 
_struct_conn.ptnr1_auth_asym_id 
_struct_conn.ptnr1_auth_comp_id 
_struct_conn.ptnr1_auth_seq_id 
_struct_conn.ptnr2_auth_asym_id 
_struct_conn.ptnr2_auth_comp_id 
_struct_conn.ptnr2_auth_seq_id 
_struct_conn.ptnr2_symmetry 
_struct_conn.pdbx_ptnr3_label_atom_id 
_struct_conn.pdbx_ptnr3_label_seq_id 
_struct_conn.pdbx_ptnr3_label_comp_id 
_struct_conn.pdbx_ptnr3_label_asym_id 
_struct_conn.pdbx_ptnr3_label_alt_id 
_struct_conn.pdbx_ptnr3_PDB_ins_code 
_struct_conn.details 
_struct_conn.pdbx_dist_value 
_struct_conn.pdbx_value_order 
_struct_conn.pdbx_role 
disulf1 disulf ? ? A CYS 22  SG  ? ? ? 1_555 A CYS 96 SG A ? A CYS 22  A CYS 96  1_555 ? ? ? ? ? ? ? 2.107 ? ? 
disulf2 disulf ? ? A CYS 22  SG  ? ? ? 1_555 A CYS 96 SG B ? A CYS 22  A CYS 96  1_555 ? ? ? ? ? ? ? 2.215 ? ? 
metalc1 metalc ? ? A GLN 1   OE1 ? ? ? 1_555 B NI  .  NI ? ? A GLN 1   A NI  201 1_555 ? ? ? ? ? ? ? 1.964 ? ? 
metalc2 metalc ? ? A HIS 29  NE2 ? ? ? 1_555 B NI  .  NI ? ? A HIS 29  A NI  201 1_555 ? ? ? ? ? ? ? 2.015 ? ? 
metalc3 metalc ? ? A HIS 110 NE2 ? ? ? 1_555 B NI  .  NI ? ? A HIS 110 A NI  201 1_555 ? ? ? ? ? ? ? 2.112 ? ? 
metalc4 metalc ? ? B NI  .   NI  ? ? ? 1_555 D HOH .  O  ? ? A NI  201 A HOH 348 1_555 ? ? ? ? ? ? ? 2.189 ? ? 
metalc5 metalc ? ? B NI  .   NI  ? ? ? 1_555 D HOH .  O  ? ? A NI  201 A HOH 358 1_555 ? ? ? ? ? ? ? 2.165 ? ? 
# 
loop_
_struct_conn_type.id 
_struct_conn_type.criteria 
_struct_conn_type.reference 
disulf ? ? 
metalc ? ? 
# 
loop_
_pdbx_struct_conn_angle.id 
_pdbx_struct_conn_angle.ptnr1_label_atom_id 
_pdbx_struct_conn_angle.ptnr1_label_alt_id 
_pdbx_struct_conn_angle.ptnr1_label_asym_id 
_pdbx_struct_conn_angle.ptnr1_label_comp_id 
_pdbx_struct_conn_angle.ptnr1_label_seq_id 
_pdbx_struct_conn_angle.ptnr1_auth_atom_id 
_pdbx_struct_conn_angle.ptnr1_auth_asym_id 
_pdbx_struct_conn_angle.ptnr1_auth_comp_id 
_pdbx_struct_conn_angle.ptnr1_auth_seq_id 
_pdbx_struct_conn_angle.ptnr1_PDB_ins_code 
_pdbx_struct_conn_angle.ptnr1_symmetry 
_pdbx_struct_conn_angle.ptnr2_label_atom_id 
_pdbx_struct_conn_angle.ptnr2_label_alt_id 
_pdbx_struct_conn_angle.ptnr2_label_asym_id 
_pdbx_struct_conn_angle.ptnr2_label_comp_id 
_pdbx_struct_conn_angle.ptnr2_label_seq_id 
_pdbx_struct_conn_angle.ptnr2_auth_atom_id 
_pdbx_struct_conn_angle.ptnr2_auth_asym_id 
_pdbx_struct_conn_angle.ptnr2_auth_comp_id 
_pdbx_struct_conn_angle.ptnr2_auth_seq_id 
_pdbx_struct_conn_angle.ptnr2_PDB_ins_code 
_pdbx_struct_conn_angle.ptnr2_symmetry 
_pdbx_struct_conn_angle.ptnr3_label_atom_id 
_pdbx_struct_conn_angle.ptnr3_label_alt_id 
_pdbx_struct_conn_angle.ptnr3_label_asym_id 
_pdbx_struct_conn_angle.ptnr3_label_comp_id 
_pdbx_struct_conn_angle.ptnr3_label_seq_id 
_pdbx_struct_conn_angle.ptnr3_auth_atom_id 
_pdbx_struct_conn_angle.ptnr3_auth_asym_id 
_pdbx_struct_conn_angle.ptnr3_auth_comp_id 
_pdbx_struct_conn_angle.ptnr3_auth_seq_id 
_pdbx_struct_conn_angle.ptnr3_PDB_ins_code 
_pdbx_struct_conn_angle.ptnr3_symmetry 
_pdbx_struct_conn_angle.value 
_pdbx_struct_conn_angle.value_esd 
1  OE1 ? A GLN 1   ? A GLN 1   ? 1_555 NI ? B NI . ? A NI 201 ? 1_555 NE2 ? A HIS 29  ? A HIS 29  ? 1_555 100.6 ? 
2  OE1 ? A GLN 1   ? A GLN 1   ? 1_555 NI ? B NI . ? A NI 201 ? 1_555 NE2 ? A HIS 110 ? A HIS 110 ? 1_555 115.1 ? 
3  NE2 ? A HIS 29  ? A HIS 29  ? 1_555 NI ? B NI . ? A NI 201 ? 1_555 NE2 ? A HIS 110 ? A HIS 110 ? 1_555 87.1  ? 
4  OE1 ? A GLN 1   ? A GLN 1   ? 1_555 NI ? B NI . ? A NI 201 ? 1_555 O   ? D HOH .   ? A HOH 348 ? 1_555 150.6 ? 
5  NE2 ? A HIS 29  ? A HIS 29  ? 1_555 NI ? B NI . ? A NI 201 ? 1_555 O   ? D HOH .   ? A HOH 348 ? 1_555 88.4  ? 
6  NE2 ? A HIS 110 ? A HIS 110 ? 1_555 NI ? B NI . ? A NI 201 ? 1_555 O   ? D HOH .   ? A HOH 348 ? 1_555 93.0  ? 
7  OE1 ? A GLN 1   ? A GLN 1   ? 1_555 NI ? B NI . ? A NI 201 ? 1_555 O   ? D HOH .   ? A HOH 358 ? 1_555 58.4  ? 
8  NE2 ? A HIS 29  ? A HIS 29  ? 1_555 NI ? B NI . ? A NI 201 ? 1_555 O   ? D HOH .   ? A HOH 358 ? 1_555 101.8 ? 
9  NE2 ? A HIS 110 ? A HIS 110 ? 1_555 NI ? B NI . ? A NI 201 ? 1_555 O   ? D HOH .   ? A HOH 358 ? 1_555 169.6 ? 
10 O   ? D HOH .   ? A HOH 348 ? 1_555 NI ? B NI . ? A NI 201 ? 1_555 O   ? D HOH .   ? A HOH 358 ? 1_555 92.5  ? 
# 
loop_
_pdbx_modification_feature.ordinal 
_pdbx_modification_feature.label_comp_id 
_pdbx_modification_feature.label_asym_id 
_pdbx_modification_feature.label_seq_id 
_pdbx_modification_feature.label_alt_id 
_pdbx_modification_feature.modified_residue_label_comp_id 
_pdbx_modification_feature.modified_residue_label_asym_id 
_pdbx_modification_feature.modified_residue_label_seq_id 
_pdbx_modification_feature.modified_residue_label_alt_id 
_pdbx_modification_feature.auth_comp_id 
_pdbx_modification_feature.auth_asym_id 
_pdbx_modification_feature.auth_seq_id 
_pdbx_modification_feature.PDB_ins_code 
_pdbx_modification_feature.symmetry 
_pdbx_modification_feature.modified_residue_auth_comp_id 
_pdbx_modification_feature.modified_residue_auth_asym_id 
_pdbx_modification_feature.modified_residue_auth_seq_id 
_pdbx_modification_feature.modified_residue_PDB_ins_code 
_pdbx_modification_feature.modified_residue_symmetry 
_pdbx_modification_feature.comp_id_linking_atom 
_pdbx_modification_feature.modified_residue_id_linking_atom 
_pdbx_modification_feature.modified_residue_id 
_pdbx_modification_feature.ref_pcm_id 
_pdbx_modification_feature.ref_comp_id 
_pdbx_modification_feature.type 
_pdbx_modification_feature.category 
1 CYS A 22 ? CYS A 96 A CYS A 22 ? 1_555 CYS A 96 ? 1_555 SG SG . . . None 'Disulfide bridge' 
2 CYS A 22 ? CYS A 96 B CYS A 22 ? 1_555 CYS A 96 ? 1_555 SG SG . . . None 'Disulfide bridge' 
# 
_struct_mon_prot_cis.pdbx_id                1 
_struct_mon_prot_cis.label_comp_id          HIS 
_struct_mon_prot_cis.label_seq_id           29 
_struct_mon_prot_cis.label_asym_id          A 
_struct_mon_prot_cis.label_alt_id           . 
_struct_mon_prot_cis.pdbx_PDB_ins_code      ? 
_struct_mon_prot_cis.auth_comp_id           HIS 
_struct_mon_prot_cis.auth_seq_id            29 
_struct_mon_prot_cis.auth_asym_id           A 
_struct_mon_prot_cis.pdbx_label_comp_id_2   PRO 
_struct_mon_prot_cis.pdbx_label_seq_id_2    30 
_struct_mon_prot_cis.pdbx_label_asym_id_2   A 
_struct_mon_prot_cis.pdbx_PDB_ins_code_2    ? 
_struct_mon_prot_cis.pdbx_auth_comp_id_2    PRO 
_struct_mon_prot_cis.pdbx_auth_seq_id_2     30 
_struct_mon_prot_cis.pdbx_auth_asym_id_2    A 
_struct_mon_prot_cis.pdbx_PDB_model_num     1 
_struct_mon_prot_cis.pdbx_omega_angle       -3.20 
# 
loop_
_struct_sheet.id 
_struct_sheet.type 
_struct_sheet.number_strands 
_struct_sheet.details 
A ? 4 ? 
B ? 6 ? 
C ? 4 ? 
# 
loop_
_struct_sheet_order.sheet_id 
_struct_sheet_order.range_id_1 
_struct_sheet_order.range_id_2 
_struct_sheet_order.offset 
_struct_sheet_order.sense 
A 1 2 ? anti-parallel 
A 2 3 ? anti-parallel 
A 3 4 ? anti-parallel 
B 1 2 ? parallel      
B 2 3 ? anti-parallel 
B 3 4 ? anti-parallel 
B 4 5 ? anti-parallel 
B 5 6 ? anti-parallel 
C 1 2 ? parallel      
C 2 3 ? anti-parallel 
C 3 4 ? anti-parallel 
# 
loop_
_struct_sheet_range.sheet_id 
_struct_sheet_range.id 
_struct_sheet_range.beg_label_comp_id 
_struct_sheet_range.beg_label_asym_id 
_struct_sheet_range.beg_label_seq_id 
_struct_sheet_range.pdbx_beg_PDB_ins_code 
_struct_sheet_range.end_label_comp_id 
_struct_sheet_range.end_label_asym_id 
_struct_sheet_range.end_label_seq_id 
_struct_sheet_range.pdbx_end_PDB_ins_code 
_struct_sheet_range.beg_auth_comp_id 
_struct_sheet_range.beg_auth_asym_id 
_struct_sheet_range.beg_auth_seq_id 
_struct_sheet_range.end_auth_comp_id 
_struct_sheet_range.end_auth_asym_id 
_struct_sheet_range.end_auth_seq_id 
A 1 LEU A 4   ? SER A 7   ? LEU A 4   SER A 7   
A 2 LEU A 18  ? ALA A 24  ? LEU A 18  ALA A 24  
A 3 THR A 78  ? MET A 83  ? THR A 78  MET A 83  
A 4 PHE A 68  ? ASP A 73  ? PHE A 68  ASP A 73  
B 1 GLY A 10  ? VAL A 12  ? GLY A 10  VAL A 12  
B 2 THR A 115 ? VAL A 119 ? THR A 115 VAL A 119 
B 3 ALA A 92  ? GLY A 100 ? ALA A 92  GLY A 100 
B 4 HIS A 33  ? GLN A 39  ? HIS A 33  GLN A 39  
B 5 GLU A 46  ? ASP A 52  ? GLU A 46  ASP A 52  
B 6 THR A 58  ? TYR A 60  ? THR A 58  TYR A 60  
C 1 GLY A 10  ? VAL A 12  ? GLY A 10  VAL A 12  
C 2 THR A 115 ? VAL A 119 ? THR A 115 VAL A 119 
C 3 ALA A 92  ? GLY A 100 ? ALA A 92  GLY A 100 
C 4 HIS A 110 ? TRP A 111 ? HIS A 110 TRP A 111 
# 
loop_
_pdbx_struct_sheet_hbond.sheet_id 
_pdbx_struct_sheet_hbond.range_id_1 
_pdbx_struct_sheet_hbond.range_id_2 
_pdbx_struct_sheet_hbond.range_1_label_atom_id 
_pdbx_struct_sheet_hbond.range_1_label_comp_id 
_pdbx_struct_sheet_hbond.range_1_label_asym_id 
_pdbx_struct_sheet_hbond.range_1_label_seq_id 
_pdbx_struct_sheet_hbond.range_1_PDB_ins_code 
_pdbx_struct_sheet_hbond.range_1_auth_atom_id 
_pdbx_struct_sheet_hbond.range_1_auth_comp_id 
_pdbx_struct_sheet_hbond.range_1_auth_asym_id 
_pdbx_struct_sheet_hbond.range_1_auth_seq_id 
_pdbx_struct_sheet_hbond.range_2_label_atom_id 
_pdbx_struct_sheet_hbond.range_2_label_comp_id 
_pdbx_struct_sheet_hbond.range_2_label_asym_id 
_pdbx_struct_sheet_hbond.range_2_label_seq_id 
_pdbx_struct_sheet_hbond.range_2_PDB_ins_code 
_pdbx_struct_sheet_hbond.range_2_auth_atom_id 
_pdbx_struct_sheet_hbond.range_2_auth_comp_id 
_pdbx_struct_sheet_hbond.range_2_auth_asym_id 
_pdbx_struct_sheet_hbond.range_2_auth_seq_id 
A 1 2 N SER A 7   ? N SER A 7   O SER A 21  ? O SER A 21  
A 2 3 N LEU A 18  ? N LEU A 18  O MET A 83  ? O MET A 83  
A 3 4 O GLN A 82  ? O GLN A 82  N THR A 69  ? N THR A 69  
B 1 2 N GLY A 10  ? N GLY A 10  O THR A 118 ? O THR A 118 
B 2 3 O THR A 115 ? O THR A 115 N TYR A 94  ? N TYR A 94  
B 3 4 O TYR A 95  ? O TYR A 95  N PHE A 37  ? N PHE A 37  
B 4 5 N TRP A 36  ? N TRP A 36  O ALA A 49  ? O ALA A 49  
B 5 6 N ALA A 50  ? N ALA A 50  O LEU A 59  ? O LEU A 59  
C 1 2 N GLY A 10  ? N GLY A 10  O THR A 118 ? O THR A 118 
C 2 3 O THR A 115 ? O THR A 115 N TYR A 94  ? N TYR A 94  
C 3 4 N ALA A 98  ? N ALA A 98  O HIS A 110 ? O HIS A 110 
# 
loop_
_struct_site.id 
_struct_site.pdbx_evidence_code 
_struct_site.pdbx_auth_asym_id 
_struct_site.pdbx_auth_comp_id 
_struct_site.pdbx_auth_seq_id 
_struct_site.pdbx_auth_ins_code 
_struct_site.pdbx_num_residues 
_struct_site.details 
AC1 Software A NI  201 ? 5 'BINDING SITE FOR RESIDUE NI A 201'  
AC2 Software A SO4 202 ? 5 'BINDING SITE FOR RESIDUE SO4 A 202' 
# 
loop_
_struct_site_gen.id 
_struct_site_gen.site_id 
_struct_site_gen.pdbx_num_res 
_struct_site_gen.label_comp_id 
_struct_site_gen.label_asym_id 
_struct_site_gen.label_seq_id 
_struct_site_gen.pdbx_auth_ins_code 
_struct_site_gen.auth_comp_id 
_struct_site_gen.auth_asym_id 
_struct_site_gen.auth_seq_id 
_struct_site_gen.label_atom_id 
_struct_site_gen.label_alt_id 
_struct_site_gen.symmetry 
_struct_site_gen.details 
1  AC1 5 GLN A 1   ? GLN A 1   . ? 1_555 ? 
2  AC1 5 HIS A 29  ? HIS A 29  . ? 1_555 ? 
3  AC1 5 HIS A 110 ? HIS A 110 . ? 1_555 ? 
4  AC1 5 HOH D .   ? HOH A 348 . ? 1_555 ? 
5  AC1 5 HOH D .   ? HOH A 358 . ? 1_555 ? 
6  AC2 5 GLY A 10  ? GLY A 10  . ? 6_545 ? 
7  AC2 5 LEU A 11  ? LEU A 11  . ? 6_545 ? 
8  AC2 5 ARG A 104 ? ARG A 104 . ? 1_555 ? 
9  AC2 5 ARG A 106 ? ARG A 106 . ? 3_655 ? 
10 AC2 5 HOH D .   ? HOH A 330 . ? 6_545 ? 
# 
_pdbx_entry_details.entry_id                   4PPT 
_pdbx_entry_details.compound_details           ? 
_pdbx_entry_details.source_details             ? 
_pdbx_entry_details.nonpolymer_details         ? 
_pdbx_entry_details.sequence_details           ? 
_pdbx_entry_details.has_ligand_of_interest     ? 
_pdbx_entry_details.has_protein_modification   Y 
# 
_pdbx_validate_close_contact.id               1 
_pdbx_validate_close_contact.PDB_model_num    1 
_pdbx_validate_close_contact.auth_atom_id_1   OE1 
_pdbx_validate_close_contact.auth_asym_id_1   A 
_pdbx_validate_close_contact.auth_comp_id_1   GLN 
_pdbx_validate_close_contact.auth_seq_id_1    1 
_pdbx_validate_close_contact.PDB_ins_code_1   ? 
_pdbx_validate_close_contact.label_alt_id_1   ? 
_pdbx_validate_close_contact.auth_atom_id_2   O 
_pdbx_validate_close_contact.auth_asym_id_2   A 
_pdbx_validate_close_contact.auth_comp_id_2   HOH 
_pdbx_validate_close_contact.auth_seq_id_2    358 
_pdbx_validate_close_contact.PDB_ins_code_2   ? 
_pdbx_validate_close_contact.label_alt_id_2   ? 
_pdbx_validate_close_contact.dist             2.02 
# 
loop_
_pdbx_validate_torsion.id 
_pdbx_validate_torsion.PDB_model_num 
_pdbx_validate_torsion.auth_comp_id 
_pdbx_validate_torsion.auth_asym_id 
_pdbx_validate_torsion.auth_seq_id 
_pdbx_validate_torsion.PDB_ins_code 
_pdbx_validate_torsion.label_alt_id 
_pdbx_validate_torsion.phi 
_pdbx_validate_torsion.psi 
1 1 ALA A 92  ? ? 179.20 173.27  
2 1 GLU A 102 ? ? 55.71  -133.68 
# 
loop_
_chem_comp_atom.comp_id 
_chem_comp_atom.atom_id 
_chem_comp_atom.type_symbol 
_chem_comp_atom.pdbx_aromatic_flag 
_chem_comp_atom.pdbx_stereo_config 
_chem_comp_atom.pdbx_ordinal 
ALA N    N  N N 1   
ALA CA   C  N S 2   
ALA C    C  N N 3   
ALA O    O  N N 4   
ALA CB   C  N N 5   
ALA OXT  O  N N 6   
ALA H    H  N N 7   
ALA H2   H  N N 8   
ALA HA   H  N N 9   
ALA HB1  H  N N 10  
ALA HB2  H  N N 11  
ALA HB3  H  N N 12  
ALA HXT  H  N N 13  
ARG N    N  N N 14  
ARG CA   C  N S 15  
ARG C    C  N N 16  
ARG O    O  N N 17  
ARG CB   C  N N 18  
ARG CG   C  N N 19  
ARG CD   C  N N 20  
ARG NE   N  N N 21  
ARG CZ   C  N N 22  
ARG NH1  N  N N 23  
ARG NH2  N  N N 24  
ARG OXT  O  N N 25  
ARG H    H  N N 26  
ARG H2   H  N N 27  
ARG HA   H  N N 28  
ARG HB2  H  N N 29  
ARG HB3  H  N N 30  
ARG HG2  H  N N 31  
ARG HG3  H  N N 32  
ARG HD2  H  N N 33  
ARG HD3  H  N N 34  
ARG HE   H  N N 35  
ARG HH11 H  N N 36  
ARG HH12 H  N N 37  
ARG HH21 H  N N 38  
ARG HH22 H  N N 39  
ARG HXT  H  N N 40  
ASN N    N  N N 41  
ASN CA   C  N S 42  
ASN C    C  N N 43  
ASN O    O  N N 44  
ASN CB   C  N N 45  
ASN CG   C  N N 46  
ASN OD1  O  N N 47  
ASN ND2  N  N N 48  
ASN OXT  O  N N 49  
ASN H    H  N N 50  
ASN H2   H  N N 51  
ASN HA   H  N N 52  
ASN HB2  H  N N 53  
ASN HB3  H  N N 54  
ASN HD21 H  N N 55  
ASN HD22 H  N N 56  
ASN HXT  H  N N 57  
ASP N    N  N N 58  
ASP CA   C  N S 59  
ASP C    C  N N 60  
ASP O    O  N N 61  
ASP CB   C  N N 62  
ASP CG   C  N N 63  
ASP OD1  O  N N 64  
ASP OD2  O  N N 65  
ASP OXT  O  N N 66  
ASP H    H  N N 67  
ASP H2   H  N N 68  
ASP HA   H  N N 69  
ASP HB2  H  N N 70  
ASP HB3  H  N N 71  
ASP HD2  H  N N 72  
ASP HXT  H  N N 73  
CYS N    N  N N 74  
CYS CA   C  N R 75  
CYS C    C  N N 76  
CYS O    O  N N 77  
CYS CB   C  N N 78  
CYS SG   S  N N 79  
CYS OXT  O  N N 80  
CYS H    H  N N 81  
CYS H2   H  N N 82  
CYS HA   H  N N 83  
CYS HB2  H  N N 84  
CYS HB3  H  N N 85  
CYS HG   H  N N 86  
CYS HXT  H  N N 87  
GLN N    N  N N 88  
GLN CA   C  N S 89  
GLN C    C  N N 90  
GLN O    O  N N 91  
GLN CB   C  N N 92  
GLN CG   C  N N 93  
GLN CD   C  N N 94  
GLN OE1  O  N N 95  
GLN NE2  N  N N 96  
GLN OXT  O  N N 97  
GLN H    H  N N 98  
GLN H2   H  N N 99  
GLN HA   H  N N 100 
GLN HB2  H  N N 101 
GLN HB3  H  N N 102 
GLN HG2  H  N N 103 
GLN HG3  H  N N 104 
GLN HE21 H  N N 105 
GLN HE22 H  N N 106 
GLN HXT  H  N N 107 
GLU N    N  N N 108 
GLU CA   C  N S 109 
GLU C    C  N N 110 
GLU O    O  N N 111 
GLU CB   C  N N 112 
GLU CG   C  N N 113 
GLU CD   C  N N 114 
GLU OE1  O  N N 115 
GLU OE2  O  N N 116 
GLU OXT  O  N N 117 
GLU H    H  N N 118 
GLU H2   H  N N 119 
GLU HA   H  N N 120 
GLU HB2  H  N N 121 
GLU HB3  H  N N 122 
GLU HG2  H  N N 123 
GLU HG3  H  N N 124 
GLU HE2  H  N N 125 
GLU HXT  H  N N 126 
GLY N    N  N N 127 
GLY CA   C  N N 128 
GLY C    C  N N 129 
GLY O    O  N N 130 
GLY OXT  O  N N 131 
GLY H    H  N N 132 
GLY H2   H  N N 133 
GLY HA2  H  N N 134 
GLY HA3  H  N N 135 
GLY HXT  H  N N 136 
HIS N    N  N N 137 
HIS CA   C  N S 138 
HIS C    C  N N 139 
HIS O    O  N N 140 
HIS CB   C  N N 141 
HIS CG   C  Y N 142 
HIS ND1  N  Y N 143 
HIS CD2  C  Y N 144 
HIS CE1  C  Y N 145 
HIS NE2  N  Y N 146 
HIS OXT  O  N N 147 
HIS H    H  N N 148 
HIS H2   H  N N 149 
HIS HA   H  N N 150 
HIS HB2  H  N N 151 
HIS HB3  H  N N 152 
HIS HD1  H  N N 153 
HIS HD2  H  N N 154 
HIS HE1  H  N N 155 
HIS HE2  H  N N 156 
HIS HXT  H  N N 157 
HOH O    O  N N 158 
HOH H1   H  N N 159 
HOH H2   H  N N 160 
ILE N    N  N N 161 
ILE CA   C  N S 162 
ILE C    C  N N 163 
ILE O    O  N N 164 
ILE CB   C  N S 165 
ILE CG1  C  N N 166 
ILE CG2  C  N N 167 
ILE CD1  C  N N 168 
ILE OXT  O  N N 169 
ILE H    H  N N 170 
ILE H2   H  N N 171 
ILE HA   H  N N 172 
ILE HB   H  N N 173 
ILE HG12 H  N N 174 
ILE HG13 H  N N 175 
ILE HG21 H  N N 176 
ILE HG22 H  N N 177 
ILE HG23 H  N N 178 
ILE HD11 H  N N 179 
ILE HD12 H  N N 180 
ILE HD13 H  N N 181 
ILE HXT  H  N N 182 
LEU N    N  N N 183 
LEU CA   C  N S 184 
LEU C    C  N N 185 
LEU O    O  N N 186 
LEU CB   C  N N 187 
LEU CG   C  N N 188 
LEU CD1  C  N N 189 
LEU CD2  C  N N 190 
LEU OXT  O  N N 191 
LEU H    H  N N 192 
LEU H2   H  N N 193 
LEU HA   H  N N 194 
LEU HB2  H  N N 195 
LEU HB3  H  N N 196 
LEU HG   H  N N 197 
LEU HD11 H  N N 198 
LEU HD12 H  N N 199 
LEU HD13 H  N N 200 
LEU HD21 H  N N 201 
LEU HD22 H  N N 202 
LEU HD23 H  N N 203 
LEU HXT  H  N N 204 
LYS N    N  N N 205 
LYS CA   C  N S 206 
LYS C    C  N N 207 
LYS O    O  N N 208 
LYS CB   C  N N 209 
LYS CG   C  N N 210 
LYS CD   C  N N 211 
LYS CE   C  N N 212 
LYS NZ   N  N N 213 
LYS OXT  O  N N 214 
LYS H    H  N N 215 
LYS H2   H  N N 216 
LYS HA   H  N N 217 
LYS HB2  H  N N 218 
LYS HB3  H  N N 219 
LYS HG2  H  N N 220 
LYS HG3  H  N N 221 
LYS HD2  H  N N 222 
LYS HD3  H  N N 223 
LYS HE2  H  N N 224 
LYS HE3  H  N N 225 
LYS HZ1  H  N N 226 
LYS HZ2  H  N N 227 
LYS HZ3  H  N N 228 
LYS HXT  H  N N 229 
MET N    N  N N 230 
MET CA   C  N S 231 
MET C    C  N N 232 
MET O    O  N N 233 
MET CB   C  N N 234 
MET CG   C  N N 235 
MET SD   S  N N 236 
MET CE   C  N N 237 
MET OXT  O  N N 238 
MET H    H  N N 239 
MET H2   H  N N 240 
MET HA   H  N N 241 
MET HB2  H  N N 242 
MET HB3  H  N N 243 
MET HG2  H  N N 244 
MET HG3  H  N N 245 
MET HE1  H  N N 246 
MET HE2  H  N N 247 
MET HE3  H  N N 248 
MET HXT  H  N N 249 
NI  NI   NI N N 250 
PHE N    N  N N 251 
PHE CA   C  N S 252 
PHE C    C  N N 253 
PHE O    O  N N 254 
PHE CB   C  N N 255 
PHE CG   C  Y N 256 
PHE CD1  C  Y N 257 
PHE CD2  C  Y N 258 
PHE CE1  C  Y N 259 
PHE CE2  C  Y N 260 
PHE CZ   C  Y N 261 
PHE OXT  O  N N 262 
PHE H    H  N N 263 
PHE H2   H  N N 264 
PHE HA   H  N N 265 
PHE HB2  H  N N 266 
PHE HB3  H  N N 267 
PHE HD1  H  N N 268 
PHE HD2  H  N N 269 
PHE HE1  H  N N 270 
PHE HE2  H  N N 271 
PHE HZ   H  N N 272 
PHE HXT  H  N N 273 
PRO N    N  N N 274 
PRO CA   C  N S 275 
PRO C    C  N N 276 
PRO O    O  N N 277 
PRO CB   C  N N 278 
PRO CG   C  N N 279 
PRO CD   C  N N 280 
PRO OXT  O  N N 281 
PRO H    H  N N 282 
PRO HA   H  N N 283 
PRO HB2  H  N N 284 
PRO HB3  H  N N 285 
PRO HG2  H  N N 286 
PRO HG3  H  N N 287 
PRO HD2  H  N N 288 
PRO HD3  H  N N 289 
PRO HXT  H  N N 290 
SER N    N  N N 291 
SER CA   C  N S 292 
SER C    C  N N 293 
SER O    O  N N 294 
SER CB   C  N N 295 
SER OG   O  N N 296 
SER OXT  O  N N 297 
SER H    H  N N 298 
SER H2   H  N N 299 
SER HA   H  N N 300 
SER HB2  H  N N 301 
SER HB3  H  N N 302 
SER HG   H  N N 303 
SER HXT  H  N N 304 
SO4 S    S  N N 305 
SO4 O1   O  N N 306 
SO4 O2   O  N N 307 
SO4 O3   O  N N 308 
SO4 O4   O  N N 309 
THR N    N  N N 310 
THR CA   C  N S 311 
THR C    C  N N 312 
THR O    O  N N 313 
THR CB   C  N R 314 
THR OG1  O  N N 315 
THR CG2  C  N N 316 
THR OXT  O  N N 317 
THR H    H  N N 318 
THR H2   H  N N 319 
THR HA   H  N N 320 
THR HB   H  N N 321 
THR HG1  H  N N 322 
THR HG21 H  N N 323 
THR HG22 H  N N 324 
THR HG23 H  N N 325 
THR HXT  H  N N 326 
TRP N    N  N N 327 
TRP CA   C  N S 328 
TRP C    C  N N 329 
TRP O    O  N N 330 
TRP CB   C  N N 331 
TRP CG   C  Y N 332 
TRP CD1  C  Y N 333 
TRP CD2  C  Y N 334 
TRP NE1  N  Y N 335 
TRP CE2  C  Y N 336 
TRP CE3  C  Y N 337 
TRP CZ2  C  Y N 338 
TRP CZ3  C  Y N 339 
TRP CH2  C  Y N 340 
TRP OXT  O  N N 341 
TRP H    H  N N 342 
TRP H2   H  N N 343 
TRP HA   H  N N 344 
TRP HB2  H  N N 345 
TRP HB3  H  N N 346 
TRP HD1  H  N N 347 
TRP HE1  H  N N 348 
TRP HE3  H  N N 349 
TRP HZ2  H  N N 350 
TRP HZ3  H  N N 351 
TRP HH2  H  N N 352 
TRP HXT  H  N N 353 
TYR N    N  N N 354 
TYR CA   C  N S 355 
TYR C    C  N N 356 
TYR O    O  N N 357 
TYR CB   C  N N 358 
TYR CG   C  Y N 359 
TYR CD1  C  Y N 360 
TYR CD2  C  Y N 361 
TYR CE1  C  Y N 362 
TYR CE2  C  Y N 363 
TYR CZ   C  Y N 364 
TYR OH   O  N N 365 
TYR OXT  O  N N 366 
TYR H    H  N N 367 
TYR H2   H  N N 368 
TYR HA   H  N N 369 
TYR HB2  H  N N 370 
TYR HB3  H  N N 371 
TYR HD1  H  N N 372 
TYR HD2  H  N N 373 
TYR HE1  H  N N 374 
TYR HE2  H  N N 375 
TYR HH   H  N N 376 
TYR HXT  H  N N 377 
VAL N    N  N N 378 
VAL CA   C  N S 379 
VAL C    C  N N 380 
VAL O    O  N N 381 
VAL CB   C  N N 382 
VAL CG1  C  N N 383 
VAL CG2  C  N N 384 
VAL OXT  O  N N 385 
VAL H    H  N N 386 
VAL H2   H  N N 387 
VAL HA   H  N N 388 
VAL HB   H  N N 389 
VAL HG11 H  N N 390 
VAL HG12 H  N N 391 
VAL HG13 H  N N 392 
VAL HG21 H  N N 393 
VAL HG22 H  N N 394 
VAL HG23 H  N N 395 
VAL HXT  H  N N 396 
# 
loop_
_chem_comp_bond.comp_id 
_chem_comp_bond.atom_id_1 
_chem_comp_bond.atom_id_2 
_chem_comp_bond.value_order 
_chem_comp_bond.pdbx_aromatic_flag 
_chem_comp_bond.pdbx_stereo_config 
_chem_comp_bond.pdbx_ordinal 
ALA N   CA   sing N N 1   
ALA N   H    sing N N 2   
ALA N   H2   sing N N 3   
ALA CA  C    sing N N 4   
ALA CA  CB   sing N N 5   
ALA CA  HA   sing N N 6   
ALA C   O    doub N N 7   
ALA C   OXT  sing N N 8   
ALA CB  HB1  sing N N 9   
ALA CB  HB2  sing N N 10  
ALA CB  HB3  sing N N 11  
ALA OXT HXT  sing N N 12  
ARG N   CA   sing N N 13  
ARG N   H    sing N N 14  
ARG N   H2   sing N N 15  
ARG CA  C    sing N N 16  
ARG CA  CB   sing N N 17  
ARG CA  HA   sing N N 18  
ARG C   O    doub N N 19  
ARG C   OXT  sing N N 20  
ARG CB  CG   sing N N 21  
ARG CB  HB2  sing N N 22  
ARG CB  HB3  sing N N 23  
ARG CG  CD   sing N N 24  
ARG CG  HG2  sing N N 25  
ARG CG  HG3  sing N N 26  
ARG CD  NE   sing N N 27  
ARG CD  HD2  sing N N 28  
ARG CD  HD3  sing N N 29  
ARG NE  CZ   sing N N 30  
ARG NE  HE   sing N N 31  
ARG CZ  NH1  sing N N 32  
ARG CZ  NH2  doub N N 33  
ARG NH1 HH11 sing N N 34  
ARG NH1 HH12 sing N N 35  
ARG NH2 HH21 sing N N 36  
ARG NH2 HH22 sing N N 37  
ARG OXT HXT  sing N N 38  
ASN N   CA   sing N N 39  
ASN N   H    sing N N 40  
ASN N   H2   sing N N 41  
ASN CA  C    sing N N 42  
ASN CA  CB   sing N N 43  
ASN CA  HA   sing N N 44  
ASN C   O    doub N N 45  
ASN C   OXT  sing N N 46  
ASN CB  CG   sing N N 47  
ASN CB  HB2  sing N N 48  
ASN CB  HB3  sing N N 49  
ASN CG  OD1  doub N N 50  
ASN CG  ND2  sing N N 51  
ASN ND2 HD21 sing N N 52  
ASN ND2 HD22 sing N N 53  
ASN OXT HXT  sing N N 54  
ASP N   CA   sing N N 55  
ASP N   H    sing N N 56  
ASP N   H2   sing N N 57  
ASP CA  C    sing N N 58  
ASP CA  CB   sing N N 59  
ASP CA  HA   sing N N 60  
ASP C   O    doub N N 61  
ASP C   OXT  sing N N 62  
ASP CB  CG   sing N N 63  
ASP CB  HB2  sing N N 64  
ASP CB  HB3  sing N N 65  
ASP CG  OD1  doub N N 66  
ASP CG  OD2  sing N N 67  
ASP OD2 HD2  sing N N 68  
ASP OXT HXT  sing N N 69  
CYS N   CA   sing N N 70  
CYS N   H    sing N N 71  
CYS N   H2   sing N N 72  
CYS CA  C    sing N N 73  
CYS CA  CB   sing N N 74  
CYS CA  HA   sing N N 75  
CYS C   O    doub N N 76  
CYS C   OXT  sing N N 77  
CYS CB  SG   sing N N 78  
CYS CB  HB2  sing N N 79  
CYS CB  HB3  sing N N 80  
CYS SG  HG   sing N N 81  
CYS OXT HXT  sing N N 82  
GLN N   CA   sing N N 83  
GLN N   H    sing N N 84  
GLN N   H2   sing N N 85  
GLN CA  C    sing N N 86  
GLN CA  CB   sing N N 87  
GLN CA  HA   sing N N 88  
GLN C   O    doub N N 89  
GLN C   OXT  sing N N 90  
GLN CB  CG   sing N N 91  
GLN CB  HB2  sing N N 92  
GLN CB  HB3  sing N N 93  
GLN CG  CD   sing N N 94  
GLN CG  HG2  sing N N 95  
GLN CG  HG3  sing N N 96  
GLN CD  OE1  doub N N 97  
GLN CD  NE2  sing N N 98  
GLN NE2 HE21 sing N N 99  
GLN NE2 HE22 sing N N 100 
GLN OXT HXT  sing N N 101 
GLU N   CA   sing N N 102 
GLU N   H    sing N N 103 
GLU N   H2   sing N N 104 
GLU CA  C    sing N N 105 
GLU CA  CB   sing N N 106 
GLU CA  HA   sing N N 107 
GLU C   O    doub N N 108 
GLU C   OXT  sing N N 109 
GLU CB  CG   sing N N 110 
GLU CB  HB2  sing N N 111 
GLU CB  HB3  sing N N 112 
GLU CG  CD   sing N N 113 
GLU CG  HG2  sing N N 114 
GLU CG  HG3  sing N N 115 
GLU CD  OE1  doub N N 116 
GLU CD  OE2  sing N N 117 
GLU OE2 HE2  sing N N 118 
GLU OXT HXT  sing N N 119 
GLY N   CA   sing N N 120 
GLY N   H    sing N N 121 
GLY N   H2   sing N N 122 
GLY CA  C    sing N N 123 
GLY CA  HA2  sing N N 124 
GLY CA  HA3  sing N N 125 
GLY C   O    doub N N 126 
GLY C   OXT  sing N N 127 
GLY OXT HXT  sing N N 128 
HIS N   CA   sing N N 129 
HIS N   H    sing N N 130 
HIS N   H2   sing N N 131 
HIS CA  C    sing N N 132 
HIS CA  CB   sing N N 133 
HIS CA  HA   sing N N 134 
HIS C   O    doub N N 135 
HIS C   OXT  sing N N 136 
HIS CB  CG   sing N N 137 
HIS CB  HB2  sing N N 138 
HIS CB  HB3  sing N N 139 
HIS CG  ND1  sing Y N 140 
HIS CG  CD2  doub Y N 141 
HIS ND1 CE1  doub Y N 142 
HIS ND1 HD1  sing N N 143 
HIS CD2 NE2  sing Y N 144 
HIS CD2 HD2  sing N N 145 
HIS CE1 NE2  sing Y N 146 
HIS CE1 HE1  sing N N 147 
HIS NE2 HE2  sing N N 148 
HIS OXT HXT  sing N N 149 
HOH O   H1   sing N N 150 
HOH O   H2   sing N N 151 
ILE N   CA   sing N N 152 
ILE N   H    sing N N 153 
ILE N   H2   sing N N 154 
ILE CA  C    sing N N 155 
ILE CA  CB   sing N N 156 
ILE CA  HA   sing N N 157 
ILE C   O    doub N N 158 
ILE C   OXT  sing N N 159 
ILE CB  CG1  sing N N 160 
ILE CB  CG2  sing N N 161 
ILE CB  HB   sing N N 162 
ILE CG1 CD1  sing N N 163 
ILE CG1 HG12 sing N N 164 
ILE CG1 HG13 sing N N 165 
ILE CG2 HG21 sing N N 166 
ILE CG2 HG22 sing N N 167 
ILE CG2 HG23 sing N N 168 
ILE CD1 HD11 sing N N 169 
ILE CD1 HD12 sing N N 170 
ILE CD1 HD13 sing N N 171 
ILE OXT HXT  sing N N 172 
LEU N   CA   sing N N 173 
LEU N   H    sing N N 174 
LEU N   H2   sing N N 175 
LEU CA  C    sing N N 176 
LEU CA  CB   sing N N 177 
LEU CA  HA   sing N N 178 
LEU C   O    doub N N 179 
LEU C   OXT  sing N N 180 
LEU CB  CG   sing N N 181 
LEU CB  HB2  sing N N 182 
LEU CB  HB3  sing N N 183 
LEU CG  CD1  sing N N 184 
LEU CG  CD2  sing N N 185 
LEU CG  HG   sing N N 186 
LEU CD1 HD11 sing N N 187 
LEU CD1 HD12 sing N N 188 
LEU CD1 HD13 sing N N 189 
LEU CD2 HD21 sing N N 190 
LEU CD2 HD22 sing N N 191 
LEU CD2 HD23 sing N N 192 
LEU OXT HXT  sing N N 193 
LYS N   CA   sing N N 194 
LYS N   H    sing N N 195 
LYS N   H2   sing N N 196 
LYS CA  C    sing N N 197 
LYS CA  CB   sing N N 198 
LYS CA  HA   sing N N 199 
LYS C   O    doub N N 200 
LYS C   OXT  sing N N 201 
LYS CB  CG   sing N N 202 
LYS CB  HB2  sing N N 203 
LYS CB  HB3  sing N N 204 
LYS CG  CD   sing N N 205 
LYS CG  HG2  sing N N 206 
LYS CG  HG3  sing N N 207 
LYS CD  CE   sing N N 208 
LYS CD  HD2  sing N N 209 
LYS CD  HD3  sing N N 210 
LYS CE  NZ   sing N N 211 
LYS CE  HE2  sing N N 212 
LYS CE  HE3  sing N N 213 
LYS NZ  HZ1  sing N N 214 
LYS NZ  HZ2  sing N N 215 
LYS NZ  HZ3  sing N N 216 
LYS OXT HXT  sing N N 217 
MET N   CA   sing N N 218 
MET N   H    sing N N 219 
MET N   H2   sing N N 220 
MET CA  C    sing N N 221 
MET CA  CB   sing N N 222 
MET CA  HA   sing N N 223 
MET C   O    doub N N 224 
MET C   OXT  sing N N 225 
MET CB  CG   sing N N 226 
MET CB  HB2  sing N N 227 
MET CB  HB3  sing N N 228 
MET CG  SD   sing N N 229 
MET CG  HG2  sing N N 230 
MET CG  HG3  sing N N 231 
MET SD  CE   sing N N 232 
MET CE  HE1  sing N N 233 
MET CE  HE2  sing N N 234 
MET CE  HE3  sing N N 235 
MET OXT HXT  sing N N 236 
PHE N   CA   sing N N 237 
PHE N   H    sing N N 238 
PHE N   H2   sing N N 239 
PHE CA  C    sing N N 240 
PHE CA  CB   sing N N 241 
PHE CA  HA   sing N N 242 
PHE C   O    doub N N 243 
PHE C   OXT  sing N N 244 
PHE CB  CG   sing N N 245 
PHE CB  HB2  sing N N 246 
PHE CB  HB3  sing N N 247 
PHE CG  CD1  doub Y N 248 
PHE CG  CD2  sing Y N 249 
PHE CD1 CE1  sing Y N 250 
PHE CD1 HD1  sing N N 251 
PHE CD2 CE2  doub Y N 252 
PHE CD2 HD2  sing N N 253 
PHE CE1 CZ   doub Y N 254 
PHE CE1 HE1  sing N N 255 
PHE CE2 CZ   sing Y N 256 
PHE CE2 HE2  sing N N 257 
PHE CZ  HZ   sing N N 258 
PHE OXT HXT  sing N N 259 
PRO N   CA   sing N N 260 
PRO N   CD   sing N N 261 
PRO N   H    sing N N 262 
PRO CA  C    sing N N 263 
PRO CA  CB   sing N N 264 
PRO CA  HA   sing N N 265 
PRO C   O    doub N N 266 
PRO C   OXT  sing N N 267 
PRO CB  CG   sing N N 268 
PRO CB  HB2  sing N N 269 
PRO CB  HB3  sing N N 270 
PRO CG  CD   sing N N 271 
PRO CG  HG2  sing N N 272 
PRO CG  HG3  sing N N 273 
PRO CD  HD2  sing N N 274 
PRO CD  HD3  sing N N 275 
PRO OXT HXT  sing N N 276 
SER N   CA   sing N N 277 
SER N   H    sing N N 278 
SER N   H2   sing N N 279 
SER CA  C    sing N N 280 
SER CA  CB   sing N N 281 
SER CA  HA   sing N N 282 
SER C   O    doub N N 283 
SER C   OXT  sing N N 284 
SER CB  OG   sing N N 285 
SER CB  HB2  sing N N 286 
SER CB  HB3  sing N N 287 
SER OG  HG   sing N N 288 
SER OXT HXT  sing N N 289 
SO4 S   O1   doub N N 290 
SO4 S   O2   doub N N 291 
SO4 S   O3   sing N N 292 
SO4 S   O4   sing N N 293 
THR N   CA   sing N N 294 
THR N   H    sing N N 295 
THR N   H2   sing N N 296 
THR CA  C    sing N N 297 
THR CA  CB   sing N N 298 
THR CA  HA   sing N N 299 
THR C   O    doub N N 300 
THR C   OXT  sing N N 301 
THR CB  OG1  sing N N 302 
THR CB  CG2  sing N N 303 
THR CB  HB   sing N N 304 
THR OG1 HG1  sing N N 305 
THR CG2 HG21 sing N N 306 
THR CG2 HG22 sing N N 307 
THR CG2 HG23 sing N N 308 
THR OXT HXT  sing N N 309 
TRP N   CA   sing N N 310 
TRP N   H    sing N N 311 
TRP N   H2   sing N N 312 
TRP CA  C    sing N N 313 
TRP CA  CB   sing N N 314 
TRP CA  HA   sing N N 315 
TRP C   O    doub N N 316 
TRP C   OXT  sing N N 317 
TRP CB  CG   sing N N 318 
TRP CB  HB2  sing N N 319 
TRP CB  HB3  sing N N 320 
TRP CG  CD1  doub Y N 321 
TRP CG  CD2  sing Y N 322 
TRP CD1 NE1  sing Y N 323 
TRP CD1 HD1  sing N N 324 
TRP CD2 CE2  doub Y N 325 
TRP CD2 CE3  sing Y N 326 
TRP NE1 CE2  sing Y N 327 
TRP NE1 HE1  sing N N 328 
TRP CE2 CZ2  sing Y N 329 
TRP CE3 CZ3  doub Y N 330 
TRP CE3 HE3  sing N N 331 
TRP CZ2 CH2  doub Y N 332 
TRP CZ2 HZ2  sing N N 333 
TRP CZ3 CH2  sing Y N 334 
TRP CZ3 HZ3  sing N N 335 
TRP CH2 HH2  sing N N 336 
TRP OXT HXT  sing N N 337 
TYR N   CA   sing N N 338 
TYR N   H    sing N N 339 
TYR N   H2   sing N N 340 
TYR CA  C    sing N N 341 
TYR CA  CB   sing N N 342 
TYR CA  HA   sing N N 343 
TYR C   O    doub N N 344 
TYR C   OXT  sing N N 345 
TYR CB  CG   sing N N 346 
TYR CB  HB2  sing N N 347 
TYR CB  HB3  sing N N 348 
TYR CG  CD1  doub Y N 349 
TYR CG  CD2  sing Y N 350 
TYR CD1 CE1  sing Y N 351 
TYR CD1 HD1  sing N N 352 
TYR CD2 CE2  doub Y N 353 
TYR CD2 HD2  sing N N 354 
TYR CE1 CZ   doub Y N 355 
TYR CE1 HE1  sing N N 356 
TYR CE2 CZ   sing Y N 357 
TYR CE2 HE2  sing N N 358 
TYR CZ  OH   sing N N 359 
TYR OH  HH   sing N N 360 
TYR OXT HXT  sing N N 361 
VAL N   CA   sing N N 362 
VAL N   H    sing N N 363 
VAL N   H2   sing N N 364 
VAL CA  C    sing N N 365 
VAL CA  CB   sing N N 366 
VAL CA  HA   sing N N 367 
VAL C   O    doub N N 368 
VAL C   OXT  sing N N 369 
VAL CB  CG1  sing N N 370 
VAL CB  CG2  sing N N 371 
VAL CB  HB   sing N N 372 
VAL CG1 HG11 sing N N 373 
VAL CG1 HG12 sing N N 374 
VAL CG1 HG13 sing N N 375 
VAL CG2 HG21 sing N N 376 
VAL CG2 HG22 sing N N 377 
VAL CG2 HG23 sing N N 378 
VAL OXT HXT  sing N N 379 
# 
_atom_sites.entry_id                    4PPT 
_atom_sites.fract_transf_matrix[1][1]   -0.00094775 
_atom_sites.fract_transf_matrix[1][2]   -0.01724775 
_atom_sites.fract_transf_matrix[1][3]   0.00684077 
_atom_sites.fract_transf_matrix[2][1]   0.01102076 
_atom_sites.fract_transf_matrix[2][2]   0.00382314 
_atom_sites.fract_transf_matrix[2][3]   0.01116621 
_atom_sites.fract_transf_matrix[3][1]   -0.01099436 
_atom_sites.fract_transf_matrix[3][2]   0.00432111 
_atom_sites.fract_transf_matrix[3][3]   0.00937167 
_atom_sites.fract_transf_vector[1]      0.200530 
_atom_sites.fract_transf_vector[2]      -0.285187 
_atom_sites.fract_transf_vector[3]      0.060045 
# 
loop_
_atom_type.symbol 
C  
N  
NI 
O  
S  
# 
loop_
_atom_site.group_PDB 
_atom_site.id 
_atom_site.type_symbol 
_atom_site.label_atom_id 
_atom_site.label_alt_id 
_atom_site.label_comp_id 
_atom_site.label_asym_id 
_atom_site.label_entity_id 
_atom_site.label_seq_id 
_atom_site.pdbx_PDB_ins_code 
_atom_site.Cartn_x 
_atom_site.Cartn_y 
_atom_site.Cartn_z 
_atom_site.occupancy 
_atom_site.B_iso_or_equiv 
_atom_site.pdbx_formal_charge 
_atom_site.auth_seq_id 
_atom_site.auth_comp_id 
_atom_site.auth_asym_id 
_atom_site.auth_atom_id 
_atom_site.pdbx_PDB_model_num 
ATOM   1    N  N   . GLN A 1 1   ? -12.866 -13.134 -4.422  1.00 58.12 ? 1   GLN A N   1 
ATOM   2    C  CA  . GLN A 1 1   ? -13.688 -12.486 -5.436  1.00 56.64 ? 1   GLN A CA  1 
ATOM   3    C  C   . GLN A 1 1   ? -13.178 -11.081 -5.744  1.00 32.07 ? 1   GLN A C   1 
ATOM   4    O  O   . GLN A 1 1   ? -13.714 -10.392 -6.612  1.00 36.07 ? 1   GLN A O   1 
ATOM   5    C  CB  . GLN A 1 1   ? -15.149 -12.426 -4.984  1.00 57.12 ? 1   GLN A CB  1 
ATOM   6    C  CG  . GLN A 1 1   ? -15.535 -13.509 -3.988  1.00 56.66 ? 1   GLN A CG  1 
ATOM   7    C  CD  . GLN A 1 1   ? -15.413 -13.047 -2.549  1.00 57.25 ? 1   GLN A CD  1 
ATOM   8    O  OE1 . GLN A 1 1   ? -14.313 -12.810 -2.052  1.00 37.37 ? 1   GLN A OE1 1 
ATOM   9    N  NE2 . GLN A 1 1   ? -16.548 -12.917 -1.872  1.00 51.83 ? 1   GLN A NE2 1 
ATOM   10   N  N   . VAL A 1 2   ? -12.140 -10.664 -5.027  1.00 24.40 ? 2   VAL A N   1 
ATOM   11   C  CA  . VAL A 1 2   ? -11.564 -9.362  -5.219  1.00 20.91 ? 2   VAL A CA  1 
ATOM   12   C  C   . VAL A 1 2   ? -10.218 -9.616  -5.841  1.00 22.09 ? 2   VAL A C   1 
ATOM   13   O  O   . VAL A 1 2   ? -9.419  -10.348 -5.277  1.00 30.74 ? 2   VAL A O   1 
ATOM   14   C  CB  . VAL A 1 2   ? -11.413 -8.568  -3.900  1.00 18.08 ? 2   VAL A CB  1 
ATOM   15   C  CG1 . VAL A 1 2   ? -10.877 -7.189  -4.205  1.00 22.82 ? 2   VAL A CG1 1 
ATOM   16   C  CG2 . VAL A 1 2   ? -12.788 -8.381  -3.281  1.00 21.76 ? 2   VAL A CG2 1 
ATOM   17   N  N   . GLN A 1 3   ? -9.958  -8.998  -6.988  1.00 15.95 ? 3   GLN A N   1 
ATOM   18   C  CA  . GLN A 1 3   ? -8.610  -8.995  -7.553  1.00 13.02 ? 3   GLN A CA  1 
ATOM   19   C  C   . GLN A 1 3   ? -8.049  -7.576  -7.452  1.00 13.06 ? 3   GLN A C   1 
ATOM   20   O  O   . GLN A 1 3   ? -8.811  -6.587  -7.388  1.00 14.09 ? 3   GLN A O   1 
ATOM   21   C  CB  . GLN A 1 3   ? -8.604  -9.513  -9.002  1.00 15.50 ? 3   GLN A CB  1 
ATOM   22   C  CG  . GLN A 1 3   ? -8.803  -11.034 -8.986  1.00 16.90 ? 3   GLN A CG  1 
ATOM   23   C  CD  . GLN A 1 3   ? -8.620  -11.686 -10.311 1.00 16.43 ? 3   GLN A CD  1 
ATOM   24   O  OE1 . GLN A 1 3   ? -9.576  -12.335 -10.813 1.00 18.82 ? 3   GLN A OE1 1 
ATOM   25   N  NE2 . GLN A 1 3   ? -7.528  -11.461 -10.931 1.00 12.55 ? 3   GLN A NE2 1 
ATOM   26   N  N   . LEU A 1 4   ? -6.717  -7.494  -7.260  1.00 13.03 ? 4   LEU A N   1 
ATOM   27   C  CA  . LEU A 1 4   ? -6.019  -6.244  -6.977  1.00 12.19 ? 4   LEU A CA  1 
ATOM   28   C  C   . LEU A 1 4   ? -4.775  -6.194  -7.816  1.00 11.62 ? 4   LEU A C   1 
ATOM   29   O  O   . LEU A 1 4   ? -4.040  -7.179  -7.879  1.00 14.58 ? 4   LEU A O   1 
ATOM   30   C  CB  . LEU A 1 4   ? -5.608  -6.198  -5.488  1.00 12.26 ? 4   LEU A CB  1 
ATOM   31   C  CG  . LEU A 1 4   ? -6.795  -6.287  -4.513  1.00 12.54 ? 4   LEU A CG  1 
ATOM   32   C  CD1 . LEU A 1 4   ? -6.255  -6.643  -3.120  1.00 16.28 ? 4   LEU A CD1 1 
ATOM   33   C  CD2 . LEU A 1 4   ? -7.400  -4.924  -4.480  1.00 15.46 ? 4   LEU A CD2 1 
ATOM   34   N  N   . VAL A 1 5   ? -4.556  -5.080  -8.509  1.00 12.05 ? 5   VAL A N   1 
ATOM   35   C  CA  . VAL A 1 5   ? -3.422  -4.969  -9.426  1.00 11.91 ? 5   VAL A CA  1 
ATOM   36   C  C   . VAL A 1 5   ? -2.643  -3.683  -9.082  1.00 13.45 ? 5   VAL A C   1 
ATOM   37   O  O   . VAL A 1 5   ? -3.157  -2.563  -9.226  1.00 13.65 ? 5   VAL A O   1 
ATOM   38   C  CB  . VAL A 1 5   ? -3.897  -4.917  -10.881 1.00 14.24 ? 5   VAL A CB  1 
ATOM   39   C  CG1 . VAL A 1 5   ? -2.749  -4.513  -11.790 1.00 15.25 ? 5   VAL A CG1 1 
ATOM   40   C  CG2 . VAL A 1 5   ? -4.445  -6.273  -11.286 1.00 14.92 ? 5   VAL A CG2 1 
ATOM   41   N  N   . GLU A 1 6   ? -1.410  -3.862  -8.597  1.00 13.65 ? 6   GLU A N   1 
ATOM   42   C  CA  . GLU A 1 6   ? -0.533  -2.735  -8.288  1.00 14.86 ? 6   GLU A CA  1 
ATOM   43   C  C   . GLU A 1 6   ? 0.241   -2.303  -9.508  1.00 14.12 ? 6   GLU A C   1 
ATOM   44   O  O   . GLU A 1 6   ? 0.674   -3.117  -10.332 1.00 18.24 ? 6   GLU A O   1 
ATOM   45   C  CB  . GLU A 1 6   ? 0.496   -3.147  -7.197  1.00 15.43 ? 6   GLU A CB  1 
ATOM   46   C  CG  . GLU A 1 6   ? -0.141  -3.654  -5.908  1.00 15.34 ? 6   GLU A CG  1 
ATOM   47   C  CD  . GLU A 1 6   ? -0.210  -5.164  -5.806  1.00 15.81 ? 6   GLU A CD  1 
ATOM   48   O  OE1 . GLU A 1 6   ? -0.433  -5.667  -4.681  1.00 17.66 ? 6   GLU A OE1 1 
ATOM   49   O  OE2 . GLU A 1 6   ? -0.093  -5.829  -6.851  1.00 18.30 ? 6   GLU A OE2 1 
ATOM   50   N  N   . SER A 1 7   ? 0.547   -1.007  -9.544  1.00 15.09 ? 7   SER A N   1 
ATOM   51   C  CA  . SER A 1 7   ? 1.424   -0.485  -10.551 1.00 17.18 ? 7   SER A CA  1 
ATOM   52   C  C   . SER A 1 7   ? 2.202   0.684   -9.980  1.00 14.71 ? 7   SER A C   1 
ATOM   53   O  O   . SER A 1 7   ? 1.879   1.215   -8.888  1.00 14.70 ? 7   SER A O   1 
ATOM   54   C  CB  . SER A 1 7   ? 0.641   -0.052  -11.784 1.00 18.83 ? 7   SER A CB  1 
ATOM   55   O  OG  . SER A 1 7   ? -0.288  0.935   -11.469 1.00 19.78 ? 7   SER A OG  1 
ATOM   56   N  N   . GLY A 1 8   ? 3.244   1.088   -10.701 1.00 15.86 ? 8   GLY A N   1 
ATOM   57   C  CA  . GLY A 1 8   ? 3.991   2.300   -10.342 1.00 16.46 ? 8   GLY A CA  1 
ATOM   58   C  C   . GLY A 1 8   ? 5.340   2.017   -9.714  1.00 18.51 ? 8   GLY A C   1 
ATOM   59   O  O   . GLY A 1 8   ? 6.026   2.967   -9.341  1.00 21.97 ? 8   GLY A O   1 
ATOM   60   N  N   . GLY A 1 9   ? 5.663   0.754   -9.461  1.00 18.44 ? 9   GLY A N   1 
ATOM   61   C  CA  . GLY A 1 9   ? 6.950   0.416   -8.807  1.00 18.71 ? 9   GLY A CA  1 
ATOM   62   C  C   . GLY A 1 9   ? 8.122   0.545   -9.767  1.00 19.55 ? 9   GLY A C   1 
ATOM   63   O  O   . GLY A 1 9   ? 7.958   0.941   -10.919 1.00 24.03 ? 9   GLY A O   1 
ATOM   64   N  N   . GLY A 1 10  ? 9.295   0.124   -9.315  1.00 17.06 ? 10  GLY A N   1 
ATOM   65   C  CA  . GLY A 1 10  ? 10.479  0.129   -10.189 1.00 16.45 ? 10  GLY A CA  1 
ATOM   66   C  C   . GLY A 1 10  ? 11.655  0.698   -9.401  1.00 16.47 ? 10  GLY A C   1 
ATOM   67   O  O   . GLY A 1 10  ? 11.693  0.585   -8.187  1.00 20.50 ? 10  GLY A O   1 
ATOM   68   N  N   . LEU A 1 11  ? 12.430  1.534   -10.052 1.00 16.02 ? 11  LEU A N   1 
ATOM   69   C  CA  . LEU A 1 11  ? 13.763  1.930   -9.531  1.00 14.07 ? 11  LEU A CA  1 
ATOM   70   C  C   . LEU A 1 11  ? 13.695  3.446   -9.320  1.00 15.78 ? 11  LEU A C   1 
ATOM   71   O  O   . LEU A 1 11  ? 13.177  4.209   -10.170 1.00 17.74 ? 11  LEU A O   1 
ATOM   72   C  CB  . LEU A 1 11  ? 14.848  1.611   -10.600 1.00 16.61 ? 11  LEU A CB  1 
ATOM   73   C  CG  . LEU A 1 11  ? 16.277  1.814   -10.195 1.00 19.22 ? 11  LEU A CG  1 
ATOM   74   C  CD1 . LEU A 1 11  ? 16.575  0.879   -9.035  1.00 27.10 ? 11  LEU A CD1 1 
ATOM   75   C  CD2 . LEU A 1 11  ? 17.134  1.392   -11.397 1.00 20.96 ? 11  LEU A CD2 1 
ATOM   76   N  N   . VAL A 1 12  ? 14.184  3.914   -8.187  1.00 13.01 ? 12  VAL A N   1 
ATOM   77   C  CA  . VAL A 1 12  ? 14.139  5.360   -7.899  1.00 13.19 ? 12  VAL A CA  1 
ATOM   78   C  C   . VAL A 1 12  ? 15.390  5.788   -7.111  1.00 13.96 ? 12  VAL A C   1 
ATOM   79   O  O   . VAL A 1 12  ? 15.927  5.004   -6.346  1.00 15.11 ? 12  VAL A O   1 
ATOM   80   C  CB  . VAL A 1 12  ? 12.800  5.740   -7.183  1.00 13.32 ? 12  VAL A CB  1 
ATOM   81   C  CG1 . VAL A 1 12  ? 12.676  5.021   -5.843  1.00 14.83 ? 12  VAL A CG1 1 
ATOM   82   C  CG2 . VAL A 1 12  ? 12.705  7.250   -6.954  1.00 14.87 ? 12  VAL A CG2 1 
ATOM   83   N  N   . GLN A 1 13  ? 15.816  7.027   -7.296  1.00 13.90 ? 13  GLN A N   1 
ATOM   84   C  CA  . GLN A 1 13  ? 16.969  7.598   -6.583  1.00 14.03 ? 13  GLN A CA  1 
ATOM   85   C  C   . GLN A 1 13  ? 16.573  7.812   -5.108  1.00 15.13 ? 13  GLN A C   1 
ATOM   86   O  O   . GLN A 1 13  ? 15.477  8.299   -4.825  1.00 16.19 ? 13  GLN A O   1 
ATOM   87   C  CB  . GLN A 1 13  ? 17.362  8.947   -7.211  1.00 15.38 ? 13  GLN A CB  1 
ATOM   88   C  CG  . GLN A 1 13  ? 18.613  9.605   -6.650  1.00 20.71 ? 13  GLN A CG  1 
ATOM   89   C  CD  . GLN A 1 13  ? 19.911  8.846   -6.958  1.00 22.35 ? 13  GLN A CD  1 
ATOM   90   O  OE1 . GLN A 1 13  ? 20.011  8.108   -7.951  1.00 23.59 ? 13  GLN A OE1 1 
ATOM   91   N  NE2 . GLN A 1 13  ? 20.814  8.865   -5.994  1.00 30.22 ? 13  GLN A NE2 1 
ATOM   92   N  N   . ALA A 1 14  ? 17.480  7.552   -4.161  1.00 14.64 ? 14  ALA A N   1 
ATOM   93   C  CA  . ALA A 1 14  ? 17.218  7.911   -2.777  1.00 14.39 ? 14  ALA A CA  1 
ATOM   94   C  C   . ALA A 1 14  ? 16.994  9.421   -2.653  1.00 13.93 ? 14  ALA A C   1 
ATOM   95   O  O   . ALA A 1 14  ? 17.638  10.248  -3.346  1.00 16.79 ? 14  ALA A O   1 
ATOM   96   C  CB  . ALA A 1 14  ? 18.404  7.490   -1.911  1.00 16.64 ? 14  ALA A CB  1 
ATOM   97   N  N   . GLY A 1 15  ? 15.988  9.764   -1.878  1.00 13.81 ? 15  GLY A N   1 
ATOM   98   C  CA  . GLY A 1 15  ? 15.491  11.154  -1.735  1.00 14.95 ? 15  GLY A CA  1 
ATOM   99   C  C   . GLY A 1 15  ? 14.308  11.396  -2.648  1.00 15.55 ? 15  GLY A C   1 
ATOM   100  O  O   . GLY A 1 15  ? 13.647  12.432  -2.541  1.00 15.24 ? 15  GLY A O   1 
ATOM   101  N  N   . GLY A 1 16  ? 14.097  10.502  -3.615  1.00 14.42 ? 16  GLY A N   1 
ATOM   102  C  CA  . GLY A 1 16  ? 13.066  10.746  -4.616  1.00 14.62 ? 16  GLY A CA  1 
ATOM   103  C  C   . GLY A 1 16  ? 11.679  10.248  -4.218  1.00 13.21 ? 16  GLY A C   1 
ATOM   104  O  O   . GLY A 1 16  ? 11.434  9.910   -3.061  1.00 14.75 ? 16  GLY A O   1 
ATOM   105  N  N   . SER A 1 17  ? 10.785  10.193  -5.202  1.00 14.00 ? 17  SER A N   1 
ATOM   106  C  CA  . SER A 1 17  ? 9.336   9.997   -4.973  1.00 14.48 ? 17  SER A CA  1 
ATOM   107  C  C   . SER A 1 17  ? 8.828   9.013   -5.981  1.00 16.05 ? 17  SER A C   1 
ATOM   108  O  O   . SER A 1 17  ? 9.244   9.041   -7.144  1.00 18.12 ? 17  SER A O   1 
ATOM   109  C  CB  . SER A 1 17  ? 8.553   11.320  -5.169  1.00 20.48 ? 17  SER A CB  1 
ATOM   110  O  OG  . SER A 1 17  ? 8.848   12.230  -4.120  1.00 25.02 ? 17  SER A OG  1 
ATOM   111  N  N   . LEU A 1 18  ? 7.869   8.213   -5.554  1.00 15.79 ? 18  LEU A N   1 
ATOM   112  C  CA  . LEU A 1 18  ? 7.074   7.394   -6.479  1.00 15.18 ? 18  LEU A CA  1 
ATOM   113  C  C   . LEU A 1 18  ? 5.631   7.484   -6.087  1.00 16.66 ? 18  LEU A C   1 
ATOM   114  O  O   . LEU A 1 18  ? 5.339   7.733   -4.970  1.00 17.39 ? 18  LEU A O   1 
ATOM   115  C  CB  . LEU A 1 18  ? 7.475   5.896   -6.344  1.00 19.55 ? 18  LEU A CB  1 
ATOM   116  C  CG  . LEU A 1 18  ? 8.812   5.403   -6.776  1.00 19.70 ? 18  LEU A CG  1 
ATOM   117  C  CD1 . LEU A 1 18  ? 8.966   3.927   -6.468  1.00 20.78 ? 18  LEU A CD1 1 
ATOM   118  C  CD2 . LEU A 1 18  ? 8.902   5.586   -8.291  1.00 21.29 ? 18  LEU A CD2 1 
ATOM   119  N  N   . ARG A 1 19  ? 4.707   7.148   -6.985  1.00 13.68 ? 19  ARG A N   1 
ATOM   120  C  CA  . ARG A 1 19  ? 3.314   6.969   -6.593  1.00 14.62 ? 19  ARG A CA  1 
ATOM   121  C  C   . ARG A 1 19  ? 2.847   5.613   -7.074  1.00 14.79 ? 19  ARG A C   1 
ATOM   122  O  O   . ARG A 1 19  ? 2.955   5.291   -8.277  1.00 17.45 ? 19  ARG A O   1 
ATOM   123  C  CB  . ARG A 1 19  ? 2.411   8.068   -7.197  1.00 15.74 ? 19  ARG A CB  1 
ATOM   124  C  CG  . ARG A 1 19  ? 0.905   7.936   -6.893  1.00 18.17 ? 19  ARG A CG  1 
ATOM   125  C  CD  . ARG A 1 19  ? 0.236   9.025   -7.752  1.00 22.63 ? 19  ARG A CD  1 
ATOM   126  N  NE  . ARG A 1 19  ? -1.162  9.334   -7.466  1.00 30.77 ? 19  ARG A NE  1 
ATOM   127  C  CZ  . ARG A 1 19  ? -2.136  9.308   -8.388  1.00 28.50 ? 19  ARG A CZ  1 
ATOM   128  N  NH1 . ARG A 1 19  ? -1.904  8.802   -9.590  1.00 27.50 ? 19  ARG A NH1 1 
ATOM   129  N  NH2 . ARG A 1 19  ? -3.382  9.584   -8.023  1.00 36.05 ? 19  ARG A NH2 1 
ATOM   130  N  N   . LEU A 1 20  ? 2.443   4.778   -6.138  1.00 12.92 ? 20  LEU A N   1 
ATOM   131  C  CA  . LEU A 1 20  ? 1.866   3.479   -6.493  1.00 12.79 ? 20  LEU A CA  1 
ATOM   132  C  C   . LEU A 1 20  ? 0.380   3.615   -6.633  1.00 13.30 ? 20  LEU A C   1 
ATOM   133  O  O   . LEU A 1 20  ? -0.264  4.407   -5.921  1.00 13.03 ? 20  LEU A O   1 
ATOM   134  C  CB  . LEU A 1 20  ? 2.176   2.427   -5.424  1.00 13.99 ? 20  LEU A CB  1 
ATOM   135  C  CG  . LEU A 1 20  ? 3.627   2.322   -4.960  1.00 12.83 ? 20  LEU A CG  1 
ATOM   136  C  CD1 . LEU A 1 20  ? 3.784   1.158   -3.971  1.00 13.70 ? 20  LEU A CD1 1 
ATOM   137  C  CD2 . LEU A 1 20  ? 4.546   2.139   -6.177  1.00 14.68 ? 20  LEU A CD2 1 
ATOM   138  N  N   . SER A 1 21  ? -0.192  2.733   -7.480  1.00 14.48 ? 21  SER A N   1 
ATOM   139  C  CA  . SER A 1 21  ? -1.647  2.653   -7.675  1.00 14.18 ? 21  SER A CA  1 
ATOM   140  C  C   . SER A 1 21  ? -2.062  1.213   -7.491  1.00 13.46 ? 21  SER A C   1 
ATOM   141  O  O   . SER A 1 21  ? -1.258  0.282   -7.742  1.00 13.90 ? 21  SER A O   1 
ATOM   142  C  CB  . SER A 1 21  ? -2.011  3.044   -9.100  1.00 17.17 ? 21  SER A CB  1 
ATOM   143  O  OG  . SER A 1 21  ? -1.646  4.381   -9.364  1.00 22.23 ? 21  SER A OG  1 
ATOM   144  N  N   . CYS A 1 22  ? -3.238  1.027   -6.956  1.00 13.69 ? 22  CYS A N   1 
ATOM   145  C  CA  . CYS A 1 22  ? -3.864  -0.269  -6.834  1.00 14.32 ? 22  CYS A CA  1 
ATOM   146  C  C   . CYS A 1 22  ? -5.285  -0.204  -7.385  1.00 15.61 ? 22  CYS A C   1 
ATOM   147  O  O   . CYS A 1 22  ? -6.082  0.436   -6.846  1.00 15.97 ? 22  CYS A O   1 
ATOM   148  C  CB  . CYS A 1 22  ? -3.906  -0.648  -5.392  1.00 15.05 ? 22  CYS A CB  1 
ATOM   149  S  SG  . CYS A 1 22  ? -4.822  -2.164  -5.069  1.00 20.56 ? 22  CYS A SG  1 
ATOM   150  N  N   . ALA A 1 23  ? -5.493  -0.902  -8.484  1.00 16.61 ? 23  ALA A N   1 
ATOM   151  C  CA  . ALA A 1 23  ? -6.817  -1.061  -9.117  1.00 16.98 ? 23  ALA A CA  1 
ATOM   152  C  C   . ALA A 1 23  ? -7.490  -2.295  -8.491  1.00 15.88 ? 23  ALA A C   1 
ATOM   153  O  O   . ALA A 1 23  ? -6.900  -3.371  -8.376  1.00 15.37 ? 23  ALA A O   1 
ATOM   154  C  CB  . ALA A 1 23  ? -6.633  -1.273  -10.613 1.00 19.41 ? 23  ALA A CB  1 
ATOM   155  N  N   . ALA A 1 24  ? -8.755  -2.159  -8.069  1.00 15.78 ? 24  ALA A N   1 
ATOM   156  C  CA  . ALA A 1 24  ? -9.486  -3.266  -7.442  1.00 14.99 ? 24  ALA A CA  1 
ATOM   157  C  C   . ALA A 1 24  ? -10.735 -3.610  -8.231  1.00 16.80 ? 24  ALA A C   1 
ATOM   158  O  O   . ALA A 1 24  ? -11.373 -2.714  -8.826  1.00 18.51 ? 24  ALA A O   1 
ATOM   159  C  CB  . ALA A 1 24  ? -9.923  -2.887  -6.019  1.00 18.05 ? 24  ALA A CB  1 
ATOM   160  N  N   . SER A 1 25  ? -11.108 -4.897  -8.199  1.00 17.04 ? 25  SER A N   1 
ATOM   161  C  CA  . SER A 1 25  ? -12.312 -5.383  -8.918  1.00 20.68 ? 25  SER A CA  1 
ATOM   162  C  C   . SER A 1 25  ? -13.601 -5.351  -8.128  1.00 36.53 ? 25  SER A C   1 
ATOM   163  O  O   . SER A 1 25  ? -14.683 -5.095  -8.683  1.00 43.68 ? 25  SER A O   1 
ATOM   164  C  CB  . SER A 1 25  ? -12.021 -6.792  -9.494  1.00 20.45 ? 25  SER A CB  1 
ATOM   165  O  OG  . SER A 1 25  ? -11.904 -7.746  -8.456  1.00 30.40 ? 25  SER A OG  1 
ATOM   166  N  N   . GLY A 1 26  ? -13.509 -5.616  -6.845  1.00 32.16 ? 26  GLY A N   1 
ATOM   167  C  CA  . GLY A 1 26  ? -14.707 -5.788  -6.015  1.00 34.49 ? 26  GLY A CA  1 
ATOM   168  C  C   . GLY A 1 26  ? -14.617 -4.896  -4.786  1.00 34.21 ? 26  GLY A C   1 
ATOM   169  O  O   . GLY A 1 26  ? -13.765 -4.000  -4.717  1.00 38.30 ? 26  GLY A O   1 
ATOM   170  N  N   . TYR A 1 27  ? -15.439 -5.171  -3.777  1.00 31.29 ? 27  TYR A N   1 
ATOM   171  C  CA  . TYR A 1 27  ? -15.452 -4.283  -2.611  1.00 31.61 ? 27  TYR A CA  1 
ATOM   172  C  C   . TYR A 1 27  ? -14.911 -4.937  -1.342  1.00 29.01 ? 27  TYR A C   1 
ATOM   173  O  O   . TYR A 1 27  ? -15.007 -6.168  -1.184  1.00 26.98 ? 27  TYR A O   1 
ATOM   174  C  CB  . TYR A 1 27  ? -16.830 -3.654  -2.437  1.00 32.60 ? 27  TYR A CB  1 
ATOM   175  C  CG  . TYR A 1 27  ? -17.138 -2.813  -3.640  1.00 47.69 ? 27  TYR A CG  1 
ATOM   176  C  CD1 . TYR A 1 27  ? -16.458 -1.607  -3.850  1.00 47.88 ? 27  TYR A CD1 1 
ATOM   177  C  CD2 . TYR A 1 27  ? -17.893 -3.335  -4.693  1.00 55.33 ? 27  TYR A CD2 1 
ATOM   178  C  CE1 . TYR A 1 27  ? -16.652 -0.870  -5.013  1.00 50.93 ? 27  TYR A CE1 1 
ATOM   179  C  CE2 . TYR A 1 27  ? -18.098 -2.605  -5.857  1.00 57.71 ? 27  TYR A CE2 1 
ATOM   180  C  CZ  . TYR A 1 27  ? -17.474 -1.377  -6.011  1.00 58.58 ? 27  TYR A CZ  1 
ATOM   181  O  OH  . TYR A 1 27  ? -17.671 -0.657  -7.162  1.00 65.37 ? 27  TYR A OH  1 
ATOM   182  N  N   . PRO A 1 28  ? -14.262 -4.133  -0.472  1.00 28.16 ? 28  PRO A N   1 
ATOM   183  C  CA  . PRO A 1 28  ? -13.610 -4.784  0.664   1.00 27.04 ? 28  PRO A CA  1 
ATOM   184  C  C   . PRO A 1 28  ? -14.615 -5.439  1.646   1.00 26.52 ? 28  PRO A C   1 
ATOM   185  O  O   . PRO A 1 28  ? -15.711 -4.905  1.906   1.00 25.86 ? 28  PRO A O   1 
ATOM   186  C  CB  . PRO A 1 28  ? -12.809 -3.640  1.320   1.00 29.00 ? 28  PRO A CB  1 
ATOM   187  C  CG  . PRO A 1 28  ? -13.499 -2.384  0.882   1.00 30.49 ? 28  PRO A CG  1 
ATOM   188  C  CD  . PRO A 1 28  ? -14.009 -2.681  -0.507  1.00 34.76 ? 28  PRO A CD  1 
ATOM   189  N  N   . HIS A 1 29  ? -14.302 -6.675  2.009   1.00 22.19 ? 29  HIS A N   1 
ATOM   190  C  CA  . HIS A 1 29  ? -14.992 -7.428  3.071   1.00 24.81 ? 29  HIS A CA  1 
ATOM   191  C  C   . HIS A 1 29  ? -13.981 -8.358  3.769   1.00 24.21 ? 29  HIS A C   1 
ATOM   192  O  O   . HIS A 1 29  ? -12.932 -8.680  3.187   1.00 20.42 ? 29  HIS A O   1 
ATOM   193  C  CB  . HIS A 1 29  ? -16.081 -8.262  2.410   1.00 27.60 ? 29  HIS A CB  1 
ATOM   194  C  CG  . HIS A 1 29  ? -15.557 -9.150  1.326   1.00 31.72 ? 29  HIS A CG  1 
ATOM   195  N  ND1 . HIS A 1 29  ? -15.424 -8.728  0.032   1.00 29.97 ? 29  HIS A ND1 1 
ATOM   196  C  CD2 . HIS A 1 29  ? -14.912 -10.374 1.405   1.00 36.78 ? 29  HIS A CD2 1 
ATOM   197  C  CE1 . HIS A 1 29  ? -14.839 -9.703  -0.677  1.00 24.37 ? 29  HIS A CE1 1 
ATOM   198  N  NE2 . HIS A 1 29  ? -14.532 -10.708 0.164   1.00 34.80 ? 29  HIS A NE2 1 
ATOM   199  N  N   . PRO A 1 30  ? -14.257 -8.825  5.014   1.00 21.05 ? 30  PRO A N   1 
ATOM   200  C  CA  . PRO A 1 30  ? -15.446 -8.468  5.829   1.00 22.65 ? 30  PRO A CA  1 
ATOM   201  C  C   . PRO A 1 30  ? -15.333 -7.101  6.509   1.00 25.73 ? 30  PRO A C   1 
ATOM   202  O  O   . PRO A 1 30  ? -16.305 -6.616  7.094   1.00 23.76 ? 30  PRO A O   1 
ATOM   203  C  CB  . PRO A 1 30  ? -15.495 -9.578  6.890   1.00 27.42 ? 30  PRO A CB  1 
ATOM   204  C  CG  . PRO A 1 30  ? -14.113 -10.132 6.969   1.00 26.61 ? 30  PRO A CG  1 
ATOM   205  C  CD  . PRO A 1 30  ? -13.378 -9.793  5.689   1.00 24.51 ? 30  PRO A CD  1 
ATOM   206  N  N   . TYR A 1 31  ? -14.182 -6.453  6.418   1.00 19.01 ? 31  TYR A N   1 
ATOM   207  C  CA  . TYR A 1 31  ? -14.049 -5.086  6.880   1.00 21.32 ? 31  TYR A CA  1 
ATOM   208  C  C   . TYR A 1 31  ? -13.725 -4.191  5.708   1.00 20.66 ? 31  TYR A C   1 
ATOM   209  O  O   . TYR A 1 31  ? -13.673 -4.655  4.558   1.00 24.22 ? 31  TYR A O   1 
ATOM   210  C  CB  . TYR A 1 31  ? -12.947 -4.966  7.959   1.00 22.98 ? 31  TYR A CB  1 
ATOM   211  C  CG  . TYR A 1 31  ? -13.164 -5.858  9.132   1.00 26.86 ? 31  TYR A CG  1 
ATOM   212  C  CD1 . TYR A 1 31  ? -14.108 -5.534  10.105  1.00 33.18 ? 31  TYR A CD1 1 
ATOM   213  C  CD2 . TYR A 1 31  ? -12.484 -7.072  9.252   1.00 27.80 ? 31  TYR A CD2 1 
ATOM   214  C  CE1 . TYR A 1 31  ? -14.374 -6.395  11.160  1.00 31.92 ? 31  TYR A CE1 1 
ATOM   215  C  CE2 . TYR A 1 31  ? -12.734 -7.935  10.326  1.00 28.27 ? 31  TYR A CE2 1 
ATOM   216  C  CZ  . TYR A 1 31  ? -13.690 -7.594  11.259  1.00 35.20 ? 31  TYR A CZ  1 
ATOM   217  O  OH  . TYR A 1 31  ? -13.915 -8.424  12.342  1.00 42.59 ? 31  TYR A OH  1 
ATOM   218  N  N   . LEU A 1 32  ? -13.623 -2.908  5.970   1.00 23.13 ? 32  LEU A N   1 
ATOM   219  C  CA  . LEU A 1 32  ? -13.828 -1.979  4.880   1.00 25.81 ? 32  LEU A CA  1 
ATOM   220  C  C   . LEU A 1 32  ? -12.577 -1.222  4.574   1.00 21.96 ? 32  LEU A C   1 
ATOM   221  O  O   . LEU A 1 32  ? -12.556 -0.367  3.635   1.00 23.59 ? 32  LEU A O   1 
ATOM   222  C  CB  . LEU A 1 32  ? -14.995 -1.045  5.206   1.00 25.34 ? 32  LEU A CB  1 
ATOM   223  C  CG  . LEU A 1 32  ? -16.378 -1.728  5.171   1.00 34.13 ? 32  LEU A CG  1 
ATOM   224  C  CD1 . LEU A 1 32  ? -17.425 -0.763  5.647   1.00 31.77 ? 32  LEU A CD1 1 
ATOM   225  C  CD2 . LEU A 1 32  ? -16.740 -2.287  3.796   1.00 33.18 ? 32  LEU A CD2 1 
ATOM   226  N  N   . HIS A 1 33  ? -11.467 -1.665  5.190   1.00 19.75 ? 33  HIS A N   1 
ATOM   227  C  CA  . HIS A 1 33  ? -10.213 -0.976  4.914   1.00 17.20 ? 33  HIS A CA  1 
ATOM   228  C  C   . HIS A 1 33  ? -9.487  -1.484  3.675   1.00 16.25 ? 33  HIS A C   1 
ATOM   229  O  O   . HIS A 1 33  ? -9.592  -2.659  3.301   1.00 16.62 ? 33  HIS A O   1 
ATOM   230  C  CB  . HIS A 1 33  ? -9.299  -0.945  6.132   1.00 18.68 ? 33  HIS A CB  1 
ATOM   231  C  CG  . HIS A 1 33  ? -9.881  -0.231  7.345   1.00 19.37 ? 33  HIS A CG  1 
ATOM   232  N  ND1 . HIS A 1 33  ? -11.184 -0.254  7.675   1.00 28.02 ? 33  HIS A ND1 1 
ATOM   233  C  CD2 . HIS A 1 33  ? -9.232  0.414   8.359   1.00 22.54 ? 33  HIS A CD2 1 
ATOM   234  C  CE1 . HIS A 1 33  ? -11.359 0.442   8.825   1.00 21.17 ? 33  HIS A CE1 1 
ATOM   235  N  NE2 . HIS A 1 33  ? -10.160 0.882   9.215   1.00 27.72 ? 33  HIS A NE2 1 
ATOM   236  N  N   . MET A 1 34  ? -8.751  -0.572  3.040   1.00 16.11 ? 34  MET A N   1 
ATOM   237  C  CA  . MET A 1 34  ? -7.727  -0.916  2.035   1.00 15.33 ? 34  MET A CA  1 
ATOM   238  C  C   . MET A 1 34  ? -6.390  -0.551  2.640   1.00 17.42 ? 34  MET A C   1 
ATOM   239  O  O   . MET A 1 34  ? -6.239  0.550   3.210   1.00 17.84 ? 34  MET A O   1 
ATOM   240  C  CB  . MET A 1 34  ? -7.927  -0.078  0.763   1.00 20.54 ? 34  MET A CB  1 
ATOM   241  C  CG  . MET A 1 34  ? -9.302  -0.169  0.166   1.00 25.09 ? 34  MET A CG  1 
ATOM   242  S  SD  . MET A 1 34  ? -9.602  -1.786  -0.552  1.00 26.63 ? 34  MET A SD  1 
ATOM   243  C  CE  . MET A 1 34  ? -8.342  -1.856  -1.828  1.00 26.45 ? 34  MET A CE  1 
ATOM   244  N  N   . GLY A 1 35  ? -5.388  -1.367  2.340   1.00 15.49 ? 35  GLY A N   1 
ATOM   245  C  CA  . GLY A 1 35  ? -4.106  -1.217  2.998   1.00 16.25 ? 35  GLY A CA  1 
ATOM   246  C  C   . GLY A 1 35  ? -2.962  -1.420  2.036   1.00 14.82 ? 35  GLY A C   1 
ATOM   247  O  O   . GLY A 1 35  ? -3.096  -2.124  1.024   1.00 16.04 ? 35  GLY A O   1 
ATOM   248  N  N   . TRP A 1 36  ? -1.849  -0.725  2.320   1.00 13.48 ? 36  TRP A N   1 
ATOM   249  C  CA  . TRP A 1 36  ? -0.550  -1.029  1.667   1.00 11.85 ? 36  TRP A CA  1 
ATOM   250  C  C   . TRP A 1 36  ? 0.345   -1.628  2.694   1.00 11.68 ? 36  TRP A C   1 
ATOM   251  O  O   . TRP A 1 36  ? 0.436   -1.106  3.844   1.00 13.49 ? 36  TRP A O   1 
ATOM   252  C  CB  . TRP A 1 36  ? 0.066   0.291   1.188   1.00 12.24 ? 36  TRP A CB  1 
ATOM   253  C  CG  . TRP A 1 36  ? -0.592  0.852   -0.039  1.00 13.66 ? 36  TRP A CG  1 
ATOM   254  C  CD1 . TRP A 1 36  ? -1.537  1.886   -0.119  1.00 15.43 ? 36  TRP A CD1 1 
ATOM   255  C  CD2 . TRP A 1 36  ? -0.359  0.423   -1.396  1.00 13.98 ? 36  TRP A CD2 1 
ATOM   256  N  NE1 . TRP A 1 36  ? -1.910  2.111   -1.444  1.00 15.55 ? 36  TRP A NE1 1 
ATOM   257  C  CE2 . TRP A 1 36  ? -1.181  1.282   -2.263  1.00 13.66 ? 36  TRP A CE2 1 
ATOM   258  C  CE3 . TRP A 1 36  ? 0.458   -0.568  -1.987  1.00 13.16 ? 36  TRP A CE3 1 
ATOM   259  C  CZ2 . TRP A 1 36  ? -1.224  1.095   -3.647  1.00 17.39 ? 36  TRP A CZ2 1 
ATOM   260  C  CZ3 . TRP A 1 36  ? 0.484   -0.673  -3.399  1.00 15.15 ? 36  TRP A CZ3 1 
ATOM   261  C  CH2 . TRP A 1 36  ? -0.361  0.146   -4.205  1.00 15.69 ? 36  TRP A CH2 1 
ATOM   262  N  N   . PHE A 1 37  ? 0.974   -2.730  2.313   1.00 12.94 ? 37  PHE A N   1 
ATOM   263  C  CA  . PHE A 1 37  ? 1.966   -3.403  3.118   1.00 12.94 ? 37  PHE A CA  1 
ATOM   264  C  C   . PHE A 1 37  ? 3.240   -3.586  2.316   1.00 12.87 ? 37  PHE A C   1 
ATOM   265  O  O   . PHE A 1 37  ? 3.250   -3.356  1.094   1.00 14.40 ? 37  PHE A O   1 
ATOM   266  C  CB  . PHE A 1 37  ? 1.420   -4.783  3.498   1.00 14.18 ? 37  PHE A CB  1 
ATOM   267  C  CG  . PHE A 1 37  ? 0.213   -4.726  4.378   1.00 13.70 ? 37  PHE A CG  1 
ATOM   268  C  CD1 . PHE A 1 37  ? -1.071  -4.471  3.860   1.00 13.27 ? 37  PHE A CD1 1 
ATOM   269  C  CD2 . PHE A 1 37  ? 0.361   -4.934  5.751   1.00 15.02 ? 37  PHE A CD2 1 
ATOM   270  C  CE1 . PHE A 1 37  ? -2.168  -4.351  4.730   1.00 15.10 ? 37  PHE A CE1 1 
ATOM   271  C  CE2 . PHE A 1 37  ? -0.729  -4.857  6.595   1.00 14.76 ? 37  PHE A CE2 1 
ATOM   272  C  CZ  . PHE A 1 37  ? -1.986  -4.586  6.076   1.00 15.58 ? 37  PHE A CZ  1 
ATOM   273  N  N   . ARG A 1 38  ? 4.330   -3.940  2.967   1.00 13.79 ? 38  ARG A N   1 
ATOM   274  C  CA  . ARG A 1 38  ? 5.542   -4.190  2.202   1.00 13.07 ? 38  ARG A CA  1 
ATOM   275  C  C   . ARG A 1 38  ? 6.290   -5.325  2.857   1.00 14.02 ? 38  ARG A C   1 
ATOM   276  O  O   . ARG A 1 38  ? 6.200   -5.530  4.074   1.00 15.58 ? 38  ARG A O   1 
ATOM   277  C  CB  . ARG A 1 38  ? 6.418   -2.911  2.127   1.00 12.17 ? 38  ARG A CB  1 
ATOM   278  C  CG  . ARG A 1 38  ? 7.022   -2.439  3.426   1.00 14.91 ? 38  ARG A CG  1 
ATOM   279  C  CD  . ARG A 1 38  ? 7.703   -1.100  3.217   1.00 14.29 ? 38  ARG A CD  1 
ATOM   280  N  NE  . ARG A 1 38  ? 8.240   -0.659  4.515   1.00 17.43 ? 38  ARG A NE  1 
ATOM   281  C  CZ  . ARG A 1 38  ? 8.911   0.473   4.675   1.00 16.77 ? 38  ARG A CZ  1 
ATOM   282  N  NH1 . ARG A 1 38  ? 9.085   1.296   3.647   1.00 17.20 ? 38  ARG A NH1 1 
ATOM   283  N  NH2 . ARG A 1 38  ? 9.385   0.809   5.884   1.00 21.50 ? 38  ARG A NH2 1 
ATOM   284  N  N   . GLN A 1 39  ? 7.071   -6.007  2.063   1.00 15.46 ? 39  GLN A N   1 
ATOM   285  C  CA  . GLN A 1 39  ? 7.867   -7.101  2.591   1.00 15.62 ? 39  GLN A CA  1 
ATOM   286  C  C   . GLN A 1 39  ? 9.183   -7.122  1.882   1.00 16.64 ? 39  GLN A C   1 
ATOM   287  O  O   . GLN A 1 39  ? 9.267   -7.152  0.655   1.00 17.89 ? 39  GLN A O   1 
ATOM   288  C  CB  . GLN A 1 39  ? 7.124   -8.440  2.486   1.00 19.35 ? 39  GLN A CB  1 
ATOM   289  C  CG  . GLN A 1 39  ? 7.814   -9.576  3.276   1.00 20.12 ? 39  GLN A CG  1 
ATOM   290  C  CD  . GLN A 1 39  ? 6.898   -10.743 3.554   1.00 22.68 ? 39  GLN A CD  1 
ATOM   291  O  OE1 . GLN A 1 39  ? 5.814   -10.868 2.959   1.00 23.34 ? 39  GLN A OE1 1 
ATOM   292  N  NE2 . GLN A 1 39  ? 7.387   -11.681 4.359   1.00 26.95 ? 39  GLN A NE2 1 
ATOM   293  N  N   . ALA A 1 40  ? 10.223  -6.970  2.703   1.00 18.69 ? 40  ALA A N   1 
ATOM   294  C  CA  . ALA A 1 40  ? 11.607  -7.067  2.243   1.00 22.69 ? 40  ALA A CA  1 
ATOM   295  C  C   . ALA A 1 40  ? 12.140  -8.465  2.535   1.00 24.18 ? 40  ALA A C   1 
ATOM   296  O  O   . ALA A 1 40  ? 11.677  -9.115  3.453   1.00 23.03 ? 40  ALA A O   1 
ATOM   297  C  CB  . ALA A 1 40  ? 12.442  -6.019  2.965   1.00 22.89 ? 40  ALA A CB  1 
ATOM   298  N  N   . PRO A 1 41  ? 13.104  -8.932  1.746   1.00 28.92 ? 41  PRO A N   1 
ATOM   299  C  CA  . PRO A 1 41  ? 13.676  -10.285 1.912   1.00 32.57 ? 41  PRO A CA  1 
ATOM   300  C  C   . PRO A 1 41  ? 14.146  -10.542 3.334   1.00 30.97 ? 41  PRO A C   1 
ATOM   301  O  O   . PRO A 1 41  ? 14.772  -9.672  3.947   1.00 34.97 ? 41  PRO A O   1 
ATOM   302  C  CB  . PRO A 1 41  ? 14.883  -10.260 0.979   1.00 36.30 ? 41  PRO A CB  1 
ATOM   303  C  CG  . PRO A 1 41  ? 14.535  -9.221  -0.055  1.00 40.86 ? 41  PRO A CG  1 
ATOM   304  C  CD  . PRO A 1 41  ? 13.809  -8.152  0.708   1.00 33.76 ? 41  PRO A CD  1 
ATOM   305  N  N   . GLY A 1 42  ? 13.774  -11.698 3.889   1.00 29.44 ? 42  GLY A N   1 
ATOM   306  C  CA  . GLY A 1 42  ? 14.196  -12.101 5.233   1.00 27.99 ? 42  GLY A CA  1 
ATOM   307  C  C   . GLY A 1 42  ? 13.411  -11.462 6.342   1.00 29.48 ? 42  GLY A C   1 
ATOM   308  O  O   . GLY A 1 42  ? 13.691  -11.701 7.529   1.00 31.19 ? 42  GLY A O   1 
ATOM   309  N  N   . LYS A 1 43  ? 12.403  -10.651 5.979   1.00 24.72 ? 43  LYS A N   1 
ATOM   310  C  CA  . LYS A 1 43  ? 11.683  -9.886  6.995   1.00 24.87 ? 43  LYS A CA  1 
ATOM   311  C  C   . LYS A 1 43  ? 10.207  -10.216 7.007   1.00 19.70 ? 43  LYS A C   1 
ATOM   312  O  O   . LYS A 1 43  ? 9.691   -10.826 6.048   1.00 23.48 ? 43  LYS A O   1 
ATOM   313  C  CB  . LYS A 1 43  ? 11.934  -8.379  6.845   1.00 27.67 ? 43  LYS A CB  1 
ATOM   314  C  CG  . LYS A 1 43  ? 13.400  -7.967  7.012   1.00 35.20 ? 43  LYS A CG  1 
ATOM   315  C  CD  . LYS A 1 43  ? 13.628  -7.198  8.304   1.00 38.06 ? 43  LYS A CD  1 
ATOM   316  C  CE  . LYS A 1 43  ? 12.473  -6.253  8.610   0.50 38.75 ? 43  LYS A CE  1 
ATOM   317  N  NZ  . LYS A 1 43  ? 12.485  -5.802  10.031  0.50 41.52 ? 43  LYS A NZ  1 
ATOM   318  N  N   . GLU A 1 44  ? 9.555   -9.887  8.116   1.00 22.48 ? 44  GLU A N   1 
ATOM   319  C  CA  . GLU A 1 44  ? 8.115   -9.997  8.228   1.00 21.80 ? 44  GLU A CA  1 
ATOM   320  C  C   . GLU A 1 44  ? 7.463   -8.936  7.338   1.00 19.37 ? 44  GLU A C   1 
ATOM   321  O  O   . GLU A 1 44  ? 7.999   -7.823  7.163   1.00 22.22 ? 44  GLU A O   1 
ATOM   322  C  CB  . GLU A 1 44  ? 7.648   -9.736  9.678   1.00 28.94 ? 44  GLU A CB  1 
ATOM   323  C  CG  . GLU A 1 44  ? 8.131   -10.727 10.729  1.00 31.07 ? 44  GLU A CG  1 
ATOM   324  C  CD  . GLU A 1 44  ? 7.638   -12.148 10.480  1.00 43.37 ? 44  GLU A CD  1 
ATOM   325  O  OE1 . GLU A 1 44  ? 8.264   -13.103 11.017  1.00 44.64 ? 44  GLU A OE1 1 
ATOM   326  O  OE2 . GLU A 1 44  ? 6.631   -12.311 9.755   1.00 50.35 ? 44  GLU A OE2 1 
ATOM   327  N  N   . ARG A 1 45  ? 6.268   -9.249  6.841   1.00 23.07 ? 45  ARG A N   1 
ATOM   328  C  CA  . ARG A 1 45  ? 5.468   -8.227  6.168   1.00 20.15 ? 45  ARG A CA  1 
ATOM   329  C  C   . ARG A 1 45  ? 5.088   -7.142  7.146   1.00 20.88 ? 45  ARG A C   1 
ATOM   330  O  O   . ARG A 1 45  ? 4.720   -7.400  8.300   1.00 21.40 ? 45  ARG A O   1 
ATOM   331  C  CB  . ARG A 1 45  ? 4.221   -8.861  5.560   1.00 18.64 ? 45  ARG A CB  1 
ATOM   332  C  CG  . ARG A 1 45  ? 3.541   -7.973  4.516   1.00 17.69 ? 45  ARG A CG  1 
ATOM   333  C  CD  . ARG A 1 45  ? 2.555   -8.756  3.652   1.00 19.01 ? 45  ARG A CD  1 
ATOM   334  N  NE  . ARG A 1 45  ? 3.145   -9.851  2.883   1.00 18.82 ? 45  ARG A NE  1 
ATOM   335  C  CZ  . ARG A 1 45  ? 2.449   -10.711 2.158   1.00 19.88 ? 45  ARG A CZ  1 
ATOM   336  N  NH1 . ARG A 1 45  ? 1.134   -10.561 2.038   1.00 20.31 ? 45  ARG A NH1 1 
ATOM   337  N  NH2 . ARG A 1 45  ? 3.075   -11.711 1.534   1.00 21.63 ? 45  ARG A NH2 1 
ATOM   338  N  N   . GLU A 1 46  ? 5.166   -5.906  6.668   1.00 17.38 ? 46  GLU A N   1 
ATOM   339  C  CA  . GLU A 1 46  ? 4.967   -4.754  7.499   1.00 21.23 ? 46  GLU A CA  1 
ATOM   340  C  C   . GLU A 1 46  ? 3.834   -3.901  6.926   1.00 18.64 ? 46  GLU A C   1 
ATOM   341  O  O   . GLU A 1 46  ? 3.797   -3.599  5.725   1.00 17.40 ? 46  GLU A O   1 
ATOM   342  C  CB  . GLU A 1 46  ? 6.282   -3.959  7.556   1.00 24.81 ? 46  GLU A CB  1 
ATOM   343  C  CG  . GLU A 1 46  ? 6.153   -2.509  7.956   1.00 34.96 ? 46  GLU A CG  1 
ATOM   344  C  CD  . GLU A 1 46  ? 7.474   -1.740  7.892   1.00 34.80 ? 46  GLU A CD  1 
ATOM   345  O  OE1 . GLU A 1 46  ? 7.593   -0.773  8.685   1.00 45.70 ? 46  GLU A OE1 1 
ATOM   346  O  OE2 . GLU A 1 46  ? 8.372   -2.070  7.056   1.00 32.19 ? 46  GLU A OE2 1 
ATOM   347  N  N   . GLY A 1 47  ? 2.912   -3.456  7.765   1.00 19.54 ? 47  GLY A N   1 
ATOM   348  C  CA  . GLY A 1 47  ? 1.974   -2.459  7.322   1.00 19.03 ? 47  GLY A CA  1 
ATOM   349  C  C   . GLY A 1 47  ? 2.614   -1.112  7.068   1.00 19.31 ? 47  GLY A C   1 
ATOM   350  O  O   . GLY A 1 47  ? 3.582   -0.693  7.748   1.00 23.49 ? 47  GLY A O   1 
ATOM   351  N  N   . VAL A 1 48  ? 2.110   -0.437  6.063   1.00 14.72 ? 48  VAL A N   1 
ATOM   352  C  CA  . VAL A 1 48  ? 2.653   0.862   5.658   1.00 16.53 ? 48  VAL A CA  1 
ATOM   353  C  C   . VAL A 1 48  ? 1.583   1.936   5.883   1.00 15.54 ? 48  VAL A C   1 
ATOM   354  O  O   . VAL A 1 48  ? 1.828   2.946   6.517   1.00 16.31 ? 48  VAL A O   1 
ATOM   355  C  CB  . VAL A 1 48  ? 3.121   0.792   4.138   1.00 16.14 ? 48  VAL A CB  1 
ATOM   356  C  CG1 . VAL A 1 48  ? 3.522   2.161   3.617   1.00 18.19 ? 48  VAL A CG1 1 
ATOM   357  C  CG2 . VAL A 1 48  ? 4.250   -0.237  3.967   1.00 20.16 ? 48  VAL A CG2 1 
ATOM   358  N  N   . ALA A 1 49  ? 0.413   1.791   5.264   1.00 14.20 ? 49  ALA A N   1 
ATOM   359  C  CA  . ALA A 1 49  ? -0.647  2.762   5.349   1.00 14.85 ? 49  ALA A CA  1 
ATOM   360  C  C   . ALA A 1 49  ? -1.996  2.073   5.108   1.00 15.94 ? 49  ALA A C   1 
ATOM   361  O  O   . ALA A 1 49  ? -2.057  1.091   4.334   1.00 17.32 ? 49  ALA A O   1 
ATOM   362  C  CB  . ALA A 1 49  ? -0.445  3.889   4.346   1.00 17.13 ? 49  ALA A CB  1 
ATOM   363  N  N   . ALA A 1 50  ? -3.059  2.552   5.741   1.00 16.08 ? 50  ALA A N   1 
ATOM   364  C  CA  . ALA A 1 50  ? -4.377  2.015   5.442   1.00 16.10 ? 50  ALA A CA  1 
ATOM   365  C  C   . ALA A 1 50  ? -5.411  3.096   5.508   1.00 18.28 ? 50  ALA A C   1 
ATOM   366  O  O   . ALA A 1 50  ? -5.185  4.153   6.142   1.00 18.49 ? 50  ALA A O   1 
ATOM   367  C  CB  . ALA A 1 50  ? -4.732  0.877   6.396   1.00 18.66 ? 50  ALA A CB  1 
ATOM   368  N  N   . MET A 1 51  ? -6.519  2.877   4.821   1.00 16.85 ? 51  MET A N   1 
ATOM   369  C  CA  . MET A 1 51  ? -7.628  3.836   4.885   1.00 18.27 ? 51  MET A CA  1 
ATOM   370  C  C   . MET A 1 51  ? -8.956  3.164   4.848   1.00 20.39 ? 51  MET A C   1 
ATOM   371  O  O   . MET A 1 51  ? -9.135  2.058   4.317   1.00 19.56 ? 51  MET A O   1 
ATOM   372  C  CB  . MET A 1 51  ? -7.523  4.857   3.773   1.00 22.28 ? 51  MET A CB  1 
ATOM   373  C  CG  . MET A 1 51  ? -7.850  4.310   2.422   1.00 23.94 ? 51  MET A CG  1 
ATOM   374  S  SD  . MET A 1 51  ? -7.666  5.609   1.171   1.00 34.28 ? 51  MET A SD  1 
ATOM   375  C  CE  . MET A 1 51  ? -8.878  6.773   1.754   1.00 24.92 ? 51  MET A CE  1 
ATOM   376  N  N   . ASP A 1 52  ? -9.883  3.777   5.577   1.00 21.69 ? 52  ASP A N   1 
ATOM   377  C  CA  . ASP A 1 52  ? -11.193 3.208   5.710   1.00 23.02 ? 52  ASP A CA  1 
ATOM   378  C  C   . ASP A 1 52  ? -11.983 3.590   4.493   1.00 24.61 ? 52  ASP A C   1 
ATOM   379  O  O   . ASP A 1 52  ? -12.122 4.764   4.205   1.00 29.59 ? 52  ASP A O   1 
ATOM   380  C  CB  . ASP A 1 52  ? -11.802 3.764   6.987   1.00 23.25 ? 52  ASP A CB  1 
ATOM   381  C  CG  . ASP A 1 52  ? -13.211 3.266   7.224   1.00 31.45 ? 52  ASP A CG  1 
ATOM   382  O  OD1 . ASP A 1 52  ? -13.627 2.247   6.586   1.00 28.36 ? 52  ASP A OD1 1 
ATOM   383  O  OD2 . ASP A 1 52  ? -13.926 3.951   7.997   1.00 36.70 ? 52  ASP A OD2 1 
ATOM   384  N  N   . SER A 1 53  ? -12.408 2.609   3.695   1.00 26.33 ? 53  SER A N   1 
ATOM   385  C  CA  . SER A 1 53  ? -13.299 2.901   2.568   1.00 32.33 ? 53  SER A CA  1 
ATOM   386  C  C   . SER A 1 53  ? -14.603 3.562   2.991   1.00 33.44 ? 53  SER A C   1 
ATOM   387  O  O   . SER A 1 53  ? -15.195 4.338   2.226   1.00 34.93 ? 53  SER A O   1 
ATOM   388  C  CB  . SER A 1 53  ? -13.607 1.616   1.795   1.00 20.00 ? 53  SER A CB  1 
ATOM   389  O  OG  . SER A 1 53  ? -14.336 0.703   2.595   1.00 20.00 ? 53  SER A OG  1 
ATOM   390  N  N   . GLY A 1 54  ? -15.041 3.251   4.218   1.00 29.57 ? 54  GLY A N   1 
ATOM   391  C  CA  . GLY A 1 54  ? -16.317 3.732   4.765   1.00 34.43 ? 54  GLY A CA  1 
ATOM   392  C  C   . GLY A 1 54  ? -16.092 5.223   4.977   1.00 34.82 ? 54  GLY A C   1 
ATOM   393  O  O   . GLY A 1 54  ? -16.818 6.047   4.429   1.00 44.49 ? 54  GLY A O   1 
ATOM   394  N  N   . GLY A 1 55  ? -15.109 5.637   5.705   1.00 30.00 ? 55  GLY A N   1 
ATOM   395  C  CA  . GLY A 1 55  ? -15.088 7.044   5.920   1.00 30.00 ? 55  GLY A CA  1 
ATOM   396  C  C   . GLY A 1 55  ? -13.821 7.753   5.990   1.00 30.00 ? 55  GLY A C   1 
ATOM   397  O  O   . GLY A 1 55  ? -13.704 8.621   6.855   1.00 30.00 ? 55  GLY A O   1 
ATOM   398  N  N   . GLY A 1 56  ? -12.907 7.325   5.091   1.00 52.23 ? 56  GLY A N   1 
ATOM   399  C  CA  . GLY A 1 56  ? -11.748 8.016   4.525   1.00 46.22 ? 56  GLY A CA  1 
ATOM   400  C  C   . GLY A 1 56  ? -10.626 8.451   5.416   1.00 44.57 ? 56  GLY A C   1 
ATOM   401  O  O   . GLY A 1 56  ? -9.762  9.186   4.996   1.00 54.37 ? 56  GLY A O   1 
ATOM   402  N  N   . GLY A 1 57  ? -10.723 8.001   6.656   1.00 41.08 ? 57  GLY A N   1 
ATOM   403  C  CA  . GLY A 1 57  ? -9.798  8.022   7.775   1.00 29.92 ? 57  GLY A CA  1 
ATOM   404  C  C   . GLY A 1 57  ? -8.578  7.154   7.483   1.00 31.09 ? 57  GLY A C   1 
ATOM   405  O  O   . GLY A 1 57  ? -8.714  6.034   7.030   1.00 30.18 ? 57  GLY A O   1 
ATOM   406  N  N   . THR A 1 58  ? -7.396  7.661   7.803   1.00 26.66 ? 58  THR A N   1 
ATOM   407  C  CA  . THR A 1 58  ? -6.115  7.052   7.396   1.00 24.05 ? 58  THR A CA  1 
ATOM   408  C  C   . THR A 1 58  ? -5.201  6.741   8.597   1.00 27.96 ? 58  THR A C   1 
ATOM   409  O  O   . THR A 1 58  ? -5.326  7.330   9.664   1.00 29.49 ? 58  THR A O   1 
ATOM   410  C  CB  . THR A 1 58  ? -5.382  7.937   6.372   1.00 24.25 ? 58  THR A CB  1 
ATOM   411  O  OG1 . THR A 1 58  ? -5.047  9.194   6.986   1.00 27.73 ? 58  THR A OG1 1 
ATOM   412  C  CG2 . THR A 1 58  ? -6.227  8.186   5.120   1.00 26.35 ? 58  THR A CG2 1 
ATOM   413  N  N   . LEU A 1 59  ? -4.322  5.752   8.443   1.00 21.93 ? 59  LEU A N   1 
ATOM   414  C  CA  . LEU A 1 59  ? -3.425  5.293   9.507   1.00 19.62 ? 59  LEU A CA  1 
ATOM   415  C  C   . LEU A 1 59  ? -2.088  4.974   8.825   1.00 20.01 ? 59  LEU A C   1 
ATOM   416  O  O   . LEU A 1 59  ? -2.094  4.439   7.708   1.00 20.71 ? 59  LEU A O   1 
ATOM   417  C  CB  . LEU A 1 59  ? -3.983  4.029   10.186  1.00 23.33 ? 59  LEU A CB  1 
ATOM   418  C  CG  . LEU A 1 59  ? -3.177  3.264   11.227  1.00 31.87 ? 59  LEU A CG  1 
ATOM   419  C  CD1 . LEU A 1 59  ? -2.893  4.140   12.438  1.00 34.07 ? 59  LEU A CD1 1 
ATOM   420  C  CD2 . LEU A 1 59  ? -3.859  1.973   11.659  1.00 34.25 ? 59  LEU A CD2 1 
ATOM   421  N  N   . TYR A 1 60  ? -0.982  5.362   9.454   1.00 17.78 ? 60  TYR A N   1 
ATOM   422  C  CA  . TYR A 1 60  ? 0.349   5.145   8.914   1.00 16.19 ? 60  TYR A CA  1 
ATOM   423  C  C   . TYR A 1 60  ? 1.226   4.443   9.901   1.00 18.69 ? 60  TYR A C   1 
ATOM   424  O  O   . TYR A 1 60  ? 1.194   4.741   11.102  1.00 22.35 ? 60  TYR A O   1 
ATOM   425  C  CB  . TYR A 1 60  ? 1.029   6.478   8.519   1.00 16.89 ? 60  TYR A CB  1 
ATOM   426  C  CG  . TYR A 1 60  ? 0.280   7.222   7.443   1.00 16.81 ? 60  TYR A CG  1 
ATOM   427  C  CD1 . TYR A 1 60  ? 0.477   6.896   6.096   1.00 16.20 ? 60  TYR A CD1 1 
ATOM   428  C  CD2 . TYR A 1 60  ? -0.761  8.115   7.750   1.00 18.07 ? 60  TYR A CD2 1 
ATOM   429  C  CE1 . TYR A 1 60  ? -0.262  7.504   5.102   1.00 19.05 ? 60  TYR A CE1 1 
ATOM   430  C  CE2 . TYR A 1 60  ? -1.519  8.742   6.753   1.00 19.90 ? 60  TYR A CE2 1 
ATOM   431  C  CZ  . TYR A 1 60  ? -1.239  8.475   5.417   1.00 17.38 ? 60  TYR A CZ  1 
ATOM   432  O  OH  . TYR A 1 60  ? -1.943  9.094   4.414   1.00 18.72 ? 60  TYR A OH  1 
ATOM   433  N  N   . ALA A 1 61  ? 2.117   3.598   9.403   1.00 14.83 ? 61  ALA A N   1 
ATOM   434  C  CA  . ALA A 1 61  ? 3.235   3.092   10.201  1.00 17.56 ? 61  ALA A CA  1 
ATOM   435  C  C   . ALA A 1 61  ? 4.209   4.207   10.599  1.00 19.19 ? 61  ALA A C   1 
ATOM   436  O  O   . ALA A 1 61  ? 4.420   5.162   9.849   1.00 19.11 ? 61  ALA A O   1 
ATOM   437  C  CB  . ALA A 1 61  ? 3.978   1.991   9.478   1.00 22.29 ? 61  ALA A CB  1 
ATOM   438  N  N   . ASP A 1 62  ? 4.763   4.109   11.807  1.00 23.25 ? 62  ASP A N   1 
ATOM   439  C  CA  . ASP A 1 62  ? 5.734   5.118   12.260  1.00 25.14 ? 62  ASP A CA  1 
ATOM   440  C  C   . ASP A 1 62  ? 6.883   5.269   11.248  1.00 23.23 ? 62  ASP A C   1 
ATOM   441  O  O   . ASP A 1 62  ? 7.360   6.399   11.021  1.00 25.13 ? 62  ASP A O   1 
ATOM   442  C  CB  . ASP A 1 62  ? 6.293   4.748   13.653  1.00 27.19 ? 62  ASP A CB  1 
ATOM   443  C  CG  . ASP A 1 62  ? 5.281   4.959   14.782  1.00 31.99 ? 62  ASP A CG  1 
ATOM   444  O  OD1 . ASP A 1 62  ? 4.255   5.623   14.558  1.00 34.98 ? 62  ASP A OD1 1 
ATOM   445  O  OD2 . ASP A 1 62  ? 5.490   4.400   15.884  1.00 35.28 ? 62  ASP A OD2 1 
ATOM   446  N  N   . SER A 1 63  ? 7.270   4.157   10.616  1.00 23.35 ? 63  SER A N   1 
ATOM   447  C  CA  . SER A 1 63  ? 8.395   4.109   9.669   1.00 24.40 ? 63  SER A CA  1 
ATOM   448  C  C   . SER A 1 63  ? 8.206   5.056   8.473   1.00 22.99 ? 63  SER A C   1 
ATOM   449  O  O   . SER A 1 63  ? 9.196   5.350   7.776   1.00 21.99 ? 63  SER A O   1 
ATOM   450  C  CB  . SER A 1 63  ? 8.638   2.685   9.155   1.00 24.84 ? 63  SER A CB  1 
ATOM   451  O  OG  . SER A 1 63  ? 7.449   2.071   8.679   1.00 28.92 ? 63  SER A OG  1 
ATOM   452  N  N   . VAL A 1 64  ? 6.969   5.504   8.222   1.00 18.87 ? 64  VAL A N   1 
ATOM   453  C  CA  . VAL A 1 64  ? 6.671   6.257   6.984   1.00 17.99 ? 64  VAL A CA  1 
ATOM   454  C  C   . VAL A 1 64  ? 5.890   7.529   7.210   1.00 19.54 ? 64  VAL A C   1 
ATOM   455  O  O   . VAL A 1 64  ? 5.562   8.266   6.277   1.00 18.66 ? 64  VAL A O   1 
ATOM   456  C  CB  . VAL A 1 64  ? 5.940   5.357   5.920   1.00 16.04 ? 64  VAL A CB  1 
ATOM   457  C  CG1 . VAL A 1 64  ? 6.734   4.071   5.688   1.00 16.93 ? 64  VAL A CG1 1 
ATOM   458  C  CG2 . VAL A 1 64  ? 4.512   5.046   6.347   1.00 19.07 ? 64  VAL A CG2 1 
ATOM   459  N  N   . LYS A 1 65  ? 5.555   7.795   8.489   1.00 21.79 ? 65  LYS A N   1 
ATOM   460  C  CA  . LYS A 1 65  ? 4.888   9.011   8.890   1.00 25.20 ? 65  LYS A CA  1 
ATOM   461  C  C   . LYS A 1 65  ? 5.597   10.256  8.392   1.00 20.05 ? 65  LYS A C   1 
ATOM   462  O  O   . LYS A 1 65  ? 6.823   10.344  8.447   1.00 27.18 ? 65  LYS A O   1 
ATOM   463  C  CB  . LYS A 1 65  ? 4.781   9.076   10.426  1.00 29.72 ? 65  LYS A CB  1 
ATOM   464  C  CG  . LYS A 1 65  ? 3.846   8.038   11.012  1.00 37.54 ? 65  LYS A CG  1 
ATOM   465  C  CD  . LYS A 1 65  ? 3.011   8.606   12.151  1.00 46.48 ? 65  LYS A CD  1 
ATOM   466  C  CE  . LYS A 1 65  ? 2.285   7.493   12.899  1.00 45.28 ? 65  LYS A CE  1 
ATOM   467  N  NZ  . LYS A 1 65  ? 1.702   8.006   14.176  1.00 52.53 ? 65  LYS A NZ  1 
ATOM   468  N  N   . GLY A 1 66  ? 4.817   11.100  7.724   1.00 22.22 ? 66  GLY A N   1 
ATOM   469  C  CA  . GLY A 1 66  ? 5.290   12.370  7.196   1.00 22.78 ? 66  GLY A CA  1 
ATOM   470  C  C   . GLY A 1 66  ? 5.946   12.267  5.827   1.00 23.88 ? 66  GLY A C   1 
ATOM   471  O  O   . GLY A 1 66  ? 6.427   13.262  5.288   1.00 26.41 ? 66  GLY A O   1 
ATOM   472  N  N   . ARG A 1 67  ? 6.056   11.054  5.304   1.00 20.63 ? 67  ARG A N   1 
ATOM   473  C  CA  . ARG A 1 67  ? 6.662   10.864  3.993   1.00 18.00 ? 67  ARG A CA  1 
ATOM   474  C  C   . ARG A 1 67  ? 5.710   10.236  3.001   1.00 17.22 ? 67  ARG A C   1 
ATOM   475  O  O   . ARG A 1 67  ? 5.831   10.489  1.812   1.00 17.43 ? 67  ARG A O   1 
ATOM   476  C  CB  . ARG A 1 67  ? 7.868   9.935   4.095   1.00 18.82 ? 67  ARG A CB  1 
ATOM   477  C  CG  . ARG A 1 67  ? 8.970   10.459  5.007   1.00 19.44 ? 67  ARG A CG  1 
ATOM   478  C  CD  . ARG A 1 67  ? 10.241  9.660   4.912   1.00 18.50 ? 67  ARG A CD  1 
ATOM   479  N  NE  . ARG A 1 67  ? 10.061  8.263   5.324   1.00 18.97 ? 67  ARG A NE  1 
ATOM   480  C  CZ  . ARG A 1 67  ? 10.445  7.178   4.629   1.00 15.99 ? 67  ARG A CZ  1 
ATOM   481  N  NH1 . ARG A 1 67  ? 10.901  7.263   3.373   1.00 15.47 ? 67  ARG A NH1 1 
ATOM   482  N  NH2 . ARG A 1 67  ? 10.169  5.971   5.140   1.00 17.36 ? 67  ARG A NH2 1 
ATOM   483  N  N   . PHE A 1 68  ? 4.863   9.332   3.480   1.00 15.70 ? 68  PHE A N   1 
ATOM   484  C  CA  . PHE A 1 68  ? 3.917   8.619   2.605   1.00 15.78 ? 68  PHE A CA  1 
ATOM   485  C  C   . PHE A 1 68  ? 2.490   9.125   2.826   1.00 16.83 ? 68  PHE A C   1 
ATOM   486  O  O   . PHE A 1 68  ? 2.094   9.478   3.958   1.00 20.50 ? 68  PHE A O   1 
ATOM   487  C  CB  . PHE A 1 68  ? 3.932   7.093   2.827   1.00 17.22 ? 68  PHE A CB  1 
ATOM   488  C  CG  . PHE A 1 68  ? 5.242   6.384   2.452   1.00 17.36 ? 68  PHE A CG  1 
ATOM   489  C  CD1 . PHE A 1 68  ? 6.428   7.081   2.058   1.00 16.15 ? 68  PHE A CD1 1 
ATOM   490  C  CD2 . PHE A 1 68  ? 5.247   4.978   2.391   1.00 18.77 ? 68  PHE A CD2 1 
ATOM   491  C  CE1 . PHE A 1 68  ? 7.618   6.369   1.733   1.00 16.29 ? 68  PHE A CE1 1 
ATOM   492  C  CE2 . PHE A 1 68  ? 6.406   4.294   2.079   1.00 15.87 ? 68  PHE A CE2 1 
ATOM   493  C  CZ  . PHE A 1 68  ? 7.575   4.975   1.773   1.00 18.81 ? 68  PHE A CZ  1 
ATOM   494  N  N   . THR A 1 69  ? 1.679   9.034   1.790   1.00 17.04 ? 69  THR A N   1 
ATOM   495  C  CA  . THR A 1 69  ? 0.292   9.467   1.865   1.00 15.94 ? 69  THR A CA  1 
ATOM   496  C  C   . THR A 1 69  ? -0.570  8.483   1.116   1.00 17.21 ? 69  THR A C   1 
ATOM   497  O  O   . THR A 1 69  ? -0.299  8.186   -0.054  1.00 17.07 ? 69  THR A O   1 
ATOM   498  C  CB  . THR A 1 69  ? 0.095   10.870  1.267   1.00 19.65 ? 69  THR A CB  1 
ATOM   499  O  OG1 . THR A 1 69  ? 1.035   11.769  1.882   1.00 21.90 ? 69  THR A OG1 1 
ATOM   500  C  CG2 . THR A 1 69  ? -1.358  11.380  1.562   1.00 20.75 ? 69  THR A CG2 1 
ATOM   501  N  N   . ILE A 1 70  ? -1.607  7.973   1.770   1.00 15.61 ? 70  ILE A N   1 
ATOM   502  C  CA  . ILE A 1 70  ? -2.598  7.077   1.108   1.00 15.81 ? 70  ILE A CA  1 
ATOM   503  C  C   . ILE A 1 70  ? -3.823  7.881   0.689   1.00 17.66 ? 70  ILE A C   1 
ATOM   504  O  O   . ILE A 1 70  ? -4.256  8.795   1.409   1.00 19.27 ? 70  ILE A O   1 
ATOM   505  C  CB  . ILE A 1 70  ? -2.963  5.876   2.036   1.00 15.18 ? 70  ILE A CB  1 
ATOM   506  C  CG1 . ILE A 1 70  ? -3.759  4.817   1.268   1.00 15.25 ? 70  ILE A CG1 1 
ATOM   507  C  CG2 . ILE A 1 70  ? -3.698  6.336   3.294   1.00 17.95 ? 70  ILE A CG2 1 
ATOM   508  C  CD1 . ILE A 1 70  ? -4.002  3.550   2.083   1.00 17.01 ? 70  ILE A CD1 1 
ATOM   509  N  N   . SER A 1 71  ? -4.381  7.556   -0.460  1.00 17.50 ? 71  SER A N   1 
ATOM   510  C  CA  . SER A 1 71  ? -5.635  8.186   -0.886  1.00 17.24 ? 71  SER A CA  1 
ATOM   511  C  C   . SER A 1 71  ? -6.421  7.255   -1.779  1.00 18.13 ? 71  SER A C   1 
ATOM   512  O  O   . SER A 1 71  ? -5.951  6.190   -2.159  1.00 16.75 ? 71  SER A O   1 
ATOM   513  C  CB  . SER A 1 71  ? -5.342  9.501   -1.620  1.00 18.36 ? 71  SER A CB  1 
ATOM   514  O  OG  . SER A 1 71  ? -4.530  9.261   -2.762  1.00 20.17 ? 71  SER A OG  1 
ATOM   515  N  N   . ARG A 1 72  ? -7.647  7.648   -2.120  1.00 20.21 ? 72  ARG A N   1 
ATOM   516  C  CA  . ARG A 1 72  ? -8.445  6.844   -2.979  1.00 22.46 ? 72  ARG A CA  1 
ATOM   517  C  C   . ARG A 1 72  ? -9.210  7.636   -4.022  1.00 29.04 ? 72  ARG A C   1 
ATOM   518  O  O   . ARG A 1 72  ? -9.380  8.876   -3.903  1.00 30.04 ? 72  ARG A O   1 
ATOM   519  C  CB  . ARG A 1 72  ? -9.379  5.993   -2.148  1.00 25.62 ? 72  ARG A CB  1 
ATOM   520  C  CG  . ARG A 1 72  ? -10.543 6.748   -1.549  1.00 40.54 ? 72  ARG A CG  1 
ATOM   521  C  CD  . ARG A 1 72  ? -11.684 5.779   -1.276  1.00 47.63 ? 72  ARG A CD  1 
ATOM   522  N  NE  . ARG A 1 72  ? -11.773 4.754   -2.324  1.00 60.20 ? 72  ARG A NE  1 
ATOM   523  C  CZ  . ARG A 1 72  ? -11.602 3.449   -2.123  1.00 52.92 ? 72  ARG A CZ  1 
ATOM   524  N  NH1 . ARG A 1 72  ? -11.340 2.990   -0.905  1.00 71.87 ? 72  ARG A NH1 1 
ATOM   525  N  NH2 . ARG A 1 72  ? -11.682 2.603   -3.142  1.00 52.52 ? 72  ARG A NH2 1 
ATOM   526  N  N   . ASP A 1 73  ? -9.661  6.915   -5.044  1.00 27.03 ? 73  ASP A N   1 
ATOM   527  C  CA  . ASP A 1 73  ? -10.642 7.405   -6.016  1.00 27.67 ? 73  ASP A CA  1 
ATOM   528  C  C   . ASP A 1 73  ? -11.780 6.387   -6.068  1.00 32.22 ? 73  ASP A C   1 
ATOM   529  O  O   . ASP A 1 73  ? -11.614 5.278   -6.583  1.00 27.56 ? 73  ASP A O   1 
ATOM   530  C  CB  . ASP A 1 73  ? -9.951  7.580   -7.370  1.00 31.60 ? 73  ASP A CB  1 
ATOM   531  C  CG  . ASP A 1 73  ? -10.878 8.165   -8.441  1.00 34.86 ? 73  ASP A CG  1 
ATOM   532  O  OD1 . ASP A 1 73  ? -12.105 7.937   -8.357  1.00 35.80 ? 73  ASP A OD1 1 
ATOM   533  O  OD2 . ASP A 1 73  ? -10.356 8.758   -9.415  1.00 40.27 ? 73  ASP A OD2 1 
ATOM   534  N  N   . LYS A 1 74  ? -12.875 6.689   -5.366  1.00 32.74 ? 74  LYS A N   1 
ATOM   535  C  CA  . LYS A 1 74  ? -14.055 5.810   -5.329  1.00 38.27 ? 74  LYS A CA  1 
ATOM   536  C  C   . LYS A 1 74  ? -14.550 5.453   -6.726  1.00 39.23 ? 74  LYS A C   1 
ATOM   537  O  O   . LYS A 1 74  ? -14.811 4.276   -7.020  1.00 42.47 ? 74  LYS A O   1 
ATOM   538  C  CB  . LYS A 1 74  ? -15.190 6.474   -4.547  1.00 41.52 ? 74  LYS A CB  1 
ATOM   539  C  CG  . LYS A 1 74  ? -14.914 6.619   -3.060  1.00 54.38 ? 74  LYS A CG  1 
ATOM   540  C  CD  . LYS A 1 74  ? -14.981 5.269   -2.349  1.00 67.25 ? 74  LYS A CD  1 
ATOM   541  C  CE  . LYS A 1 74  ? -16.304 4.552   -2.599  1.00 73.35 ? 74  LYS A CE  1 
ATOM   542  N  NZ  . LYS A 1 74  ? -17.469 5.368   -2.156  1.00 72.99 ? 74  LYS A NZ  1 
ATOM   543  N  N   . GLY A 1 75  ? -14.690 6.471   -7.572  1.00 39.15 ? 75  GLY A N   1 
ATOM   544  C  CA  . GLY A 1 75  ? -15.173 6.299   -8.937  1.00 40.24 ? 75  GLY A CA  1 
ATOM   545  C  C   . GLY A 1 75  ? -14.361 5.297   -9.727  1.00 41.94 ? 75  GLY A C   1 
ATOM   546  O  O   . GLY A 1 75  ? -14.903 4.521   -10.514 1.00 39.23 ? 75  GLY A O   1 
ATOM   547  N  N   . LYS A 1 76  ? -13.071 5.299   -9.510  1.00 33.00 ? 76  LYS A N   1 
ATOM   548  C  CA  . LYS A 1 76  ? -12.231 4.378   -10.177 1.00 29.60 ? 76  LYS A CA  1 
ATOM   549  C  C   . LYS A 1 76  ? -11.937 3.086   -9.407  1.00 27.07 ? 76  LYS A C   1 
ATOM   550  O  O   . LYS A 1 76  ? -11.263 2.243   -9.916  1.00 28.70 ? 76  LYS A O   1 
ATOM   551  C  CB  . LYS A 1 76  ? -10.935 5.057   -10.528 1.00 20.00 ? 76  LYS A CB  1 
ATOM   552  C  CG  . LYS A 1 76  ? -11.057 6.088   -11.622 1.00 20.00 ? 76  LYS A CG  1 
ATOM   553  C  CD  . LYS A 1 76  ? -9.734  6.726   -11.914 1.00 20.00 ? 76  LYS A CD  1 
ATOM   554  C  CE  . LYS A 1 76  ? -9.669  7.392   -13.284 1.00 20.00 ? 76  LYS A CE  1 
ATOM   555  N  NZ  . LYS A 1 76  ? -10.834 8.117   -13.848 1.00 20.00 ? 76  LYS A NZ  1 
ATOM   556  N  N   . ASN A 1 77  ? -12.430 2.964   -8.196  1.00 24.52 ? 77  ASN A N   1 
ATOM   557  C  CA  . ASN A 1 77  ? -12.087 1.875   -7.318  1.00 21.54 ? 77  ASN A CA  1 
ATOM   558  C  C   . ASN A 1 77  ? -10.570 1.637   -7.289  1.00 22.06 ? 77  ASN A C   1 
ATOM   559  O  O   . ASN A 1 77  ? -10.111 0.536   -7.395  1.00 20.97 ? 77  ASN A O   1 
ATOM   560  C  CB  . ASN A 1 77  ? -12.852 0.601   -7.673  1.00 20.00 ? 77  ASN A CB  1 
ATOM   561  C  CG  . ASN A 1 77  ? -12.970 -0.353  -6.510  1.00 20.00 ? 77  ASN A CG  1 
ATOM   562  O  OD1 . ASN A 1 77  ? -12.614 -0.054  -5.414  1.00 20.00 ? 77  ASN A OD1 1 
ATOM   563  N  ND2 . ASN A 1 77  ? -13.449 -1.505  -6.775  1.00 20.00 ? 77  ASN A ND2 1 
ATOM   564  N  N   . THR A 1 78  ? -9.840  2.721   -7.127  1.00 20.26 ? 78  THR A N   1 
ATOM   565  C  CA  . THR A 1 78  ? -8.374  2.686   -7.064  1.00 18.36 ? 78  THR A CA  1 
ATOM   566  C  C   . THR A 1 78  ? -7.872  3.335   -5.776  1.00 19.02 ? 78  THR A C   1 
ATOM   567  O  O   . THR A 1 78  ? -8.445  4.317   -5.319  1.00 24.18 ? 78  THR A O   1 
ATOM   568  C  CB  . THR A 1 78  ? -7.771  3.323   -8.317  1.00 20.75 ? 78  THR A CB  1 
ATOM   569  O  OG1 . THR A 1 78  ? -8.178  2.555   -9.462  1.00 25.75 ? 78  THR A OG1 1 
ATOM   570  C  CG2 . THR A 1 78  ? -6.244  3.327   -8.287  1.00 22.75 ? 78  THR A CG2 1 
ATOM   571  N  N   A VAL A 1 79  ? -6.869  2.756   -5.123  0.50 16.45 ? 79  VAL A N   1 
ATOM   572  N  N   B VAL A 1 79  ? -6.735  2.849   -5.284  0.50 15.81 ? 79  VAL A N   1 
ATOM   573  C  CA  A VAL A 1 79  ? -6.201  3.487   -4.053  0.50 17.02 ? 79  VAL A CA  1 
ATOM   574  C  CA  B VAL A 1 79  ? -6.127  3.377   -4.076  0.50 16.63 ? 79  VAL A CA  1 
ATOM   575  C  C   A VAL A 1 79  ? -4.779  3.834   -4.509  0.50 14.91 ? 79  VAL A C   1 
ATOM   576  C  C   B VAL A 1 79  ? -4.649  3.673   -4.359  0.50 15.24 ? 79  VAL A C   1 
ATOM   577  O  O   A VAL A 1 79  ? -4.270  3.241   -5.464  0.50 15.13 ? 79  VAL A O   1 
ATOM   578  O  O   B VAL A 1 79  ? -3.977  2.910   -5.066  0.50 16.45 ? 79  VAL A O   1 
ATOM   579  C  CB  A VAL A 1 79  ? -6.195  2.688   -2.729  0.50 18.08 ? 79  VAL A CB  1 
ATOM   580  C  CB  B VAL A 1 79  ? -6.248  2.366   -2.927  0.50 16.97 ? 79  VAL A CB  1 
ATOM   581  C  CG1 A VAL A 1 79  ? -5.400  1.411   -2.868  0.50 17.17 ? 79  VAL A CG1 1 
ATOM   582  C  CG1 B VAL A 1 79  ? -5.397  2.766   -1.735  0.50 15.80 ? 79  VAL A CG1 1 
ATOM   583  C  CG2 A VAL A 1 79  ? -5.660  3.511   -1.575  0.50 21.63 ? 79  VAL A CG2 1 
ATOM   584  C  CG2 B VAL A 1 79  ? -7.696  2.276   -2.480  0.50 15.46 ? 79  VAL A CG2 1 
ATOM   585  N  N   . TYR A 1 80  ? -4.151  4.772   -3.812  1.00 15.16 ? 80  TYR A N   1 
ATOM   586  C  CA  . TYR A 1 80  ? -2.833  5.295   -4.200  1.00 14.48 ? 80  TYR A CA  1 
ATOM   587  C  C   . TYR A 1 80  ? -1.966  5.389   -2.975  1.00 14.31 ? 80  TYR A C   1 
ATOM   588  O  O   . TYR A 1 80  ? -2.446  5.535   -1.834  1.00 16.11 ? 80  TYR A O   1 
ATOM   589  C  CB  . TYR A 1 80  ? -2.908  6.699   -4.833  1.00 15.48 ? 80  TYR A CB  1 
ATOM   590  C  CG  . TYR A 1 80  ? -3.792  6.781   -6.044  1.00 15.10 ? 80  TYR A CG  1 
ATOM   591  C  CD1 . TYR A 1 80  ? -3.363  6.318   -7.285  0.50 11.89 ? 80  TYR A CD1 1 
ATOM   592  C  CD2 . TYR A 1 80  ? -5.095  7.212   -5.919  0.50 13.78 ? 80  TYR A CD2 1 
ATOM   593  C  CE1 . TYR A 1 80  ? -4.215  6.276   -8.363  0.50 14.32 ? 80  TYR A CE1 1 
ATOM   594  C  CE2 . TYR A 1 80  ? -5.949  7.177   -7.013  0.50 15.89 ? 80  TYR A CE2 1 
ATOM   595  C  CZ  . TYR A 1 80  ? -5.478  6.765   -8.228  0.50 14.79 ? 80  TYR A CZ  1 
ATOM   596  O  OH  . TYR A 1 80  ? -6.314  6.756   -9.340  0.50 20.87 ? 80  TYR A OH  1 
ATOM   597  N  N   . LEU A 1 81  ? -0.664  5.212   -3.199  1.00 13.26 ? 81  LEU A N   1 
ATOM   598  C  CA  . LEU A 1 81  ? 0.331   5.452   -2.174  1.00 15.09 ? 81  LEU A CA  1 
ATOM   599  C  C   . LEU A 1 81  ? 1.387   6.400   -2.711  1.00 14.41 ? 81  LEU A C   1 
ATOM   600  O  O   . LEU A 1 81  ? 2.171   6.043   -3.568  1.00 14.10 ? 81  LEU A O   1 
ATOM   601  C  CB  . LEU A 1 81  ? 0.999   4.137   -1.651  1.00 13.40 ? 81  LEU A CB  1 
ATOM   602  C  CG  . LEU A 1 81  ? 1.944   4.325   -0.428  1.00 14.59 ? 81  LEU A CG  1 
ATOM   603  C  CD1 . LEU A 1 81  ? 1.103   4.701   0.784   1.00 18.21 ? 81  LEU A CD1 1 
ATOM   604  C  CD2 . LEU A 1 81  ? 2.767   3.049   -0.184  1.00 16.36 ? 81  LEU A CD2 1 
ATOM   605  N  N   . GLN A 1 82  ? 1.379   7.651   -2.238  1.00 13.91 ? 82  GLN A N   1 
ATOM   606  C  CA  . GLN A 1 82  ? 2.418   8.622   -2.620  1.00 14.09 ? 82  GLN A CA  1 
ATOM   607  C  C   . GLN A 1 82  ? 3.586   8.484   -1.653  1.00 14.53 ? 82  GLN A C   1 
ATOM   608  O  O   . GLN A 1 82  ? 3.417   8.474   -0.439  1.00 16.46 ? 82  GLN A O   1 
ATOM   609  C  CB  . GLN A 1 82  ? 1.849   10.024  -2.505  1.00 15.15 ? 82  GLN A CB  1 
ATOM   610  C  CG  . GLN A 1 82  ? 2.856   11.116  -2.903  1.00 15.49 ? 82  GLN A CG  1 
ATOM   611  C  CD  . GLN A 1 82  ? 3.183   11.105  -4.380  1.00 17.93 ? 82  GLN A CD  1 
ATOM   612  O  OE1 . GLN A 1 82  ? 2.299   10.956  -5.223  1.00 18.33 ? 82  GLN A OE1 1 
ATOM   613  N  NE2 . GLN A 1 82  ? 4.468   11.217  -4.710  1.00 20.53 ? 82  GLN A NE2 1 
ATOM   614  N  N   . MET A 1 83  ? 4.762   8.241   -2.218  1.00 15.03 ? 83  MET A N   1 
ATOM   615  C  CA  . MET A 1 83  ? 5.925   7.873   -1.426  1.00 14.81 ? 83  MET A CA  1 
ATOM   616  C  C   . MET A 1 83  ? 7.053   8.853   -1.664  1.00 14.21 ? 83  MET A C   1 
ATOM   617  O  O   . MET A 1 83  ? 7.771   8.766   -2.661  1.00 16.44 ? 83  MET A O   1 
ATOM   618  C  CB  . MET A 1 83  ? 6.379   6.454   -1.770  1.00 17.47 ? 83  MET A CB  1 
ATOM   619  C  CG  . MET A 1 83  ? 5.243   5.452   -1.900  1.00 17.66 ? 83  MET A CG  1 
ATOM   620  S  SD  . MET A 1 83  ? 5.797   3.845   -2.501  1.00 33.93 ? 83  MET A SD  1 
ATOM   621  C  CE  . MET A 1 83  ? 6.619   3.203   -1.046  1.00 12.34 ? 83  MET A CE  1 
ATOM   622  N  N   . ASP A 1 84  ? 7.201   9.793   -0.743  1.00 14.41 ? 84  ASP A N   1 
ATOM   623  C  CA  . ASP A 1 84  ? 8.213   10.827  -0.887  1.00 14.89 ? 84  ASP A CA  1 
ATOM   624  C  C   . ASP A 1 84  ? 9.412   10.590  0.012   1.00 15.86 ? 84  ASP A C   1 
ATOM   625  O  O   . ASP A 1 84  ? 9.340   9.811   0.979   1.00 15.04 ? 84  ASP A O   1 
ATOM   626  C  CB  . ASP A 1 84  ? 7.576   12.186  -0.580  1.00 14.86 ? 84  ASP A CB  1 
ATOM   627  C  CG  . ASP A 1 84  ? 6.496   12.574  -1.543  1.00 19.56 ? 84  ASP A CG  1 
ATOM   628  O  OD1 . ASP A 1 84  ? 6.510   12.222  -2.738  1.00 21.18 ? 84  ASP A OD1 1 
ATOM   629  O  OD2 . ASP A 1 84  ? 5.545   13.230  -1.031  1.00 26.47 ? 84  ASP A OD2 1 
ATOM   630  N  N   . SER A 1 85  ? 10.494  11.330  -0.231  1.00 15.92 ? 85  SER A N   1 
ATOM   631  C  CA  . SER A 1 85  ? 11.702  11.231  0.602   1.00 15.13 ? 85  SER A CA  1 
ATOM   632  C  C   . SER A 1 85  ? 12.123  9.777   0.807   1.00 16.54 ? 85  SER A C   1 
ATOM   633  O  O   . SER A 1 85  ? 12.411  9.332   1.928   1.00 15.61 ? 85  SER A O   1 
ATOM   634  C  CB  . SER A 1 85  ? 11.472  11.874  1.969   1.00 17.85 ? 85  SER A CB  1 
ATOM   635  O  OG  . SER A 1 85  ? 11.168  13.245  1.807   1.00 25.56 ? 85  SER A OG  1 
ATOM   636  N  N   . LEU A 1 86  ? 12.209  9.036   -0.291  1.00 15.76 ? 86  LEU A N   1 
ATOM   637  C  CA  . LEU A 1 86  ? 12.466  7.581   -0.187  1.00 14.70 ? 86  LEU A CA  1 
ATOM   638  C  C   . LEU A 1 86  ? 13.914  7.300   0.256   1.00 14.97 ? 86  LEU A C   1 
ATOM   639  O  O   . LEU A 1 86  ? 14.839  8.064   -0.046  1.00 17.15 ? 86  LEU A O   1 
ATOM   640  C  CB  . LEU A 1 86  ? 12.188  6.899   -1.539  1.00 14.46 ? 86  LEU A CB  1 
ATOM   641  C  CG  . LEU A 1 86  ? 10.696  6.709   -1.794  1.00 14.48 ? 86  LEU A CG  1 
ATOM   642  C  CD1 . LEU A 1 86  ? 10.387  6.408   -3.253  1.00 15.73 ? 86  LEU A CD1 1 
ATOM   643  C  CD2 . LEU A 1 86  ? 10.184  5.575   -0.918  1.00 17.13 ? 86  LEU A CD2 1 
ATOM   644  N  N   . LYS A 1 87  ? 14.085  6.205   0.969   1.00 15.76 ? 87  LYS A N   1 
ATOM   645  C  CA  . LYS A 1 87  ? 15.384  5.804   1.465   1.00 18.75 ? 87  LYS A CA  1 
ATOM   646  C  C   . LYS A 1 87  ? 15.636  4.360   1.059   1.00 18.79 ? 87  LYS A C   1 
ATOM   647  O  O   . LYS A 1 87  ? 14.707  3.583   0.799   1.00 16.83 ? 87  LYS A O   1 
ATOM   648  C  CB  . LYS A 1 87  ? 15.418  5.878   3.000   1.00 21.26 ? 87  LYS A CB  1 
ATOM   649  C  CG  . LYS A 1 87  ? 14.846  7.146   3.611   1.00 33.34 ? 87  LYS A CG  1 
ATOM   650  C  CD  . LYS A 1 87  ? 14.840  7.050   5.131   1.00 35.91 ? 87  LYS A CD  1 
ATOM   651  C  CE  . LYS A 1 87  ? 14.505  8.399   5.754   1.00 45.02 ? 87  LYS A CE  1 
ATOM   652  N  NZ  . LYS A 1 87  ? 13.762  8.253   7.041   1.00 63.91 ? 87  LYS A NZ  1 
ATOM   653  N  N   . PRO A 1 88  ? 16.900  3.939   1.120   1.00 19.95 ? 88  PRO A N   1 
ATOM   654  C  CA  . PRO A 1 88  ? 17.255  2.610   0.697   1.00 20.01 ? 88  PRO A CA  1 
ATOM   655  C  C   . PRO A 1 88  ? 16.509  1.549   1.504   1.00 17.05 ? 88  PRO A C   1 
ATOM   656  O  O   . PRO A 1 88  ? 16.083  0.519   0.931   1.00 19.28 ? 88  PRO A O   1 
ATOM   657  C  CB  . PRO A 1 88  ? 18.760  2.550   1.012   1.00 21.56 ? 88  PRO A CB  1 
ATOM   658  C  CG  . PRO A 1 88  ? 19.207  3.948   0.843   1.00 24.11 ? 88  PRO A CG  1 
ATOM   659  C  CD  . PRO A 1 88  ? 18.087  4.776   1.395   1.00 21.67 ? 88  PRO A CD  1 
ATOM   660  N  N   . GLU A 1 89  ? 16.228  1.820   2.781   1.00 21.11 ? 89  GLU A N   1 
ATOM   661  C  CA  . GLU A 1 89  ? 15.484  0.866   3.599   1.00 22.45 ? 89  GLU A CA  1 
ATOM   662  C  C   . GLU A 1 89  ? 14.007  0.779   3.284   1.00 19.99 ? 89  GLU A C   1 
ATOM   663  O  O   . GLU A 1 89  ? 13.309  -0.076  3.862   1.00 20.25 ? 89  GLU A O   1 
ATOM   664  C  CB  . GLU A 1 89  ? 15.681  1.113   5.078   1.00 26.42 ? 89  GLU A CB  1 
ATOM   665  C  CG  . GLU A 1 89  ? 15.215  2.477   5.506   1.00 33.26 ? 89  GLU A CG  1 
ATOM   666  C  CD  . GLU A 1 89  ? 16.337  3.526   5.500   1.00 35.94 ? 89  GLU A CD  1 
ATOM   667  O  OE1 . GLU A 1 89  ? 17.301  3.467   4.654   1.00 28.74 ? 89  GLU A OE1 1 
ATOM   668  O  OE2 . GLU A 1 89  ? 16.239  4.430   6.371   1.00 45.47 ? 89  GLU A OE2 1 
ATOM   669  N  N   . ASP A 1 90  ? 13.520  1.617   2.357   1.00 15.71 ? 90  ASP A N   1 
ATOM   670  C  CA  . ASP A 1 90  ? 12.158  1.460   1.857   1.00 15.37 ? 90  ASP A CA  1 
ATOM   671  C  C   . ASP A 1 90  ? 12.094  0.459   0.715   1.00 15.05 ? 90  ASP A C   1 
ATOM   672  O  O   . ASP A 1 90  ? 10.992  0.126   0.237   1.00 15.32 ? 90  ASP A O   1 
ATOM   673  C  CB  . ASP A 1 90  ? 11.627  2.798   1.353   1.00 14.58 ? 90  ASP A CB  1 
ATOM   674  C  CG  . ASP A 1 90  ? 11.470  3.817   2.456   1.00 15.59 ? 90  ASP A CG  1 
ATOM   675  O  OD1 . ASP A 1 90  ? 10.898  3.506   3.527   1.00 17.19 ? 90  ASP A OD1 1 
ATOM   676  O  OD2 . ASP A 1 90  ? 11.780  4.993   2.151   1.00 17.72 ? 90  ASP A OD2 1 
ATOM   677  N  N   . THR A 1 91  ? 13.233  -0.073  0.272   1.00 15.75 ? 91  THR A N   1 
ATOM   678  C  CA  . THR A 1 91  ? 13.217  -1.120  -0.777  1.00 14.65 ? 91  THR A CA  1 
ATOM   679  C  C   . THR A 1 91  ? 12.448  -2.355  -0.294  1.00 14.39 ? 91  THR A C   1 
ATOM   680  O  O   . THR A 1 91  ? 12.746  -2.872  0.801   1.00 16.40 ? 91  THR A O   1 
ATOM   681  C  CB  . THR A 1 91  ? 14.675  -1.539  -1.096  1.00 14.63 ? 91  THR A CB  1 
ATOM   682  O  OG1 . THR A 1 91  ? 15.360  -0.423  -1.671  1.00 15.69 ? 91  THR A OG1 1 
ATOM   683  C  CG2 . THR A 1 91  ? 14.753  -2.768  -2.028  1.00 16.19 ? 91  THR A CG2 1 
ATOM   684  N  N   . ALA A 1 92  ? 11.537  -2.847  -1.108  1.00 14.25 ? 92  ALA A N   1 
ATOM   685  C  CA  . ALA A 1 92  ? 10.647  -3.927  -0.753  1.00 13.57 ? 92  ALA A CA  1 
ATOM   686  C  C   . ALA A 1 92  ? 9.689   -4.262  -1.899  1.00 13.52 ? 92  ALA A C   1 
ATOM   687  O  O   . ALA A 1 92  ? 9.605   -3.548  -2.842  1.00 15.61 ? 92  ALA A O   1 
ATOM   688  C  CB  . ALA A 1 92  ? 9.859   -3.585  0.519   1.00 13.27 ? 92  ALA A CB  1 
ATOM   689  N  N   . THR A 1 93  ? 8.921   -5.331  -1.729  1.00 13.38 ? 93  THR A N   1 
ATOM   690  C  CA  . THR A 1 93  ? 7.764   -5.556  -2.601  1.00 12.22 ? 93  THR A CA  1 
ATOM   691  C  C   . THR A 1 93  ? 6.594   -4.908  -1.835  1.00 11.95 ? 93  THR A C   1 
ATOM   692  O  O   . THR A 1 93  ? 6.430   -5.123  -0.616  1.00 14.78 ? 93  THR A O   1 
ATOM   693  C  CB  . THR A 1 93  ? 7.517   -7.053  -2.744  1.00 16.56 ? 93  THR A CB  1 
ATOM   694  O  OG1 . THR A 1 93  ? 8.619   -7.609  -3.506  1.00 18.56 ? 93  THR A OG1 1 
ATOM   695  C  CG2 . THR A 1 93  ? 6.231   -7.304  -3.517  1.00 16.23 ? 93  THR A CG2 1 
ATOM   696  N  N   . TYR A 1 94  ? 5.845   -4.072  -2.524  1.00 12.98 ? 94  TYR A N   1 
ATOM   697  C  CA  . TYR A 1 94  ? 4.689   -3.350  -1.941  1.00 12.12 ? 94  TYR A CA  1 
ATOM   698  C  C   . TYR A 1 94  ? 3.451   -4.022  -2.402  1.00 13.32 ? 94  TYR A C   1 
ATOM   699  O  O   . TYR A 1 94  ? 3.275   -4.240  -3.606  1.00 14.94 ? 94  TYR A O   1 
ATOM   700  C  CB  . TYR A 1 94  ? 4.692   -1.870  -2.341  1.00 12.22 ? 94  TYR A CB  1 
ATOM   701  C  CG  . TYR A 1 94  ? 5.705   -1.080  -1.554  1.00 11.21 ? 94  TYR A CG  1 
ATOM   702  C  CD1 . TYR A 1 94  ? 7.088   -1.270  -1.772  1.00 11.79 ? 94  TYR A CD1 1 
ATOM   703  C  CD2 . TYR A 1 94  ? 5.303   -0.219  -0.535  1.00 12.74 ? 94  TYR A CD2 1 
ATOM   704  C  CE1 . TYR A 1 94  ? 8.031   -0.575  -1.005  1.00 12.44 ? 94  TYR A CE1 1 
ATOM   705  C  CE2 . TYR A 1 94  ? 6.258   0.462   0.263   1.00 12.16 ? 94  TYR A CE2 1 
ATOM   706  C  CZ  . TYR A 1 94  ? 7.597   0.260   0.018   1.00 12.10 ? 94  TYR A CZ  1 
ATOM   707  O  OH  . TYR A 1 94  ? 8.522   0.962   0.778   1.00 14.20 ? 94  TYR A OH  1 
ATOM   708  N  N   . TYR A 1 95  ? 2.600   -4.371  -1.444  1.00 12.82 ? 95  TYR A N   1 
ATOM   709  C  CA  . TYR A 1 95  ? 1.347   -5.056  -1.765  1.00 12.69 ? 95  TYR A CA  1 
ATOM   710  C  C   . TYR A 1 95  ? 0.174   -4.174  -1.401  1.00 13.12 ? 95  TYR A C   1 
ATOM   711  O  O   . TYR A 1 95  ? 0.162   -3.576  -0.330  1.00 14.51 ? 95  TYR A O   1 
ATOM   712  C  CB  . TYR A 1 95  ? 1.177   -6.324  -0.886  1.00 13.90 ? 95  TYR A CB  1 
ATOM   713  C  CG  . TYR A 1 95  ? 2.265   -7.331  -1.027  1.00 14.67 ? 95  TYR A CG  1 
ATOM   714  C  CD1 . TYR A 1 95  ? 3.423   -7.239  -0.229  1.00 16.00 ? 95  TYR A CD1 1 
ATOM   715  C  CD2 . TYR A 1 95  ? 2.167   -8.370  -1.944  1.00 17.68 ? 95  TYR A CD2 1 
ATOM   716  C  CE1 . TYR A 1 95  ? 4.432   -8.145  -0.350  1.00 19.29 ? 95  TYR A CE1 1 
ATOM   717  C  CE2 . TYR A 1 95  ? 3.212   -9.274  -2.082  1.00 19.23 ? 95  TYR A CE2 1 
ATOM   718  C  CZ  . TYR A 1 95  ? 4.332   -9.133  -1.266  1.00 18.35 ? 95  TYR A CZ  1 
ATOM   719  O  OH  . TYR A 1 95  ? 5.378   -10.044 -1.365  1.00 25.78 ? 95  TYR A OH  1 
ATOM   720  N  N   A CYS A 1 96  ? -0.852  -4.220  -2.223  0.50 11.98 ? 96  CYS A N   1 
ATOM   721  N  N   B CYS A 1 96  ? -0.854  -4.219  -2.205  0.50 12.66 ? 96  CYS A N   1 
ATOM   722  C  CA  A CYS A 1 96  ? -2.165  -3.702  -1.903  0.50 12.22 ? 96  CYS A CA  1 
ATOM   723  C  CA  B CYS A 1 96  ? -2.093  -3.769  -1.682  0.50 13.42 ? 96  CYS A CA  1 
ATOM   724  C  C   A CYS A 1 96  ? -3.018  -4.826  -1.320  0.50 12.91 ? 96  CYS A C   1 
ATOM   725  C  C   B CYS A 1 96  ? -3.051  -4.840  -1.329  0.50 13.93 ? 96  CYS A C   1 
ATOM   726  O  O   A CYS A 1 96  ? -2.895  -5.939  -1.755  0.50 13.37 ? 96  CYS A O   1 
ATOM   727  O  O   B CYS A 1 96  ? -2.897  -5.950  -1.751  0.50 14.47 ? 96  CYS A O   1 
ATOM   728  C  CB  A CYS A 1 96  ? -2.785  -3.172  -3.201  0.50 12.76 ? 96  CYS A CB  1 
ATOM   729  C  CB  B CYS A 1 96  ? -2.682  -2.751  -2.549  0.50 15.94 ? 96  CYS A CB  1 
ATOM   730  S  SG  A CYS A 1 96  ? -4.446  -2.580  -3.038  0.50 15.21 ? 96  CYS A SG  1 
ATOM   731  S  SG  B CYS A 1 96  ? -3.210  -3.328  -4.092  0.50 21.34 ? 96  CYS A SG  1 
ATOM   732  N  N   . ALA A 1 97  ? -3.860  -4.504  -0.331  1.00 11.99 ? 97  ALA A N   1 
ATOM   733  C  CA  . ALA A 1 97  ? -4.754  -5.487  0.282   1.00 12.61 ? 97  ALA A CA  1 
ATOM   734  C  C   . ALA A 1 97  ? -6.112  -4.879  0.583   1.00 11.98 ? 97  ALA A C   1 
ATOM   735  O  O   . ALA A 1 97  ? -6.256  -3.658  0.774   1.00 14.03 ? 97  ALA A O   1 
ATOM   736  C  CB  . ALA A 1 97  ? -4.157  -6.039  1.554   1.00 14.24 ? 97  ALA A CB  1 
ATOM   737  N  N   . ALA A 1 98  ? -7.130  -5.715  0.503   1.00 12.51 ? 98  ALA A N   1 
ATOM   738  C  CA  . ALA A 1 98  ? -8.468  -5.212  0.719   1.00 13.57 ? 98  ALA A CA  1 
ATOM   739  C  C   . ALA A 1 98  ? -9.226  -6.106  1.672   1.00 13.72 ? 98  ALA A C   1 
ATOM   740  O  O   . ALA A 1 98  ? -9.074  -7.311  1.666   1.00 16.19 ? 98  ALA A O   1 
ATOM   741  C  CB  . ALA A 1 98  ? -9.215  -5.155  -0.627  1.00 13.29 ? 98  ALA A CB  1 
ATOM   742  N  N   . GLY A 1 99  ? -10.083 -5.491  2.493   1.00 15.81 ? 99  GLY A N   1 
ATOM   743  C  CA  . GLY A 1 99  ? -11.073 -6.257  3.248   1.00 15.58 ? 99  GLY A CA  1 
ATOM   744  C  C   . GLY A 1 99  ? -10.732 -6.412  4.720   1.00 16.29 ? 99  GLY A C   1 
ATOM   745  O  O   . GLY A 1 99  ? -11.435 -7.060  5.468   1.00 18.35 ? 99  GLY A O   1 
ATOM   746  N  N   . GLY A 1 100 ? -9.604  -5.870  5.124   1.00 15.24 ? 100 GLY A N   1 
ATOM   747  C  CA  . GLY A 1 100 ? -9.152  -6.001  6.520   1.00 14.43 ? 100 GLY A CA  1 
ATOM   748  C  C   . GLY A 1 100 ? -9.376  -4.746  7.334   1.00 14.59 ? 100 GLY A C   1 
ATOM   749  O  O   . GLY A 1 100 ? -10.139 -3.842  6.919   1.00 17.05 ? 100 GLY A O   1 
ATOM   750  N  N   . TYR A 1 101 ? -8.636  -4.670  8.440   1.00 13.26 ? 101 TYR A N   1 
ATOM   751  C  CA  . TYR A 1 101 ? -8.775  -3.584  9.405   1.00 15.90 ? 101 TYR A CA  1 
ATOM   752  C  C   . TYR A 1 101 ? -7.425  -2.989  9.696   1.00 14.55 ? 101 TYR A C   1 
ATOM   753  O  O   . TYR A 1 101 ? -6.527  -3.701  10.152  1.00 15.18 ? 101 TYR A O   1 
ATOM   754  C  CB  . TYR A 1 101 ? -9.373  -4.119  10.711  1.00 18.25 ? 101 TYR A CB  1 
ATOM   755  C  CG  . TYR A 1 101 ? -9.596  -3.053  11.791  1.00 19.20 ? 101 TYR A CG  1 
ATOM   756  C  CD1 . TYR A 1 101 ? -10.547 -2.023  11.615  1.00 20.77 ? 101 TYR A CD1 1 
ATOM   757  C  CD2 . TYR A 1 101 ? -8.802  -3.032  12.911  1.00 21.18 ? 101 TYR A CD2 1 
ATOM   758  C  CE1 . TYR A 1 101 ? -10.795 -1.108  12.621  1.00 23.39 ? 101 TYR A CE1 1 
ATOM   759  C  CE2 . TYR A 1 101 ? -9.054  -2.117  13.940  1.00 24.58 ? 101 TYR A CE2 1 
ATOM   760  C  CZ  . TYR A 1 101 ? -10.024 -1.147  13.759  1.00 28.26 ? 101 TYR A CZ  1 
ATOM   761  O  OH  . TYR A 1 101 ? -10.236 -0.204  14.748  1.00 31.97 ? 101 TYR A OH  1 
ATOM   762  N  N   . GLU A 1 102 ? -7.302  -1.699  9.402   1.00 14.96 ? 102 GLU A N   1 
ATOM   763  C  CA  . GLU A 1 102 ? -6.123  -0.944  9.797   1.00 15.97 ? 102 GLU A CA  1 
ATOM   764  C  C   . GLU A 1 102 ? -4.867  -1.630  9.248   1.00 15.31 ? 102 GLU A C   1 
ATOM   765  O  O   . GLU A 1 102 ? -4.829  -1.987  8.073   1.00 16.08 ? 102 GLU A O   1 
ATOM   766  C  CB  . GLU A 1 102 ? -6.100  -0.687  11.307  1.00 18.48 ? 102 GLU A CB  1 
ATOM   767  C  CG  . GLU A 1 102 ? -7.278  0.206   11.698  1.00 21.29 ? 102 GLU A CG  1 
ATOM   768  C  CD  . GLU A 1 102 ? -7.121  0.842   13.068  1.00 26.66 ? 102 GLU A CD  1 
ATOM   769  O  OE1 . GLU A 1 102 ? -6.577  0.200   13.986  1.00 25.94 ? 102 GLU A OE1 1 
ATOM   770  O  OE2 . GLU A 1 102 ? -7.706  1.932   13.243  1.00 34.67 ? 102 GLU A OE2 1 
ATOM   771  N  N   . LEU A 1 103 ? -3.842  -1.796  10.061  1.00 16.77 ? 103 LEU A N   1 
ATOM   772  C  CA  . LEU A 1 103 ? -2.596  -2.430  9.576   1.00 15.76 ? 103 LEU A CA  1 
ATOM   773  C  C   . LEU A 1 103 ? -2.462  -3.844  10.149  1.00 15.82 ? 103 LEU A C   1 
ATOM   774  O  O   . LEU A 1 103 ? -1.369  -4.421  10.175  1.00 16.23 ? 103 LEU A O   1 
ATOM   775  C  CB  . LEU A 1 103 ? -1.357  -1.547  9.925   1.00 17.92 ? 103 LEU A CB  1 
ATOM   776  C  CG  . LEU A 1 103 ? -1.369  -0.166  9.254   1.00 22.25 ? 103 LEU A CG  1 
ATOM   777  C  CD1 . LEU A 1 103 ? -0.115  0.603   9.670   1.00 31.16 ? 103 LEU A CD1 1 
ATOM   778  C  CD2 . LEU A 1 103 ? -1.422  -0.389  7.758   1.00 25.85 ? 103 LEU A CD2 1 
ATOM   779  N  N   . ARG A 1 104 ? -3.611  -4.474  10.452  1.00 14.72 ? 104 ARG A N   1 
ATOM   780  C  CA  . ARG A 1 104 ? -3.623  -5.844  10.940  1.00 13.74 ? 104 ARG A CA  1 
ATOM   781  C  C   . ARG A 1 104 ? -3.600  -6.827  9.798   1.00 13.75 ? 104 ARG A C   1 
ATOM   782  O  O   . ARG A 1 104 ? -4.647  -7.110  9.204   1.00 14.16 ? 104 ARG A O   1 
ATOM   783  C  CB  . ARG A 1 104 ? -4.871  -6.100  11.820  1.00 16.96 ? 104 ARG A CB  1 
ATOM   784  C  CG  . ARG A 1 104 ? -4.946  -5.156  12.997  1.00 18.11 ? 104 ARG A CG  1 
ATOM   785  C  CD  . ARG A 1 104 ? -6.037  -5.661  13.899  1.00 22.08 ? 104 ARG A CD  1 
ATOM   786  N  NE  . ARG A 1 104 ? -6.274  -4.701  14.977  1.00 21.16 ? 104 ARG A NE  1 
ATOM   787  C  CZ  . ARG A 1 104 ? -7.099  -4.941  15.982  1.00 23.26 ? 104 ARG A CZ  1 
ATOM   788  N  NH1 . ARG A 1 104 ? -7.657  -6.143  16.077  1.00 21.41 ? 104 ARG A NH1 1 
ATOM   789  N  NH2 . ARG A 1 104 ? -7.327  -3.982  16.904  1.00 25.22 ? 104 ARG A NH2 1 
ATOM   790  N  N   . ASP A 1 105 ? -2.415  -7.197  9.339   1.00 14.00 ? 105 ASP A N   1 
ATOM   791  C  CA  . ASP A 1 105 ? -2.355  -7.945  8.107   1.00 14.00 ? 105 ASP A CA  1 
ATOM   792  C  C   . ASP A 1 105 ? -3.214  -9.221  8.077   1.00 13.23 ? 105 ASP A C   1 
ATOM   793  O  O   . ASP A 1 105 ? -3.654  -9.646  7.000   1.00 15.55 ? 105 ASP A O   1 
ATOM   794  C  CB  . ASP A 1 105 ? -0.911  -8.290  7.769   1.00 15.82 ? 105 ASP A CB  1 
ATOM   795  C  CG  . ASP A 1 105 ? -0.155  -8.811  8.973   1.00 22.53 ? 105 ASP A CG  1 
ATOM   796  O  OD1 . ASP A 1 105 ? 0.218   -7.984  9.859   1.00 23.49 ? 105 ASP A OD1 1 
ATOM   797  O  OD2 . ASP A 1 105 ? 0.047   -10.029 9.079   1.00 32.44 ? 105 ASP A OD2 1 
ATOM   798  N  N   . ARG A 1 106 ? -3.396  -9.879  9.215   1.00 13.74 ? 106 ARG A N   1 
ATOM   799  C  CA  . ARG A 1 106 ? -4.077  -11.152 9.252   1.00 12.95 ? 106 ARG A CA  1 
ATOM   800  C  C   . ARG A 1 106 ? -5.560  -10.999 9.014   1.00 13.67 ? 106 ARG A C   1 
ATOM   801  O  O   . ARG A 1 106 ? -6.264  -12.010 8.747   1.00 14.78 ? 106 ARG A O   1 
ATOM   802  C  CB  . ARG A 1 106 ? -3.811  -11.886 10.577  1.00 14.96 ? 106 ARG A CB  1 
ATOM   803  C  CG  . ARG A 1 106 ? -2.336  -12.254 10.735  1.00 17.85 ? 106 ARG A CG  1 
ATOM   804  C  CD  . ARG A 1 106 ? -1.963  -12.816 12.107  1.00 23.12 ? 106 ARG A CD  1 
ATOM   805  N  NE  . ARG A 1 106 ? -0.542  -13.167 12.021  1.00 28.92 ? 106 ARG A NE  1 
ATOM   806  C  CZ  . ARG A 1 106 ? 0.020   -14.221 12.612  1.00 30.91 ? 106 ARG A CZ  1 
ATOM   807  N  NH1 . ARG A 1 106 ? -0.712  -14.982 13.375  1.00 26.90 ? 106 ARG A NH1 1 
ATOM   808  N  NH2 . ARG A 1 106 ? 1.307   -14.496 12.409  1.00 30.32 ? 106 ARG A NH2 1 
ATOM   809  N  N   . THR A 1 107 ? -6.042  -9.760  9.050   1.00 13.16 ? 107 THR A N   1 
ATOM   810  C  CA  . THR A 1 107 ? -7.469  -9.497  8.776   1.00 12.93 ? 107 THR A CA  1 
ATOM   811  C  C   . THR A 1 107 ? -7.779  -9.257  7.320   1.00 13.41 ? 107 THR A C   1 
ATOM   812  O  O   . THR A 1 107 ? -8.950  -9.254  6.917   1.00 15.06 ? 107 THR A O   1 
ATOM   813  C  CB  . THR A 1 107 ? -7.998  -8.275  9.562   1.00 14.04 ? 107 THR A CB  1 
ATOM   814  O  OG1 . THR A 1 107 ? -7.357  -7.075  9.118   1.00 14.51 ? 107 THR A OG1 1 
ATOM   815  C  CG2 . THR A 1 107 ? -7.802  -8.424  11.091  1.00 15.23 ? 107 THR A CG2 1 
ATOM   816  N  N   . TYR A 1 108 ? -6.740  -9.189  6.502   1.00 12.39 ? 108 TYR A N   1 
ATOM   817  C  CA  . TYR A 1 108 ? -6.922  -8.985  5.071   1.00 12.71 ? 108 TYR A CA  1 
ATOM   818  C  C   . TYR A 1 108 ? -6.960  -10.319 4.357   1.00 14.46 ? 108 TYR A C   1 
ATOM   819  O  O   . TYR A 1 108 ? -5.993  -11.082 4.381   1.00 15.20 ? 108 TYR A O   1 
ATOM   820  C  CB  . TYR A 1 108 ? -5.780  -8.118  4.493   1.00 12.17 ? 108 TYR A CB  1 
ATOM   821  C  CG  . TYR A 1 108 ? -5.913  -6.644  4.883   1.00 11.17 ? 108 TYR A CG  1 
ATOM   822  C  CD1 . TYR A 1 108 ? -5.510  -6.184  6.174   1.00 12.53 ? 108 TYR A CD1 1 
ATOM   823  C  CD2 . TYR A 1 108 ? -6.507  -5.690  3.984   1.00 11.92 ? 108 TYR A CD2 1 
ATOM   824  C  CE1 . TYR A 1 108 ? -5.614  -4.850  6.506   1.00 14.11 ? 108 TYR A CE1 1 
ATOM   825  C  CE2 . TYR A 1 108 ? -6.641  -4.351  4.363   1.00 12.49 ? 108 TYR A CE2 1 
ATOM   826  C  CZ  . TYR A 1 108 ? -6.146  -3.941  5.612   1.00 12.48 ? 108 TYR A CZ  1 
ATOM   827  O  OH  . TYR A 1 108 ? -6.279  -2.657  5.965   1.00 15.71 ? 108 TYR A OH  1 
ATOM   828  N  N   . GLY A 1 109 ? -8.019  -10.515 3.553   1.00 13.30 ? 109 GLY A N   1 
ATOM   829  C  CA  . GLY A 1 109 ? -8.164  -11.754 2.805   1.00 16.37 ? 109 GLY A CA  1 
ATOM   830  C  C   . GLY A 1 109 ? -7.952  -11.612 1.319   1.00 16.32 ? 109 GLY A C   1 
ATOM   831  O  O   . GLY A 1 109 ? -8.056  -12.606 0.608   1.00 17.38 ? 109 GLY A O   1 
ATOM   832  N  N   . HIS A 1 110 ? -7.638  -10.400 0.856   1.00 13.41 ? 110 HIS A N   1 
ATOM   833  C  CA  . HIS A 1 110 ? -7.429  -10.187 -0.560  1.00 13.60 ? 110 HIS A CA  1 
ATOM   834  C  C   . HIS A 1 110 ? -6.209  -9.382  -0.809  1.00 12.56 ? 110 HIS A C   1 
ATOM   835  O  O   . HIS A 1 110 ? -6.087  -8.294  -0.249  1.00 13.90 ? 110 HIS A O   1 
ATOM   836  C  CB  . HIS A 1 110 ? -8.611  -9.453  -1.187  1.00 14.94 ? 110 HIS A CB  1 
ATOM   837  C  CG  . HIS A 1 110 ? -9.936  -9.991  -0.744  1.00 15.45 ? 110 HIS A CG  1 
ATOM   838  N  ND1 . HIS A 1 110 ? -10.557 -9.547  0.384   1.00 18.64 ? 110 HIS A ND1 1 
ATOM   839  C  CD2 . HIS A 1 110 ? -10.734 -10.998 -1.262  1.00 16.93 ? 110 HIS A CD2 1 
ATOM   840  C  CE1 . HIS A 1 110 ? -11.694 -10.253 0.567   1.00 20.44 ? 110 HIS A CE1 1 
ATOM   841  N  NE2 . HIS A 1 110 ? -11.781 -11.168 -0.398  1.00 16.24 ? 110 HIS A NE2 1 
ATOM   842  N  N   . TRP A 1 111 ? -5.261  -9.976  -1.514  1.00 12.45 ? 111 TRP A N   1 
ATOM   843  C  CA  . TRP A 1 111 ? -3.936  -9.379  -1.691  1.00 13.72 ? 111 TRP A CA  1 
ATOM   844  C  C   . TRP A 1 111 ? -3.548  -9.327  -3.133  1.00 13.52 ? 111 TRP A C   1 
ATOM   845  O  O   . TRP A 1 111 ? -3.776  -10.301 -3.873  1.00 15.34 ? 111 TRP A O   1 
ATOM   846  C  CB  . TRP A 1 111 ? -2.896  -10.274 -1.003  1.00 12.96 ? 111 TRP A CB  1 
ATOM   847  C  CG  . TRP A 1 111 ? -2.971  -10.235 0.510   1.00 12.99 ? 111 TRP A CG  1 
ATOM   848  C  CD1 . TRP A 1 111 ? -3.842  -10.944 1.353   1.00 14.49 ? 111 TRP A CD1 1 
ATOM   849  C  CD2 . TRP A 1 111 ? -2.198  -9.366  1.378   1.00 12.46 ? 111 TRP A CD2 1 
ATOM   850  N  NE1 . TRP A 1 111 ? -3.649  -10.564 2.685   1.00 13.02 ? 111 TRP A NE1 1 
ATOM   851  C  CE2 . TRP A 1 111 ? -2.665  -9.615  2.746   1.00 13.85 ? 111 TRP A CE2 1 
ATOM   852  C  CE3 . TRP A 1 111 ? -1.190  -8.405  1.152   1.00 12.62 ? 111 TRP A CE3 1 
ATOM   853  C  CZ2 . TRP A 1 111 ? -2.134  -8.956  3.835   1.00 13.14 ? 111 TRP A CZ2 1 
ATOM   854  C  CZ3 . TRP A 1 111 ? -0.677  -7.740  2.266   1.00 13.76 ? 111 TRP A CZ3 1 
ATOM   855  C  CH2 . TRP A 1 111 ? -1.134  -8.002  3.563   1.00 12.93 ? 111 TRP A CH2 1 
ATOM   856  N  N   . GLY A 1 112 ? -2.896  -8.233  -3.523  1.00 13.02 ? 112 GLY A N   1 
ATOM   857  C  CA  . GLY A 1 112 ? -2.230  -8.158  -4.842  1.00 13.69 ? 112 GLY A CA  1 
ATOM   858  C  C   . GLY A 1 112 ? -1.023  -9.061  -4.884  1.00 14.64 ? 112 GLY A C   1 
ATOM   859  O  O   . GLY A 1 112 ? -0.574  -9.550  -3.849  1.00 14.67 ? 112 GLY A O   1 
ATOM   860  N  N   . GLN A 1 113 ? -0.476  -9.223  -6.091  1.00 13.48 ? 113 GLN A N   1 
ATOM   861  C  CA  . GLN A 1 113 ? 0.806   -9.906  -6.283  1.00 14.98 ? 113 GLN A CA  1 
ATOM   862  C  C   . GLN A 1 113 ? 1.995   -9.084  -5.833  1.00 15.78 ? 113 GLN A C   1 
ATOM   863  O  O   . GLN A 1 113 ? 3.114   -9.651  -5.618  1.00 18.09 ? 113 GLN A O   1 
ATOM   864  C  CB  . GLN A 1 113 ? 1.021   -10.297 -7.752  1.00 17.59 ? 113 GLN A CB  1 
ATOM   865  C  CG  . GLN A 1 113 ? -0.067  -11.185 -8.358  1.00 21.11 ? 113 GLN A CG  1 
ATOM   866  C  CD  . GLN A 1 113 ? -0.203  -12.479 -7.597  1.00 24.21 ? 113 GLN A CD  1 
ATOM   867  O  OE1 . GLN A 1 113 ? 0.785   -13.203 -7.415  1.00 33.74 ? 113 GLN A OE1 1 
ATOM   868  N  NE2 . GLN A 1 113 ? -1.412  -12.812 -7.183  1.00 24.25 ? 113 GLN A NE2 1 
ATOM   869  N  N   . GLY A 1 114 ? 1.816   -7.760  -5.795  1.00 14.79 ? 114 GLY A N   1 
ATOM   870  C  CA  . GLY A 1 114 ? 2.891   -6.866  -5.272  1.00 15.76 ? 114 GLY A CA  1 
ATOM   871  C  C   . GLY A 1 114 ? 3.588   -6.182  -6.425  1.00 19.63 ? 114 GLY A C   1 
ATOM   872  O  O   . GLY A 1 114 ? 3.655   -6.730  -7.535  1.00 23.54 ? 114 GLY A O   1 
ATOM   873  N  N   . THR A 1 115 ? 4.186   -5.026  -6.144  1.00 17.41 ? 115 THR A N   1 
ATOM   874  C  CA  . THR A 1 115 ? 5.041   -4.320  -7.112  1.00 17.87 ? 115 THR A CA  1 
ATOM   875  C  C   . THR A 1 115 ? 6.372   -4.073  -6.418  1.00 17.38 ? 115 THR A C   1 
ATOM   876  O  O   . THR A 1 115 ? 6.404   -3.681  -5.258  1.00 16.91 ? 115 THR A O   1 
ATOM   877  C  CB  . THR A 1 115 ? 4.356   -3.013  -7.584  1.00 17.41 ? 115 THR A CB  1 
ATOM   878  O  OG1 . THR A 1 115 ? 5.131   -2.358  -8.625  1.00 23.60 ? 115 THR A OG1 1 
ATOM   879  C  CG2 . THR A 1 115 ? 4.081   -2.042  -6.482  1.00 21.51 ? 115 THR A CG2 1 
ATOM   880  N  N   . GLN A 1 116 ? 7.490   -4.400  -7.080  1.00 17.73 ? 116 GLN A N   1 
ATOM   881  C  CA  . GLN A 1 116 ? 8.795   -4.181  -6.443  1.00 16.91 ? 116 GLN A CA  1 
ATOM   882  C  C   . GLN A 1 116 ? 9.194   -2.711  -6.546  1.00 14.17 ? 116 GLN A C   1 
ATOM   883  O  O   . GLN A 1 116 ? 9.047   -2.075  -7.570  1.00 16.93 ? 116 GLN A O   1 
ATOM   884  C  CB  . GLN A 1 116 ? 9.906   -5.023  -7.089  1.00 22.60 ? 116 GLN A CB  1 
ATOM   885  C  CG  . GLN A 1 116 ? 11.318  -4.542  -6.723  1.00 37.78 ? 116 GLN A CG  1 
ATOM   886  C  CD  . GLN A 1 116 ? 11.934  -5.267  -5.527  1.00 42.53 ? 116 GLN A CD  1 
ATOM   887  O  OE1 . GLN A 1 116 ? 12.196  -6.466  -5.598  1.00 57.69 ? 116 GLN A OE1 1 
ATOM   888  N  NE2 . GLN A 1 116 ? 12.245  -4.527  -4.461  1.00 23.44 ? 116 GLN A NE2 1 
ATOM   889  N  N   . VAL A 1 117 ? 9.683   -2.175  -5.420  1.00 13.11 ? 117 VAL A N   1 
ATOM   890  C  CA  . VAL A 1 117 ? 10.266  -0.812  -5.325  1.00 14.00 ? 117 VAL A CA  1 
ATOM   891  C  C   . VAL A 1 117 ? 11.685  -0.942  -4.829  1.00 14.22 ? 117 VAL A C   1 
ATOM   892  O  O   . VAL A 1 117 ? 11.944  -1.559  -3.781  1.00 14.94 ? 117 VAL A O   1 
ATOM   893  C  CB  . VAL A 1 117 ? 9.449   0.048   -4.327  1.00 14.24 ? 117 VAL A CB  1 
ATOM   894  C  CG1 . VAL A 1 117 ? 10.144  1.387   -4.037  1.00 16.80 ? 117 VAL A CG1 1 
ATOM   895  C  CG2 . VAL A 1 117 ? 8.049   0.281   -4.893  1.00 14.74 ? 117 VAL A CG2 1 
ATOM   896  N  N   . THR A 1 118 ? 12.625  -0.408  -5.598  1.00 14.33 ? 118 THR A N   1 
ATOM   897  C  CA  . THR A 1 118 ? 14.027  -0.417  -5.200  1.00 12.95 ? 118 THR A CA  1 
ATOM   898  C  C   . THR A 1 118 ? 14.585  1.001   -5.190  1.00 13.64 ? 118 THR A C   1 
ATOM   899  O  O   . THR A 1 118 ? 14.498  1.725   -6.192  1.00 13.85 ? 118 THR A O   1 
ATOM   900  C  CB  . THR A 1 118 ? 14.851  -1.299  -6.157  1.00 14.51 ? 118 THR A CB  1 
ATOM   901  O  OG1 . THR A 1 118 ? 14.345  -2.643  -6.073  1.00 17.12 ? 118 THR A OG1 1 
ATOM   902  C  CG2 . THR A 1 118 ? 16.266  -1.320  -5.706  1.00 16.57 ? 118 THR A CG2 1 
ATOM   903  N  N   . VAL A 1 119 ? 15.104  1.429   -4.046  1.00 12.64 ? 119 VAL A N   1 
ATOM   904  C  CA  . VAL A 1 119 ? 15.643  2.778   -3.915  1.00 12.06 ? 119 VAL A CA  1 
ATOM   905  C  C   . VAL A 1 119 ? 17.156  2.694   -3.817  1.00 14.60 ? 119 VAL A C   1 
ATOM   906  O  O   . VAL A 1 119 ? 17.683  1.847   -3.096  1.00 17.85 ? 119 VAL A O   1 
ATOM   907  C  CB  . VAL A 1 119 ? 15.091  3.491   -2.668  1.00 12.93 ? 119 VAL A CB  1 
ATOM   908  C  CG1 . VAL A 1 119 ? 15.571  4.933   -2.627  1.00 15.70 ? 119 VAL A CG1 1 
ATOM   909  C  CG2 . VAL A 1 119 ? 13.571  3.428   -2.651  1.00 15.97 ? 119 VAL A CG2 1 
ATOM   910  N  N   . SER A 1 120 ? 17.864  3.554   -4.541  1.00 16.01 ? 120 SER A N   1 
ATOM   911  C  CA  . SER A 1 120 ? 19.304  3.425   -4.562  1.00 18.05 ? 120 SER A CA  1 
ATOM   912  C  C   . SER A 1 120 ? 19.935  3.855   -3.244  1.00 23.41 ? 120 SER A C   1 
ATOM   913  O  O   . SER A 1 120 ? 19.290  4.432   -2.370  1.00 22.84 ? 120 SER A O   1 
ATOM   914  C  CB  . SER A 1 120 ? 19.896  4.241   -5.715  1.00 21.99 ? 120 SER A CB  1 
ATOM   915  O  OG  . SER A 1 120 ? 19.828  5.630   -5.444  1.00 21.16 ? 120 SER A OG  1 
ATOM   916  N  N   . SER A 1 121 ? 21.218  3.580   -3.156  1.00 27.64 ? 121 SER A N   1 
ATOM   917  C  CA  . SER A 1 121 ? 22.085  4.401   -2.315  1.00 42.44 ? 121 SER A CA  1 
ATOM   918  C  C   . SER A 1 121 ? 22.858  5.411   -3.170  1.00 45.92 ? 121 SER A C   1 
ATOM   919  O  O   . SER A 1 121 ? 22.277  6.148   -3.997  1.00 35.01 ? 121 SER A O   1 
ATOM   920  C  CB  . SER A 1 121 ? 23.046  3.522   -1.515  1.00 51.78 ? 121 SER A CB  1 
ATOM   921  O  OG  . SER A 1 121 ? 23.704  2.586   -2.353  1.00 62.39 ? 121 SER A OG  1 
HETATM 922  NI NI  . NI  B 2 .   ? -13.510 -12.378 -0.312  1.00 24.50 ? 201 NI  A NI  1 
HETATM 923  S  S   . SO4 C 3 .   ? -9.390  -6.004  19.345  1.00 37.06 ? 202 SO4 A S   1 
HETATM 924  O  O1  . SO4 C 3 .   ? -8.882  -7.149  18.536  1.00 35.66 ? 202 SO4 A O1  1 
HETATM 925  O  O2  . SO4 C 3 .   ? -8.842  -4.665  18.978  1.00 39.62 ? 202 SO4 A O2  1 
HETATM 926  O  O3  . SO4 C 3 .   ? -10.869 -5.978  19.257  1.00 39.39 ? 202 SO4 A O3  1 
HETATM 927  O  O4  . SO4 C 3 .   ? -8.975  -6.297  20.752  1.00 45.95 ? 202 SO4 A O4  1 
HETATM 928  O  O   . HOH D 4 .   ? 10.908  13.172  -2.403  1.00 17.36 ? 301 HOH A O   1 
HETATM 929  O  O   . HOH D 4 .   ? 9.649   -6.232  5.453   1.00 25.35 ? 302 HOH A O   1 
HETATM 930  O  O   . HOH D 4 .   ? -1.883  9.381   -2.184  1.00 22.28 ? 303 HOH A O   1 
HETATM 931  O  O   . HOH D 4 .   ? -3.138  -1.758  12.948  1.00 23.57 ? 304 HOH A O   1 
HETATM 932  O  O   . HOH D 4 .   ? 0.325   -11.971 -2.736  1.00 26.74 ? 305 HOH A O   1 
HETATM 933  O  O   . HOH D 4 .   ? -2.777  -8.976  12.006  1.00 21.37 ? 306 HOH A O   1 
HETATM 934  O  O   . HOH D 4 .   ? -2.755  -0.266  -10.951 1.00 19.26 ? 307 HOH A O   1 
HETATM 935  O  O   . HOH D 4 .   ? -10.499 -9.529  4.222   1.00 19.82 ? 308 HOH A O   1 
HETATM 936  O  O   . HOH D 4 .   ? 3.515   11.765  0.591   1.00 24.08 ? 309 HOH A O   1 
HETATM 937  O  O   . HOH D 4 .   ? -7.359  -8.746  14.815  1.00 26.48 ? 310 HOH A O   1 
HETATM 938  O  O   . HOH D 4 .   ? 12.308  10.940  -7.567  1.00 19.95 ? 311 HOH A O   1 
HETATM 939  O  O   . HOH D 4 .   ? 0.674   5.287   -9.911  1.00 24.56 ? 312 HOH A O   1 
HETATM 940  O  O   . HOH D 4 .   ? -5.143  -2.043  14.639  1.00 23.59 ? 313 HOH A O   1 
HETATM 941  O  O   . HOH D 4 .   ? -1.568  -7.921  -8.411  1.00 16.56 ? 314 HOH A O   1 
HETATM 942  O  O   . HOH D 4 .   ? -5.521  -12.961 -1.608  1.00 20.38 ? 315 HOH A O   1 
HETATM 943  O  O   . HOH D 4 .   ? 8.829   -3.183  -10.132 1.00 27.64 ? 316 HOH A O   1 
HETATM 944  O  O   . HOH D 4 .   ? 11.276  -1.866  3.265   1.00 24.32 ? 317 HOH A O   1 
HETATM 945  O  O   . HOH D 4 .   ? -10.570 -0.508  -10.589 1.00 29.18 ? 318 HOH A O   1 
HETATM 946  O  O   . HOH D 4 .   ? 8.769   14.852  -3.273  1.00 27.41 ? 319 HOH A O   1 
HETATM 947  O  O   . HOH D 4 .   ? 5.423   11.108  -7.458  1.00 29.24 ? 320 HOH A O   1 
HETATM 948  O  O   . HOH D 4 .   ? -3.563  10.884  5.233   1.00 27.87 ? 321 HOH A O   1 
HETATM 949  O  O   . HOH D 4 .   ? 4.073   1.881   13.597  1.00 30.65 ? 322 HOH A O   1 
HETATM 950  O  O   . HOH D 4 .   ? 11.523  2.677   6.084   1.00 27.18 ? 323 HOH A O   1 
HETATM 951  O  O   . HOH D 4 .   ? -14.925 -1.861  8.378   1.00 27.03 ? 324 HOH A O   1 
HETATM 952  O  O   . HOH D 4 .   ? 10.262  -3.518  5.476   1.00 35.37 ? 325 HOH A O   1 
HETATM 953  O  O   . HOH D 4 .   ? -1.318  7.475   11.588  1.00 25.13 ? 326 HOH A O   1 
HETATM 954  O  O   A HOH D 4 .   ? 6.074   1.779   -13.015 0.25 15.79 ? 327 HOH A O   1 
HETATM 955  O  O   B HOH D 4 .   ? 3.906   0.638   -13.490 0.25 14.45 ? 327 HOH A O   1 
HETATM 956  O  O   C HOH D 4 .   ? 4.107   -0.756  -12.731 0.50 28.63 ? 327 HOH A O   1 
HETATM 957  O  O   . HOH D 4 .   ? -17.296 -3.726  8.588   1.00 31.22 ? 328 HOH A O   1 
HETATM 958  O  O   . HOH D 4 .   ? 8.918   8.676   7.997   1.00 26.87 ? 329 HOH A O   1 
HETATM 959  O  O   . HOH D 4 .   ? 13.794  4.753   -12.869 1.00 31.46 ? 330 HOH A O   1 
HETATM 960  O  O   . HOH D 4 .   ? -8.340  -12.663 11.223  1.00 41.36 ? 331 HOH A O   1 
HETATM 961  O  O   . HOH D 4 .   ? 6.951   -5.295  -9.996  1.00 36.46 ? 332 HOH A O   1 
HETATM 962  O  O   . HOH D 4 .   ? -3.199  4.611   -11.810 1.00 37.03 ? 333 HOH A O   1 
HETATM 963  O  O   . HOH D 4 .   ? 6.766   1.669   12.143  1.00 32.93 ? 334 HOH A O   1 
HETATM 964  O  O   . HOH D 4 .   ? -8.623  10.013  -0.610  1.00 26.16 ? 335 HOH A O   1 
HETATM 965  O  O   . HOH D 4 .   ? 0.700   -3.406  -13.154 1.00 31.85 ? 336 HOH A O   1 
HETATM 966  O  O   . HOH D 4 .   ? 3.676   14.572  -2.385  1.00 30.56 ? 337 HOH A O   1 
HETATM 967  O  O   . HOH D 4 .   ? -4.778  10.756  -4.970  1.00 30.93 ? 338 HOH A O   1 
HETATM 968  O  O   . HOH D 4 .   ? 1.381   -4.555  9.978   1.00 30.83 ? 339 HOH A O   1 
HETATM 969  O  O   . HOH D 4 .   ? 3.537   -9.703  9.361   1.00 36.29 ? 340 HOH A O   1 
HETATM 970  O  O   . HOH D 4 .   ? 0.812   3.525   -12.235 1.00 32.69 ? 341 HOH A O   1 
HETATM 971  O  O   . HOH D 4 .   ? 5.061   -11.586 7.714   1.00 30.33 ? 342 HOH A O   1 
HETATM 972  O  O   . HOH D 4 .   ? -6.598  -10.710 -4.707  1.00 30.08 ? 343 HOH A O   1 
HETATM 973  O  O   . HOH D 4 .   ? -3.078  -13.673 -3.200  1.00 37.59 ? 344 HOH A O   1 
HETATM 974  O  O   . HOH D 4 .   ? -8.406  3.046   16.177  1.00 35.88 ? 345 HOH A O   1 
HETATM 975  O  O   . HOH D 4 .   ? 5.371   5.925   -9.437  1.00 33.10 ? 346 HOH A O   1 
HETATM 976  O  O   . HOH D 4 .   ? 3.068   -1.464  10.666  1.00 34.80 ? 347 HOH A O   1 
HETATM 977  O  O   . HOH D 4 .   ? -13.272 -12.768 1.828   1.00 31.29 ? 348 HOH A O   1 
HETATM 978  O  O   . HOH D 4 .   ? -5.272  10.765  2.356   1.00 34.02 ? 349 HOH A O   1 
HETATM 979  O  O   . HOH D 4 .   ? 4.767   -3.805  -11.015 1.00 33.74 ? 350 HOH A O   1 
HETATM 980  O  O   . HOH D 4 .   ? 12.800  -6.218  -2.070  1.00 32.06 ? 351 HOH A O   1 
HETATM 981  O  O   . HOH D 4 .   ? 10.429  -12.156 3.760   1.00 32.17 ? 352 HOH A O   1 
HETATM 982  O  O   . HOH D 4 .   ? 15.607  -6.457  -1.590  1.00 36.57 ? 353 HOH A O   1 
HETATM 983  O  O   . HOH D 4 .   ? -9.841  -12.723 -3.865  1.00 39.08 ? 354 HOH A O   1 
HETATM 984  O  O   . HOH D 4 .   ? 10.943  -8.122  -1.991  1.00 37.08 ? 355 HOH A O   1 
HETATM 985  O  O   . HOH D 4 .   ? 0.656   -6.055  -9.378  1.00 32.91 ? 356 HOH A O   1 
HETATM 986  O  O   . HOH D 4 .   ? -3.537  9.978   9.806   1.00 43.13 ? 357 HOH A O   1 
HETATM 987  O  O   . HOH D 4 .   ? -15.102 -13.835 -0.498  1.00 30.12 ? 358 HOH A O   1 
HETATM 988  O  O   . HOH D 4 .   ? -5.130  -9.873  13.544  1.00 27.43 ? 359 HOH A O   1 
HETATM 989  O  O   . HOH D 4 .   ? -8.923  3.320   10.769  1.00 40.10 ? 360 HOH A O   1 
HETATM 990  O  O   . HOH D 4 .   ? 15.990  -4.837  -5.315  1.00 29.75 ? 361 HOH A O   1 
HETATM 991  O  O   . HOH D 4 .   ? -0.941  -11.399 7.067   1.00 30.77 ? 362 HOH A O   1 
HETATM 992  O  O   . HOH D 4 .   ? 5.602   -9.703  -6.567  1.00 37.08 ? 363 HOH A O   1 
HETATM 993  O  O   . HOH D 4 .   ? 8.539   14.566  2.142   1.00 43.54 ? 364 HOH A O   1 
HETATM 994  O  O   . HOH D 4 .   ? -0.635  10.721  -5.003  1.00 42.19 ? 365 HOH A O   1 
HETATM 995  O  O   . HOH D 4 .   ? 18.294  -2.028  0.115   1.00 40.56 ? 366 HOH A O   1 
HETATM 996  O  O   . HOH D 4 .   ? 8.069   -8.521  -5.965  1.00 42.65 ? 367 HOH A O   1 
HETATM 997  O  O   . HOH D 4 .   ? 1.134   -10.908 5.886   1.00 36.58 ? 368 HOH A O   1 
HETATM 998  O  O   . HOH D 4 .   ? 5.988   -0.950  11.123  1.00 47.13 ? 369 HOH A O   1 
HETATM 999  O  O   . HOH D 4 .   ? 0.663   12.399  4.714   1.00 38.61 ? 370 HOH A O   1 
HETATM 1000 O  O   . HOH D 4 .   ? 10.830  -8.615  10.451  1.00 40.11 ? 371 HOH A O   1 
HETATM 1001 O  O   . HOH D 4 .   ? -11.216 -10.396 8.375   1.00 30.59 ? 372 HOH A O   1 
HETATM 1002 O  O   . HOH D 4 .   ? -9.986  -14.426 -0.258  1.00 30.92 ? 373 HOH A O   1 
HETATM 1003 O  O   . HOH D 4 .   ? 8.572   7.962   13.342  1.00 40.18 ? 374 HOH A O   1 
HETATM 1004 O  O   . HOH D 4 .   ? 20.416  10.331  -3.787  1.00 35.85 ? 375 HOH A O   1 
HETATM 1005 O  O   . HOH D 4 .   ? -1.263  12.191  -1.915  1.00 37.50 ? 376 HOH A O   1 
HETATM 1006 O  O   . HOH D 4 .   ? -7.230  -1.301  17.376  1.00 44.87 ? 377 HOH A O   1 
HETATM 1007 O  O   . HOH D 4 .   ? -4.677  2.473   15.516  1.00 42.59 ? 378 HOH A O   1 
HETATM 1008 O  O   . HOH D 4 .   ? -15.182 0.874   8.368   1.00 32.76 ? 379 HOH A O   1 
HETATM 1009 O  O   . HOH D 4 .   ? 13.106  -13.830 2.186   1.00 54.72 ? 380 HOH A O   1 
HETATM 1010 O  O   . HOH D 4 .   ? 2.804   -12.577 9.057   1.00 53.29 ? 381 HOH A O   1 
HETATM 1011 O  O   . HOH D 4 .   ? -7.440  10.538  -5.959  1.00 40.17 ? 382 HOH A O   1 
HETATM 1012 O  O   . HOH D 4 .   ? -18.148 -5.620  -0.584  1.00 43.30 ? 383 HOH A O   1 
HETATM 1013 O  O   . HOH D 4 .   ? 5.711   14.487  1.432   1.00 41.90 ? 384 HOH A O   1 
HETATM 1014 O  O   . HOH D 4 .   ? 6.957   -11.594 -4.438  1.00 57.59 ? 385 HOH A O   1 
HETATM 1015 O  O   . HOH D 4 .   ? -8.144  -13.861 -2.326  1.00 35.35 ? 386 HOH A O   1 
HETATM 1016 O  O   . HOH D 4 .   ? -16.660 -8.049  -4.207  1.00 40.25 ? 387 HOH A O   1 
HETATM 1017 O  O   . HOH D 4 .   ? 14.734  -3.113  2.522   1.00 43.73 ? 388 HOH A O   1 
HETATM 1018 O  O   . HOH D 4 .   ? -7.524  9.647   10.241  1.00 51.50 ? 389 HOH A O   1 
HETATM 1019 O  O   . HOH D 4 .   ? 15.228  -4.439  4.763   1.00 49.37 ? 390 HOH A O   1 
HETATM 1020 O  O   . HOH D 4 .   ? 1.666   10.721  6.720   1.00 39.00 ? 391 HOH A O   1 
# 
